data_9JMZ
#
_entry.id   9JMZ
#
_cell.length_a   1.00
_cell.length_b   1.00
_cell.length_c   1.00
_cell.angle_alpha   90.00
_cell.angle_beta   90.00
_cell.angle_gamma   90.00
#
_symmetry.space_group_name_H-M   'P 1'
#
loop_
_entity.id
_entity.type
_entity.pdbx_description
1 polymer Hemagglutinin
2 branched 2-acetamido-2-deoxy-beta-D-glucopyranose-(1-4)-2-acetamido-2-deoxy-beta-D-glucopyranose
3 branched beta-D-galactopyranose-(1-4)-2-acetamido-2-deoxy-beta-D-glucopyranose
4 branched 'N-acetyl-alpha-neuraminic acid-(2-3)-beta-D-galactopyranose-(1-4)-2-acetamido-2-deoxy-beta-D-glucopyranose'
5 non-polymer 2-acetamido-2-deoxy-beta-D-glucopyranose
6 non-polymer 'N-acetyl-alpha-neuraminic acid'
#
_entity_poly.entity_id   1
_entity_poly.type   'polypeptide(L)'
_entity_poly.pdbx_seq_one_letter_code
;DQICIGYHANNSTEQVDTIMEKNVTVTHAQDILEKTHNGKLCDLNGVKPLILKDCSVAGWLLGNPMCDEFIRVPEWSYIV
ERANPANDLCYPGSLNDYEELKHMLSRINHFEKIQIIPKSSWPNHETSLGVSAACPYQGAPSFFRNVVWLIKKNDAYPTI
KISYNNTNREDLLILWGIHHSNNAEEQTNLYKNPITYISVGTSTLNQRLAPKIATRSQVNGQRGRMDFFWTILKPDDAIH
FESNGNFIAPEYAYKIVKKGDSTIMKSGVEYGHCNTKCQTPVGAINSSMPFHNIHPLTIGECPKYVKSNKLVLATGLRNS
PLREKRRKRGLFGAIAGFIEGGWQGMVDGWYGYHHSNEQGSGYAADKESTQKAIDGVTNKVNSIIDKMNTQFEAVGREFN
NLERRIENLNKKMEDGFLDVWTYNAELLVLMENERTLDFHDSNVKNLYDKVRLQLRDNAKELGNGCFEFYHKCDNECMES
VRNGTYDYPQYSEEARLKREEISGVK
;
_entity_poly.pdbx_strand_id   A,B,C
#
loop_
_chem_comp.id
_chem_comp.type
_chem_comp.name
_chem_comp.formula
GAL D-saccharide, beta linking beta-D-galactopyranose 'C6 H12 O6'
NAG D-saccharide, beta linking 2-acetamido-2-deoxy-beta-D-glucopyranose 'C8 H15 N O6'
SIA D-saccharide, alpha linking 'N-acetyl-alpha-neuraminic acid' 'C11 H19 N O9'
#
# COMPACT_ATOMS: atom_id res chain seq x y z
N ASP A 1 64.02 -16.05 4.08
CA ASP A 1 64.55 -15.16 5.12
C ASP A 1 63.43 -14.29 5.70
N GLN A 2 62.30 -14.24 5.00
CA GLN A 2 61.16 -13.47 5.47
C GLN A 2 59.88 -14.09 4.91
N ILE A 3 58.78 -13.84 5.62
CA ILE A 3 57.45 -14.31 5.22
C ILE A 3 56.50 -13.13 5.32
N CYS A 4 55.59 -13.02 4.35
CA CYS A 4 54.72 -11.86 4.23
C CYS A 4 53.29 -12.30 3.97
N ILE A 5 52.35 -11.43 4.30
CA ILE A 5 50.93 -11.67 4.12
C ILE A 5 50.37 -10.70 3.11
N GLY A 6 49.35 -11.13 2.39
CA GLY A 6 48.72 -10.30 1.38
C GLY A 6 47.43 -10.93 0.90
N TYR A 7 46.83 -10.29 -0.10
CA TYR A 7 45.56 -10.76 -0.66
C TYR A 7 45.58 -10.62 -2.17
N HIS A 8 44.64 -11.30 -2.81
CA HIS A 8 44.57 -11.32 -4.27
C HIS A 8 44.19 -9.95 -4.82
N ALA A 9 44.74 -9.61 -5.97
CA ALA A 9 44.42 -8.38 -6.68
C ALA A 9 44.46 -8.66 -8.17
N ASN A 10 43.74 -7.86 -8.93
CA ASN A 10 43.67 -8.12 -10.37
C ASN A 10 43.46 -6.80 -11.12
N ASN A 11 43.04 -6.92 -12.38
CA ASN A 11 42.90 -5.86 -13.36
C ASN A 11 41.45 -5.48 -13.67
N SER A 12 40.50 -5.87 -12.81
CA SER A 12 39.13 -5.44 -12.98
C SER A 12 38.97 -3.97 -12.65
N THR A 13 37.97 -3.33 -13.27
CA THR A 13 37.67 -1.92 -13.05
C THR A 13 36.23 -1.70 -12.58
N GLU A 14 35.59 -2.71 -12.00
CA GLU A 14 34.24 -2.54 -11.49
C GLU A 14 34.22 -1.59 -10.31
N GLN A 15 33.16 -0.80 -10.20
CA GLN A 15 33.02 0.19 -9.13
C GLN A 15 31.71 -0.01 -8.40
N VAL A 16 31.76 0.09 -7.07
CA VAL A 16 30.59 -0.02 -6.22
C VAL A 16 30.60 1.15 -5.25
N ASP A 17 29.43 1.40 -4.65
CA ASP A 17 29.26 2.49 -3.70
C ASP A 17 28.80 1.94 -2.36
N THR A 18 29.39 2.46 -1.29
CA THR A 18 29.03 2.12 0.07
C THR A 18 28.35 3.32 0.73
N ILE A 19 28.03 3.17 2.01
CA ILE A 19 27.41 4.26 2.76
C ILE A 19 28.36 5.43 2.91
N MET A 20 29.63 5.15 3.23
CA MET A 20 30.57 6.21 3.53
C MET A 20 31.43 6.65 2.34
N GLU A 21 31.57 5.83 1.31
CA GLU A 21 32.44 6.17 0.18
C GLU A 21 31.73 5.93 -1.15
N LYS A 22 32.26 6.58 -2.19
CA LYS A 22 31.74 6.52 -3.55
C LYS A 22 32.90 6.29 -4.51
N ASN A 23 32.63 5.69 -5.67
CA ASN A 23 33.69 5.22 -6.57
C ASN A 23 34.70 4.34 -5.84
N VAL A 24 34.23 3.18 -5.38
CA VAL A 24 35.10 2.19 -4.76
C VAL A 24 35.34 1.08 -5.77
N THR A 25 36.61 0.84 -6.12
CA THR A 25 36.95 -0.19 -7.08
C THR A 25 37.02 -1.54 -6.40
N VAL A 26 36.41 -2.56 -7.01
CA VAL A 26 36.35 -3.89 -6.44
C VAL A 26 36.80 -4.92 -7.47
N THR A 27 37.28 -6.07 -6.98
CA THR A 27 37.76 -7.10 -7.89
C THR A 27 36.60 -7.79 -8.61
N HIS A 28 35.56 -8.16 -7.87
CA HIS A 28 34.42 -8.86 -8.44
C HIS A 28 33.12 -8.22 -7.95
N ALA A 29 32.11 -8.23 -8.80
CA ALA A 29 30.82 -7.65 -8.47
C ALA A 29 29.72 -8.37 -9.22
N GLN A 30 28.51 -8.26 -8.70
CA GLN A 30 27.34 -8.90 -9.30
C GLN A 30 26.16 -7.95 -9.25
N ASP A 31 25.38 -7.93 -10.32
CA ASP A 31 24.20 -7.07 -10.42
C ASP A 31 22.93 -7.87 -10.11
N ILE A 32 21.98 -7.21 -9.45
CA ILE A 32 20.72 -7.85 -9.09
C ILE A 32 19.53 -7.11 -9.69
N LEU A 33 19.76 -6.35 -10.77
CA LEU A 33 18.70 -5.61 -11.45
C LEU A 33 18.59 -6.11 -12.88
N GLU A 34 17.36 -6.38 -13.32
CA GLU A 34 17.09 -6.88 -14.66
C GLU A 34 16.70 -5.72 -15.57
N LYS A 35 17.34 -5.64 -16.74
CA LYS A 35 17.11 -4.52 -17.65
C LYS A 35 16.98 -4.96 -19.10
N THR A 36 16.68 -6.22 -19.38
CA THR A 36 16.62 -6.73 -20.74
C THR A 36 15.32 -7.47 -20.97
N HIS A 37 14.86 -7.45 -22.22
CA HIS A 37 13.67 -8.17 -22.62
C HIS A 37 13.81 -8.55 -24.10
N ASN A 38 13.06 -9.57 -24.50
CA ASN A 38 13.12 -10.06 -25.87
C ASN A 38 12.36 -9.18 -26.84
N GLY A 39 11.47 -8.31 -26.36
CA GLY A 39 10.72 -7.43 -27.23
C GLY A 39 9.68 -8.12 -28.08
N LYS A 40 9.12 -9.23 -27.59
CA LYS A 40 8.13 -9.99 -28.33
C LYS A 40 6.98 -10.38 -27.41
N LEU A 41 5.84 -10.65 -28.00
CA LEU A 41 4.68 -11.18 -27.28
C LEU A 41 4.69 -12.70 -27.38
N CYS A 42 4.63 -13.36 -26.23
CA CYS A 42 4.80 -14.81 -26.16
C CYS A 42 3.77 -15.41 -25.20
N ASP A 43 3.59 -16.71 -25.32
CA ASP A 43 2.55 -17.42 -24.58
C ASP A 43 2.81 -17.38 -23.08
N LEU A 44 1.72 -17.46 -22.31
CA LEU A 44 1.78 -17.48 -20.86
C LEU A 44 1.43 -18.88 -20.37
N ASN A 45 2.43 -19.61 -19.88
CA ASN A 45 2.25 -20.97 -19.35
C ASN A 45 1.62 -21.90 -20.39
N GLY A 46 2.04 -21.75 -21.64
CA GLY A 46 1.57 -22.63 -22.70
C GLY A 46 0.20 -22.31 -23.24
N VAL A 47 -0.40 -21.19 -22.85
CA VAL A 47 -1.71 -20.78 -23.34
C VAL A 47 -1.53 -19.54 -24.20
N LYS A 48 -1.87 -19.67 -25.48
CA LYS A 48 -1.70 -18.56 -26.41
C LYS A 48 -2.72 -17.47 -26.10
N PRO A 49 -2.33 -16.21 -26.07
CA PRO A 49 -3.28 -15.13 -25.82
C PRO A 49 -4.17 -14.88 -27.03
N LEU A 50 -5.16 -14.02 -26.83
CA LEU A 50 -6.10 -13.64 -27.86
C LEU A 50 -5.70 -12.28 -28.43
N ILE A 51 -5.48 -12.22 -29.74
CA ILE A 51 -5.09 -11.00 -30.42
C ILE A 51 -6.24 -10.57 -31.32
N LEU A 52 -6.79 -9.38 -31.06
CA LEU A 52 -7.96 -8.90 -31.77
C LEU A 52 -7.62 -8.04 -32.99
N LYS A 53 -6.34 -7.74 -33.21
CA LYS A 53 -5.87 -6.93 -34.33
C LYS A 53 -6.56 -5.57 -34.26
N ASP A 54 -7.37 -5.18 -35.25
CA ASP A 54 -7.93 -3.84 -35.31
C ASP A 54 -9.40 -3.79 -34.88
N CYS A 55 -9.90 -4.84 -34.25
CA CYS A 55 -11.29 -4.91 -33.81
C CYS A 55 -11.35 -4.82 -32.29
N SER A 56 -12.31 -4.06 -31.79
CA SER A 56 -12.51 -3.94 -30.35
C SER A 56 -13.31 -5.13 -29.83
N VAL A 57 -13.43 -5.20 -28.50
CA VAL A 57 -14.14 -6.31 -27.87
C VAL A 57 -15.61 -6.30 -28.26
N ALA A 58 -16.24 -5.12 -28.20
CA ALA A 58 -17.66 -5.03 -28.53
C ALA A 58 -17.92 -5.41 -29.98
N GLY A 59 -17.08 -4.93 -30.90
CA GLY A 59 -17.25 -5.28 -32.30
C GLY A 59 -17.05 -6.76 -32.55
N TRP A 60 -16.06 -7.36 -31.88
CA TRP A 60 -15.82 -8.79 -32.03
C TRP A 60 -17.00 -9.60 -31.50
N LEU A 61 -17.56 -9.21 -30.36
CA LEU A 61 -18.68 -9.94 -29.79
C LEU A 61 -19.93 -9.80 -30.64
N LEU A 62 -20.28 -8.56 -31.02
CA LEU A 62 -21.52 -8.34 -31.75
C LEU A 62 -21.44 -8.81 -33.20
N GLY A 63 -20.24 -9.01 -33.73
CA GLY A 63 -20.11 -9.49 -35.11
C GLY A 63 -20.09 -8.36 -36.11
N ASN A 64 -19.15 -7.44 -35.96
CA ASN A 64 -19.02 -6.34 -36.91
C ASN A 64 -18.70 -6.88 -38.30
N PRO A 65 -19.34 -6.37 -39.35
CA PRO A 65 -19.08 -6.91 -40.70
C PRO A 65 -17.64 -6.79 -41.15
N MET A 66 -16.92 -5.75 -40.71
CA MET A 66 -15.52 -5.57 -41.08
C MET A 66 -14.56 -6.28 -40.14
N CYS A 67 -15.04 -7.29 -39.41
CA CYS A 67 -14.21 -8.12 -38.54
C CYS A 67 -14.43 -9.59 -38.89
N ASP A 68 -14.34 -9.91 -40.19
CA ASP A 68 -14.65 -11.22 -40.71
C ASP A 68 -13.69 -12.32 -40.25
N GLU A 69 -12.69 -12.00 -39.44
CA GLU A 69 -11.74 -13.00 -38.96
C GLU A 69 -12.44 -13.86 -37.91
N PHE A 70 -13.20 -14.85 -38.39
CA PHE A 70 -13.91 -15.76 -37.52
C PHE A 70 -13.02 -16.94 -37.13
N ILE A 71 -11.83 -16.66 -36.61
CA ILE A 71 -10.96 -17.71 -36.12
C ILE A 71 -11.40 -18.10 -34.71
N ARG A 72 -11.32 -19.38 -34.41
CA ARG A 72 -11.82 -19.92 -33.15
C ARG A 72 -10.65 -20.30 -32.25
N VAL A 73 -10.59 -19.69 -31.09
CA VAL A 73 -9.61 -20.01 -30.05
C VAL A 73 -10.38 -20.47 -28.82
N PRO A 74 -10.42 -21.78 -28.57
CA PRO A 74 -11.23 -22.27 -27.44
C PRO A 74 -10.80 -21.73 -26.09
N GLU A 75 -9.53 -21.44 -25.89
CA GLU A 75 -9.03 -20.99 -24.59
C GLU A 75 -7.90 -19.98 -24.80
N TRP A 76 -7.93 -18.92 -24.02
CA TRP A 76 -6.91 -17.87 -24.09
C TRP A 76 -6.54 -17.46 -22.68
N SER A 77 -5.34 -16.86 -22.56
CA SER A 77 -4.82 -16.41 -21.27
C SER A 77 -5.03 -14.93 -21.02
N TYR A 78 -4.88 -14.09 -22.04
CA TYR A 78 -5.12 -12.66 -21.90
C TYR A 78 -5.42 -12.08 -23.28
N ILE A 79 -5.92 -10.84 -23.28
CA ILE A 79 -6.38 -10.17 -24.50
C ILE A 79 -5.41 -9.06 -24.84
N VAL A 80 -5.01 -8.99 -26.11
CA VAL A 80 -4.16 -7.93 -26.62
C VAL A 80 -5.01 -7.06 -27.55
N GLU A 81 -5.03 -5.76 -27.26
CA GLU A 81 -5.86 -4.81 -28.01
C GLU A 81 -5.06 -3.55 -28.27
N ARG A 82 -5.27 -2.96 -29.45
CA ARG A 82 -4.58 -1.73 -29.80
C ARG A 82 -5.10 -0.56 -28.96
N ALA A 83 -4.30 0.51 -28.91
CA ALA A 83 -4.67 1.67 -28.12
C ALA A 83 -5.94 2.33 -28.64
N ASN A 84 -6.06 2.48 -29.96
CA ASN A 84 -7.21 3.11 -30.59
C ASN A 84 -7.76 2.18 -31.66
N PRO A 85 -8.62 1.22 -31.29
CA PRO A 85 -9.22 0.35 -32.30
C PRO A 85 -10.05 1.17 -33.28
N ALA A 86 -9.99 0.76 -34.54
CA ALA A 86 -10.70 1.47 -35.61
C ALA A 86 -12.13 0.98 -35.75
N ASN A 87 -12.32 -0.35 -35.80
CA ASN A 87 -13.63 -0.94 -36.04
C ASN A 87 -14.23 -1.35 -34.69
N ASP A 88 -15.05 -0.48 -34.12
CA ASP A 88 -15.66 -0.72 -32.82
C ASP A 88 -17.18 -0.89 -32.92
N LEU A 89 -17.87 0.12 -33.46
CA LEU A 89 -19.33 0.06 -33.58
C LEU A 89 -19.72 0.84 -34.83
N CYS A 90 -20.10 0.12 -35.89
CA CYS A 90 -20.48 0.79 -37.13
C CYS A 90 -21.70 1.68 -36.94
N TYR A 91 -22.69 1.19 -36.22
CA TYR A 91 -23.85 2.01 -35.89
C TYR A 91 -23.62 2.71 -34.56
N PRO A 92 -23.85 4.02 -34.47
CA PRO A 92 -23.61 4.74 -33.21
C PRO A 92 -24.48 4.21 -32.09
N GLY A 93 -23.91 4.19 -30.89
CA GLY A 93 -24.63 3.68 -29.73
C GLY A 93 -23.70 3.44 -28.56
N SER A 94 -24.11 2.54 -27.68
CA SER A 94 -23.32 2.22 -26.50
C SER A 94 -23.68 0.82 -26.02
N LEU A 95 -22.81 0.27 -25.19
CA LEU A 95 -23.01 -1.04 -24.57
C LEU A 95 -23.01 -0.88 -23.06
N ASN A 96 -24.05 -1.37 -22.41
CA ASN A 96 -24.19 -1.23 -20.97
C ASN A 96 -23.18 -2.10 -20.24
N ASP A 97 -22.58 -1.54 -19.18
CA ASP A 97 -21.63 -2.25 -18.33
C ASP A 97 -20.47 -2.82 -19.16
N TYR A 98 -19.91 -1.97 -20.01
CA TYR A 98 -18.85 -2.41 -20.91
C TYR A 98 -17.60 -2.84 -20.15
N GLU A 99 -17.20 -2.07 -19.13
CA GLU A 99 -15.97 -2.37 -18.42
C GLU A 99 -16.06 -3.68 -17.64
N GLU A 100 -17.20 -3.93 -17.00
CA GLU A 100 -17.37 -5.19 -16.29
C GLU A 100 -17.34 -6.37 -17.24
N LEU A 101 -17.99 -6.24 -18.39
CA LEU A 101 -17.94 -7.31 -19.39
C LEU A 101 -16.53 -7.55 -19.89
N LYS A 102 -15.77 -6.48 -20.13
CA LYS A 102 -14.39 -6.63 -20.56
C LYS A 102 -13.55 -7.33 -19.50
N HIS A 103 -13.74 -6.96 -18.23
CA HIS A 103 -13.01 -7.61 -17.16
C HIS A 103 -13.37 -9.09 -17.06
N MET A 104 -14.65 -9.42 -17.19
CA MET A 104 -15.06 -10.81 -17.12
C MET A 104 -14.62 -11.61 -18.35
N LEU A 105 -14.39 -10.94 -19.47
CA LEU A 105 -13.94 -11.60 -20.69
C LEU A 105 -12.43 -11.78 -20.73
N SER A 106 -11.78 -11.81 -19.57
CA SER A 106 -10.37 -12.17 -19.46
C SER A 106 -10.25 -13.68 -19.56
N ARG A 107 -9.12 -14.23 -19.12
CA ARG A 107 -8.79 -15.66 -19.27
C ARG A 107 -10.03 -16.55 -19.10
N ILE A 108 -10.32 -17.33 -20.13
CA ILE A 108 -11.52 -18.15 -20.19
C ILE A 108 -11.10 -19.58 -20.53
N ASN A 109 -11.64 -20.55 -19.78
CA ASN A 109 -11.26 -21.94 -19.98
C ASN A 109 -11.88 -22.52 -21.25
N HIS A 110 -13.14 -22.20 -21.54
CA HIS A 110 -13.83 -22.78 -22.69
C HIS A 110 -14.76 -21.74 -23.29
N PHE A 111 -14.81 -21.71 -24.62
CA PHE A 111 -15.60 -20.72 -25.34
C PHE A 111 -16.07 -21.32 -26.66
N GLU A 112 -17.36 -21.15 -26.96
CA GLU A 112 -17.93 -21.68 -28.18
C GLU A 112 -19.22 -20.94 -28.50
N LYS A 113 -19.46 -20.71 -29.79
CA LYS A 113 -20.64 -19.99 -30.26
C LYS A 113 -21.66 -20.99 -30.80
N ILE A 114 -22.91 -20.86 -30.35
CA ILE A 114 -23.99 -21.72 -30.80
C ILE A 114 -25.19 -20.85 -31.20
N GLN A 115 -26.08 -21.45 -31.99
CA GLN A 115 -27.29 -20.79 -32.44
C GLN A 115 -28.45 -21.21 -31.54
N ILE A 116 -29.21 -20.22 -31.07
CA ILE A 116 -30.32 -20.49 -30.17
C ILE A 116 -31.68 -20.13 -30.78
N ILE A 117 -31.74 -19.15 -31.69
CA ILE A 117 -32.99 -18.75 -32.32
C ILE A 117 -32.77 -18.64 -33.83
N PRO A 118 -33.24 -19.61 -34.62
CA PRO A 118 -33.09 -19.51 -36.07
C PRO A 118 -33.97 -18.42 -36.64
N LYS A 119 -33.56 -17.93 -37.83
CA LYS A 119 -34.30 -16.87 -38.50
C LYS A 119 -35.72 -17.31 -38.90
N SER A 120 -35.96 -18.62 -39.00
CA SER A 120 -37.29 -19.11 -39.36
C SER A 120 -38.32 -18.90 -38.26
N SER A 121 -37.89 -18.52 -37.05
CA SER A 121 -38.78 -18.34 -35.92
C SER A 121 -39.56 -17.02 -35.99
N TRP A 122 -39.49 -16.29 -37.10
CA TRP A 122 -40.19 -15.02 -37.25
C TRP A 122 -41.00 -15.07 -38.55
N PRO A 123 -42.15 -15.75 -38.53
CA PRO A 123 -42.96 -15.85 -39.76
C PRO A 123 -43.75 -14.58 -40.06
N ASN A 124 -44.08 -13.82 -39.02
CA ASN A 124 -44.94 -12.65 -39.15
C ASN A 124 -44.17 -11.34 -39.14
N HIS A 125 -42.84 -11.39 -39.26
CA HIS A 125 -42.02 -10.19 -39.27
C HIS A 125 -40.98 -10.28 -40.39
N GLU A 126 -40.54 -9.12 -40.86
CA GLU A 126 -39.55 -9.04 -41.92
C GLU A 126 -38.16 -9.08 -41.33
N THR A 127 -37.30 -9.95 -41.85
CA THR A 127 -35.96 -10.14 -41.35
C THR A 127 -34.88 -9.88 -42.40
N SER A 128 -35.25 -9.30 -43.54
CA SER A 128 -34.30 -9.09 -44.63
C SER A 128 -34.01 -7.62 -44.91
N LEU A 129 -34.81 -6.69 -44.38
CA LEU A 129 -34.63 -5.27 -44.65
C LEU A 129 -33.81 -4.56 -43.57
N GLY A 130 -33.36 -5.27 -42.54
CA GLY A 130 -32.61 -4.64 -41.47
C GLY A 130 -31.17 -4.37 -41.81
N VAL A 131 -30.93 -3.44 -42.72
CA VAL A 131 -29.59 -3.07 -43.14
C VAL A 131 -29.44 -1.55 -43.06
N SER A 132 -28.18 -1.10 -42.99
CA SER A 132 -27.89 0.31 -42.89
C SER A 132 -26.60 0.60 -43.65
N ALA A 133 -26.47 1.84 -44.11
CA ALA A 133 -25.26 2.27 -44.80
C ALA A 133 -24.10 2.52 -43.85
N ALA A 134 -24.38 2.66 -42.55
CA ALA A 134 -23.33 2.88 -41.57
C ALA A 134 -22.49 1.64 -41.30
N CYS A 135 -22.92 0.47 -41.80
CA CYS A 135 -22.19 -0.78 -41.64
C CYS A 135 -21.99 -1.40 -43.02
N PRO A 136 -21.08 -0.85 -43.82
CA PRO A 136 -20.89 -1.36 -45.17
C PRO A 136 -20.21 -2.71 -45.16
N TYR A 137 -20.38 -3.45 -46.26
CA TYR A 137 -19.70 -4.73 -46.45
C TYR A 137 -19.59 -4.98 -47.95
N GLN A 138 -18.36 -4.88 -48.47
CA GLN A 138 -18.10 -5.03 -49.91
C GLN A 138 -18.91 -4.02 -50.71
N GLY A 139 -19.04 -2.81 -50.20
CA GLY A 139 -19.77 -1.76 -50.88
C GLY A 139 -21.28 -1.89 -50.82
N ALA A 140 -21.81 -2.63 -49.85
CA ALA A 140 -23.24 -2.80 -49.71
C ALA A 140 -23.64 -2.63 -48.25
N PRO A 141 -24.85 -2.13 -47.99
CA PRO A 141 -25.32 -2.02 -46.61
C PRO A 141 -25.45 -3.37 -45.95
N SER A 142 -25.14 -3.42 -44.66
CA SER A 142 -25.18 -4.66 -43.89
C SER A 142 -25.49 -4.31 -42.44
N PHE A 143 -25.29 -5.28 -41.56
CA PHE A 143 -25.58 -5.12 -40.14
C PHE A 143 -24.74 -6.14 -39.36
N PHE A 144 -24.91 -6.14 -38.05
CA PHE A 144 -24.22 -7.11 -37.21
C PHE A 144 -24.67 -8.52 -37.55
N ARG A 145 -23.74 -9.48 -37.45
CA ARG A 145 -24.01 -10.85 -37.84
C ARG A 145 -24.58 -11.69 -36.70
N ASN A 146 -24.64 -11.18 -35.48
CA ASN A 146 -25.10 -11.94 -34.34
C ASN A 146 -26.48 -11.53 -33.84
N VAL A 147 -27.07 -10.46 -34.39
CA VAL A 147 -28.38 -9.99 -33.99
C VAL A 147 -29.22 -9.73 -35.23
N VAL A 148 -30.53 -9.66 -35.03
CA VAL A 148 -31.48 -9.48 -36.11
C VAL A 148 -32.29 -8.22 -35.85
N TRP A 149 -32.42 -7.38 -36.86
CA TRP A 149 -33.20 -6.15 -36.77
C TRP A 149 -34.57 -6.42 -37.40
N LEU A 150 -35.61 -6.46 -36.58
CA LEU A 150 -36.94 -6.81 -37.03
C LEU A 150 -37.69 -5.56 -37.50
N ILE A 151 -38.38 -5.70 -38.63
CA ILE A 151 -39.15 -4.62 -39.23
C ILE A 151 -40.57 -5.13 -39.46
N LYS A 152 -41.51 -4.18 -39.56
CA LYS A 152 -42.90 -4.54 -39.76
C LYS A 152 -43.09 -5.24 -41.11
N LYS A 153 -44.09 -6.12 -41.16
CA LYS A 153 -44.41 -6.88 -42.36
C LYS A 153 -45.89 -6.72 -42.68
N ASN A 154 -46.20 -6.45 -43.94
CA ASN A 154 -47.58 -6.24 -44.40
C ASN A 154 -48.27 -5.14 -43.59
N ASP A 155 -47.51 -4.09 -43.26
CA ASP A 155 -48.03 -2.95 -42.50
C ASP A 155 -48.64 -3.40 -41.18
N ALA A 156 -47.99 -4.35 -40.51
CA ALA A 156 -48.46 -4.83 -39.23
C ALA A 156 -47.27 -5.30 -38.40
N TYR A 157 -47.35 -5.10 -37.09
CA TYR A 157 -46.31 -5.52 -36.15
C TYR A 157 -46.96 -6.27 -35.00
N PRO A 158 -47.21 -7.57 -35.16
CA PRO A 158 -47.82 -8.34 -34.07
C PRO A 158 -46.89 -8.42 -32.86
N THR A 159 -47.50 -8.53 -31.69
CA THR A 159 -46.73 -8.62 -30.45
C THR A 159 -45.90 -9.91 -30.45
N ILE A 160 -44.71 -9.82 -29.87
CA ILE A 160 -43.75 -10.92 -29.88
C ILE A 160 -43.64 -11.49 -28.47
N LYS A 161 -43.80 -12.80 -28.36
CA LYS A 161 -43.61 -13.52 -27.10
C LYS A 161 -42.80 -14.78 -27.38
N ILE A 162 -41.71 -14.97 -26.65
CA ILE A 162 -40.82 -16.10 -26.87
C ILE A 162 -40.04 -16.39 -25.59
N SER A 163 -39.65 -17.64 -25.42
CA SER A 163 -38.84 -18.07 -24.28
C SER A 163 -37.82 -19.10 -24.74
N TYR A 164 -36.74 -19.24 -23.99
CA TYR A 164 -35.67 -20.17 -24.36
C TYR A 164 -35.21 -20.91 -23.12
N ASN A 165 -35.36 -22.23 -23.14
CA ASN A 165 -35.09 -23.04 -21.96
C ASN A 165 -33.71 -23.70 -22.10
N ASN A 166 -32.82 -23.40 -21.15
CA ASN A 166 -31.39 -23.65 -21.32
C ASN A 166 -31.09 -25.12 -21.04
N THR A 167 -30.96 -25.90 -22.11
CA THR A 167 -30.71 -27.34 -22.03
C THR A 167 -29.23 -27.69 -21.98
N ASN A 168 -28.33 -26.74 -22.25
CA ASN A 168 -26.91 -27.04 -22.18
C ASN A 168 -26.47 -27.18 -20.73
N ARG A 169 -25.24 -27.66 -20.55
CA ARG A 169 -24.69 -27.92 -19.22
C ARG A 169 -23.68 -26.85 -18.80
N GLU A 170 -23.71 -25.68 -19.44
CA GLU A 170 -22.77 -24.61 -19.14
C GLU A 170 -23.50 -23.28 -19.21
N ASP A 171 -22.85 -22.25 -18.64
CA ASP A 171 -23.42 -20.91 -18.66
C ASP A 171 -23.50 -20.37 -20.07
N LEU A 172 -24.47 -19.49 -20.30
CA LEU A 172 -24.72 -18.92 -21.61
C LEU A 172 -24.69 -17.40 -21.54
N LEU A 173 -24.12 -16.79 -22.58
CA LEU A 173 -24.04 -15.34 -22.69
C LEU A 173 -24.95 -14.89 -23.83
N ILE A 174 -25.87 -13.98 -23.53
CA ILE A 174 -26.87 -13.53 -24.48
C ILE A 174 -26.84 -12.00 -24.53
N LEU A 175 -27.02 -11.45 -25.73
CA LEU A 175 -27.03 -10.01 -25.93
C LEU A 175 -28.25 -9.60 -26.74
N TRP A 176 -28.79 -8.43 -26.43
CA TRP A 176 -29.94 -7.89 -27.16
C TRP A 176 -29.87 -6.38 -27.09
N GLY A 177 -30.66 -5.73 -27.96
CA GLY A 177 -30.60 -4.28 -28.05
C GLY A 177 -31.95 -3.66 -28.38
N ILE A 178 -32.00 -2.34 -28.24
CA ILE A 178 -33.17 -1.54 -28.53
C ILE A 178 -32.74 -0.35 -29.39
N HIS A 179 -33.59 0.01 -30.35
CA HIS A 179 -33.29 1.07 -31.30
C HIS A 179 -34.10 2.31 -30.97
N HIS A 180 -33.44 3.47 -30.99
CA HIS A 180 -34.10 4.75 -30.80
C HIS A 180 -34.35 5.41 -32.15
N SER A 181 -35.57 5.85 -32.39
CA SER A 181 -35.92 6.50 -33.64
C SER A 181 -35.59 7.98 -33.58
N ASN A 182 -35.99 8.72 -34.61
CA ASN A 182 -35.72 10.15 -34.72
C ASN A 182 -36.96 11.01 -34.59
N ASN A 183 -38.09 10.58 -35.15
CA ASN A 183 -39.33 11.35 -35.11
C ASN A 183 -40.51 10.40 -35.23
N ALA A 184 -41.71 10.97 -35.10
CA ALA A 184 -42.92 10.14 -35.15
C ALA A 184 -43.11 9.51 -36.51
N GLU A 185 -42.81 10.24 -37.58
CA GLU A 185 -43.00 9.69 -38.93
C GLU A 185 -42.11 8.48 -39.16
N GLU A 186 -40.85 8.56 -38.74
CA GLU A 186 -39.93 7.43 -38.89
C GLU A 186 -40.41 6.23 -38.07
N GLN A 187 -40.88 6.47 -36.84
CA GLN A 187 -41.37 5.39 -36.00
C GLN A 187 -42.59 4.72 -36.64
N THR A 188 -43.50 5.51 -37.19
CA THR A 188 -44.66 4.93 -37.87
C THR A 188 -44.24 4.14 -39.10
N ASN A 189 -43.28 4.66 -39.87
CA ASN A 189 -42.83 3.96 -41.08
C ASN A 189 -42.12 2.66 -40.74
N LEU A 190 -41.48 2.59 -39.57
CA LEU A 190 -40.70 1.39 -39.24
C LEU A 190 -41.48 0.35 -38.46
N TYR A 191 -42.35 0.77 -37.53
CA TYR A 191 -43.00 -0.18 -36.64
C TYR A 191 -44.51 -0.05 -36.55
N LYS A 192 -45.10 1.03 -37.07
CA LYS A 192 -46.55 1.19 -37.17
C LYS A 192 -47.21 1.37 -35.80
N ASN A 193 -46.42 1.29 -34.73
CA ASN A 193 -46.94 1.44 -33.38
C ASN A 193 -46.41 2.71 -32.75
N PRO A 194 -47.25 3.70 -32.45
CA PRO A 194 -46.74 4.95 -31.87
C PRO A 194 -46.03 4.77 -30.54
N ILE A 195 -46.49 3.85 -29.70
CA ILE A 195 -45.92 3.59 -28.39
C ILE A 195 -45.49 2.14 -28.31
N THR A 196 -44.26 1.90 -27.90
CA THR A 196 -43.69 0.56 -27.83
C THR A 196 -42.96 0.37 -26.52
N TYR A 197 -42.68 -0.90 -26.20
CA TYR A 197 -41.99 -1.25 -24.97
C TYR A 197 -41.27 -2.58 -25.18
N ILE A 198 -40.30 -2.84 -24.31
CA ILE A 198 -39.55 -4.08 -24.31
C ILE A 198 -39.50 -4.62 -22.89
N SER A 199 -39.82 -5.91 -22.73
CA SER A 199 -39.83 -6.56 -21.43
C SER A 199 -38.96 -7.80 -21.48
N VAL A 200 -38.00 -7.90 -20.57
CA VAL A 200 -37.11 -9.05 -20.47
C VAL A 200 -37.12 -9.54 -19.03
N GLY A 201 -37.31 -10.85 -18.83
CA GLY A 201 -37.38 -11.39 -17.49
C GLY A 201 -36.77 -12.76 -17.33
N THR A 202 -35.90 -12.90 -16.33
CA THR A 202 -35.34 -14.19 -15.96
C THR A 202 -35.58 -14.44 -14.47
N SER A 203 -34.95 -15.47 -13.91
CA SER A 203 -35.11 -15.74 -12.49
C SER A 203 -34.53 -14.61 -11.64
N THR A 204 -33.53 -13.89 -12.17
CA THR A 204 -32.90 -12.80 -11.42
C THR A 204 -32.91 -11.47 -12.17
N LEU A 205 -33.45 -11.42 -13.38
CA LEU A 205 -33.47 -10.21 -14.18
C LEU A 205 -34.91 -9.73 -14.37
N ASN A 206 -35.11 -8.42 -14.24
CA ASN A 206 -36.43 -7.81 -14.41
C ASN A 206 -36.21 -6.41 -14.99
N GLN A 207 -36.34 -6.31 -16.31
CA GLN A 207 -36.03 -5.08 -17.02
C GLN A 207 -37.19 -4.69 -17.93
N ARG A 208 -37.47 -3.38 -17.99
CA ARG A 208 -38.44 -2.82 -18.90
C ARG A 208 -37.86 -1.54 -19.50
N LEU A 209 -38.00 -1.39 -20.81
CA LEU A 209 -37.41 -0.27 -21.54
C LEU A 209 -38.43 0.34 -22.48
N ALA A 210 -38.24 1.63 -22.77
CA ALA A 210 -39.07 2.36 -23.71
C ALA A 210 -38.18 3.22 -24.61
N PRO A 211 -38.53 3.36 -25.88
CA PRO A 211 -37.72 4.19 -26.78
C PRO A 211 -37.78 5.66 -26.40
N LYS A 212 -36.71 6.37 -26.70
CA LYS A 212 -36.60 7.81 -26.48
C LYS A 212 -36.46 8.49 -27.82
N ILE A 213 -37.49 9.23 -28.23
CA ILE A 213 -37.52 9.90 -29.52
C ILE A 213 -37.16 11.37 -29.31
N ALA A 214 -36.06 11.79 -29.92
CA ALA A 214 -35.58 13.16 -29.80
C ALA A 214 -34.64 13.46 -30.95
N THR A 215 -34.18 14.71 -31.01
CA THR A 215 -33.24 15.14 -32.04
C THR A 215 -31.82 15.11 -31.48
N ARG A 216 -30.92 14.47 -32.22
CA ARG A 216 -29.54 14.30 -31.79
C ARG A 216 -28.61 14.71 -32.92
N SER A 217 -27.31 14.78 -32.60
CA SER A 217 -26.31 15.14 -33.58
C SER A 217 -26.09 13.98 -34.56
N GLN A 218 -25.47 14.31 -35.69
CA GLN A 218 -25.22 13.34 -36.74
C GLN A 218 -23.85 12.70 -36.54
N VAL A 219 -23.85 11.38 -36.35
CA VAL A 219 -22.62 10.60 -36.21
C VAL A 219 -22.64 9.50 -37.26
N ASN A 220 -21.59 9.45 -38.08
CA ASN A 220 -21.49 8.50 -39.18
C ASN A 220 -22.68 8.59 -40.14
N GLY A 221 -23.26 9.78 -40.26
CA GLY A 221 -24.40 9.98 -41.13
C GLY A 221 -25.73 9.49 -40.60
N GLN A 222 -25.78 9.04 -39.35
CA GLN A 222 -27.01 8.52 -38.75
C GLN A 222 -27.32 9.30 -37.48
N ARG A 223 -28.59 9.66 -37.32
CA ARG A 223 -29.04 10.37 -36.13
C ARG A 223 -29.66 9.43 -35.10
N GLY A 224 -29.81 8.15 -35.41
CA GLY A 224 -30.36 7.21 -34.45
C GLY A 224 -29.32 6.67 -33.49
N ARG A 225 -29.78 5.90 -32.52
CA ARG A 225 -28.92 5.30 -31.51
C ARG A 225 -29.37 3.87 -31.24
N MET A 226 -28.44 3.07 -30.74
CA MET A 226 -28.71 1.67 -30.42
C MET A 226 -28.01 1.33 -29.11
N ASP A 227 -28.78 0.85 -28.13
CA ASP A 227 -28.25 0.46 -26.83
C ASP A 227 -28.38 -1.04 -26.66
N PHE A 228 -27.30 -1.69 -26.25
CA PHE A 228 -27.25 -3.14 -26.11
C PHE A 228 -27.06 -3.53 -24.65
N PHE A 229 -27.54 -4.74 -24.31
CA PHE A 229 -27.45 -5.27 -22.96
C PHE A 229 -26.99 -6.71 -23.03
N TRP A 230 -26.55 -7.22 -21.88
CA TRP A 230 -26.05 -8.59 -21.79
C TRP A 230 -26.40 -9.18 -20.44
N THR A 231 -26.40 -10.51 -20.38
CA THR A 231 -26.70 -11.22 -19.15
C THR A 231 -26.11 -12.63 -19.23
N ILE A 232 -26.06 -13.29 -18.08
CA ILE A 232 -25.56 -14.64 -17.96
C ILE A 232 -26.71 -15.56 -17.57
N LEU A 233 -26.89 -16.64 -18.33
CA LEU A 233 -27.99 -17.57 -18.11
C LEU A 233 -27.47 -18.82 -17.41
N LYS A 234 -28.18 -19.23 -16.36
CA LYS A 234 -27.77 -20.39 -15.59
C LYS A 234 -28.03 -21.69 -16.36
N PRO A 235 -27.38 -22.78 -15.98
CA PRO A 235 -27.52 -24.02 -16.76
C PRO A 235 -28.93 -24.58 -16.80
N ASP A 236 -29.82 -24.19 -15.89
CA ASP A 236 -31.18 -24.71 -15.89
C ASP A 236 -32.21 -23.60 -15.75
N ASP A 237 -31.93 -22.43 -16.32
CA ASP A 237 -32.83 -21.29 -16.28
C ASP A 237 -33.38 -21.01 -17.67
N ALA A 238 -34.33 -20.08 -17.74
CA ALA A 238 -34.92 -19.67 -19.00
C ALA A 238 -35.09 -18.15 -19.00
N ILE A 239 -35.16 -17.59 -20.21
CA ILE A 239 -35.30 -16.16 -20.41
C ILE A 239 -36.51 -15.91 -21.30
N HIS A 240 -37.31 -14.91 -20.93
CA HIS A 240 -38.55 -14.60 -21.64
C HIS A 240 -38.46 -13.21 -22.25
N PHE A 241 -38.88 -13.09 -23.50
CA PHE A 241 -38.86 -11.84 -24.23
C PHE A 241 -40.29 -11.43 -24.58
N GLU A 242 -40.53 -10.12 -24.59
CA GLU A 242 -41.84 -9.59 -24.96
C GLU A 242 -41.66 -8.14 -25.40
N SER A 243 -42.12 -7.82 -26.60
CA SER A 243 -42.02 -6.46 -27.13
C SER A 243 -43.02 -6.30 -28.26
N ASN A 244 -43.24 -5.04 -28.65
CA ASN A 244 -44.13 -4.71 -29.76
C ASN A 244 -43.50 -3.67 -30.68
N GLY A 245 -42.19 -3.62 -30.74
CA GLY A 245 -41.49 -2.71 -31.61
C GLY A 245 -40.13 -2.33 -31.04
N ASN A 246 -39.27 -1.83 -31.92
CA ASN A 246 -37.93 -1.36 -31.56
C ASN A 246 -37.12 -2.46 -30.86
N PHE A 247 -37.27 -3.69 -31.33
CA PHE A 247 -36.63 -4.85 -30.71
C PHE A 247 -35.57 -5.42 -31.63
N ILE A 248 -34.44 -5.80 -31.04
CA ILE A 248 -33.33 -6.41 -31.78
C ILE A 248 -33.09 -7.78 -31.14
N ALA A 249 -33.71 -8.81 -31.70
CA ALA A 249 -33.65 -10.14 -31.09
C ALA A 249 -32.28 -10.76 -31.28
N PRO A 250 -31.77 -11.51 -30.31
CA PRO A 250 -30.52 -12.24 -30.50
C PRO A 250 -30.68 -13.41 -31.44
N GLU A 251 -29.58 -13.78 -32.08
CA GLU A 251 -29.55 -14.95 -32.95
C GLU A 251 -28.55 -16.00 -32.47
N TYR A 252 -27.34 -15.58 -32.11
CA TYR A 252 -26.31 -16.49 -31.62
C TYR A 252 -25.98 -16.17 -30.17
N ALA A 253 -25.57 -17.19 -29.43
CA ALA A 253 -25.18 -17.05 -28.04
C ALA A 253 -23.86 -17.77 -27.81
N TYR A 254 -23.14 -17.33 -26.78
CA TYR A 254 -21.82 -17.87 -26.46
C TYR A 254 -21.91 -18.73 -25.21
N LYS A 255 -21.29 -19.90 -25.26
CA LYS A 255 -21.29 -20.87 -24.16
C LYS A 255 -19.90 -20.81 -23.53
N ILE A 256 -19.85 -20.42 -22.25
CA ILE A 256 -18.63 -19.93 -21.62
C ILE A 256 -18.40 -20.64 -20.29
N VAL A 257 -17.15 -20.98 -20.00
CA VAL A 257 -16.72 -21.49 -18.71
C VAL A 257 -15.58 -20.63 -18.21
N LYS A 258 -15.67 -20.16 -16.97
CA LYS A 258 -14.68 -19.26 -16.40
C LYS A 258 -14.12 -19.86 -15.11
N LYS A 259 -12.80 -19.85 -14.98
CA LYS A 259 -12.12 -20.33 -13.78
C LYS A 259 -11.26 -19.27 -13.12
N GLY A 260 -10.41 -18.57 -13.89
CA GLY A 260 -9.44 -17.66 -13.35
C GLY A 260 -9.80 -16.21 -13.61
N ASP A 261 -8.76 -15.35 -13.56
CA ASP A 261 -8.93 -13.92 -13.76
C ASP A 261 -7.66 -13.33 -14.35
N SER A 262 -7.82 -12.38 -15.25
CA SER A 262 -6.70 -11.70 -15.89
C SER A 262 -7.14 -10.28 -16.23
N THR A 263 -6.39 -9.60 -17.10
CA THR A 263 -6.71 -8.25 -17.51
C THR A 263 -6.41 -8.11 -19.00
N ILE A 264 -6.51 -6.87 -19.50
CA ILE A 264 -6.36 -6.57 -20.92
C ILE A 264 -5.08 -5.77 -21.10
N MET A 265 -4.27 -6.15 -22.09
CA MET A 265 -3.03 -5.47 -22.40
C MET A 265 -3.20 -4.61 -23.65
N LYS A 266 -2.69 -3.38 -23.59
CA LYS A 266 -2.71 -2.45 -24.71
C LYS A 266 -1.30 -2.35 -25.26
N SER A 267 -1.08 -2.95 -26.43
CA SER A 267 0.26 -2.97 -27.02
C SER A 267 0.14 -3.21 -28.52
N GLY A 268 1.26 -2.98 -29.22
CA GLY A 268 1.30 -3.16 -30.66
C GLY A 268 2.39 -4.08 -31.14
N VAL A 269 3.03 -4.80 -30.22
CA VAL A 269 4.10 -5.71 -30.58
C VAL A 269 3.52 -6.98 -31.19
N GLU A 270 4.32 -7.68 -31.98
CA GLU A 270 3.87 -8.85 -32.71
C GLU A 270 4.03 -10.12 -31.87
N TYR A 271 3.47 -11.21 -32.39
CA TYR A 271 3.57 -12.51 -31.75
C TYR A 271 4.98 -13.06 -31.90
N GLY A 272 5.38 -13.91 -30.96
CA GLY A 272 6.75 -14.38 -30.92
C GLY A 272 6.95 -15.88 -30.84
N HIS A 273 5.87 -16.64 -30.58
CA HIS A 273 5.94 -18.09 -30.46
C HIS A 273 6.92 -18.52 -29.37
N CYS A 274 6.67 -18.08 -28.15
CA CYS A 274 7.50 -18.44 -27.01
C CYS A 274 6.65 -19.17 -25.98
N ASN A 275 7.26 -19.41 -24.82
CA ASN A 275 6.56 -19.81 -23.60
C ASN A 275 7.25 -19.12 -22.44
N THR A 276 6.79 -17.92 -22.10
CA THR A 276 7.37 -17.13 -21.02
C THR A 276 6.54 -17.28 -19.76
N LYS A 277 6.93 -16.55 -18.73
CA LYS A 277 6.24 -16.57 -17.44
C LYS A 277 5.78 -15.19 -16.99
N CYS A 278 6.50 -14.13 -17.36
CA CYS A 278 6.10 -12.76 -17.07
C CYS A 278 5.96 -11.99 -18.37
N GLN A 279 4.94 -11.15 -18.46
CA GLN A 279 4.62 -10.43 -19.69
C GLN A 279 4.65 -8.92 -19.44
N THR A 280 5.01 -8.18 -20.48
CA THR A 280 5.16 -6.73 -20.44
C THR A 280 4.78 -6.18 -21.80
N PRO A 281 4.10 -5.02 -21.86
CA PRO A 281 3.66 -4.50 -23.16
C PRO A 281 4.79 -4.27 -24.15
N VAL A 282 6.05 -4.26 -23.72
CA VAL A 282 7.17 -4.06 -24.63
C VAL A 282 8.00 -5.31 -24.83
N GLY A 283 7.69 -6.40 -24.13
CA GLY A 283 8.43 -7.63 -24.31
C GLY A 283 8.13 -8.61 -23.18
N ALA A 284 8.94 -9.66 -23.14
CA ALA A 284 8.84 -10.67 -22.10
C ALA A 284 10.13 -10.71 -21.30
N ILE A 285 10.01 -11.06 -20.03
CA ILE A 285 11.11 -11.05 -19.07
C ILE A 285 11.42 -12.49 -18.68
N ASN A 286 12.69 -12.87 -18.80
CA ASN A 286 13.16 -14.20 -18.44
C ASN A 286 14.35 -13.96 -17.50
N SER A 287 14.08 -13.99 -16.19
CA SER A 287 15.10 -13.71 -15.20
C SER A 287 14.61 -14.15 -13.84
N SER A 288 15.56 -14.26 -12.90
CA SER A 288 15.26 -14.59 -11.52
C SER A 288 15.62 -13.48 -10.55
N MET A 289 16.08 -12.33 -11.06
CA MET A 289 16.43 -11.22 -10.19
C MET A 289 15.18 -10.66 -9.51
N PRO A 290 15.32 -10.11 -8.30
CA PRO A 290 14.15 -9.63 -7.57
C PRO A 290 13.66 -8.25 -7.98
N PHE A 291 14.39 -7.52 -8.82
CA PHE A 291 14.02 -6.17 -9.19
C PHE A 291 14.18 -5.96 -10.69
N HIS A 292 13.40 -5.02 -11.23
CA HIS A 292 13.46 -4.67 -12.63
C HIS A 292 12.92 -3.26 -12.80
N ASN A 293 13.25 -2.65 -13.95
CA ASN A 293 12.81 -1.30 -14.27
C ASN A 293 12.36 -1.20 -15.71
N ILE A 294 11.60 -2.20 -16.18
CA ILE A 294 11.20 -2.25 -17.58
C ILE A 294 9.94 -1.42 -17.81
N HIS A 295 8.84 -1.81 -17.16
CA HIS A 295 7.56 -1.15 -17.39
C HIS A 295 6.66 -1.36 -16.20
N PRO A 296 5.91 -0.35 -15.76
CA PRO A 296 5.05 -0.53 -14.58
C PRO A 296 3.96 -1.58 -14.76
N LEU A 297 3.43 -1.74 -15.96
CA LEU A 297 2.31 -2.65 -16.20
C LEU A 297 2.85 -4.03 -16.58
N THR A 298 2.50 -5.04 -15.78
CA THR A 298 2.94 -6.40 -16.03
C THR A 298 1.82 -7.37 -15.70
N ILE A 299 1.89 -8.56 -16.29
CA ILE A 299 0.95 -9.65 -16.02
C ILE A 299 1.76 -10.89 -15.68
N GLY A 300 1.40 -11.55 -14.60
CA GLY A 300 2.07 -12.77 -14.17
C GLY A 300 3.03 -12.54 -13.03
N GLU A 301 3.78 -13.59 -12.72
CA GLU A 301 4.78 -13.54 -11.65
C GLU A 301 5.99 -12.78 -12.17
N CYS A 302 6.12 -11.52 -11.73
CA CYS A 302 7.18 -10.65 -12.20
C CYS A 302 7.91 -10.03 -11.01
N PRO A 303 9.17 -9.65 -11.20
CA PRO A 303 9.91 -8.98 -10.12
C PRO A 303 9.33 -7.60 -9.83
N LYS A 304 9.79 -7.02 -8.74
CA LYS A 304 9.31 -5.72 -8.30
C LYS A 304 9.85 -4.61 -9.20
N TYR A 305 9.13 -3.51 -9.26
CA TYR A 305 9.45 -2.39 -10.14
C TYR A 305 10.05 -1.25 -9.33
N VAL A 306 11.22 -0.77 -9.74
CA VAL A 306 11.93 0.30 -9.06
C VAL A 306 12.40 1.31 -10.09
N LYS A 307 12.72 2.52 -9.61
CA LYS A 307 13.16 3.61 -10.47
C LYS A 307 14.68 3.70 -10.58
N SER A 308 15.42 2.82 -9.92
CA SER A 308 16.88 2.89 -9.97
C SER A 308 17.38 2.46 -11.34
N ASN A 309 18.61 2.88 -11.65
CA ASN A 309 19.27 2.51 -12.89
C ASN A 309 20.42 1.53 -12.70
N LYS A 310 20.85 1.30 -11.47
CA LYS A 310 21.99 0.43 -11.21
C LYS A 310 21.91 -0.09 -9.79
N LEU A 311 22.09 -1.40 -9.62
CA LEU A 311 22.11 -2.03 -8.30
C LEU A 311 23.20 -3.10 -8.34
N VAL A 312 24.40 -2.73 -7.91
CA VAL A 312 25.56 -3.60 -7.97
C VAL A 312 25.94 -4.00 -6.54
N LEU A 313 26.07 -5.30 -6.32
CA LEU A 313 26.40 -5.85 -5.01
C LEU A 313 27.85 -6.32 -5.03
N ALA A 314 28.65 -5.80 -4.09
CA ALA A 314 30.07 -6.11 -4.04
C ALA A 314 30.29 -7.50 -3.47
N THR A 315 31.03 -8.33 -4.21
CA THR A 315 31.32 -9.70 -3.78
C THR A 315 32.81 -10.01 -3.84
N GLY A 316 33.67 -9.02 -4.09
CA GLY A 316 35.08 -9.29 -4.27
C GLY A 316 36.00 -8.67 -3.24
N LEU A 317 37.06 -8.04 -3.71
CA LEU A 317 38.09 -7.47 -2.86
C LEU A 317 38.40 -6.05 -3.29
N ARG A 318 38.94 -5.26 -2.36
CA ARG A 318 39.30 -3.88 -2.65
C ARG A 318 40.47 -3.86 -3.62
N ASN A 319 40.19 -3.59 -4.89
CA ASN A 319 41.23 -3.54 -5.90
C ASN A 319 42.05 -2.27 -5.77
N SER A 320 43.30 -2.33 -6.23
CA SER A 320 44.20 -1.20 -6.15
C SER A 320 44.22 -0.42 -7.47
N ALA A 334 57.72 -7.30 -2.72
CA ALA A 334 56.59 -8.19 -2.46
C ALA A 334 56.13 -8.09 -1.02
N ILE A 335 55.62 -6.92 -0.65
CA ILE A 335 55.18 -6.62 0.71
C ILE A 335 53.72 -6.20 0.67
N ALA A 336 52.92 -6.75 1.59
CA ALA A 336 51.51 -6.40 1.69
C ALA A 336 51.10 -6.53 3.16
N GLY A 337 49.79 -6.67 3.38
CA GLY A 337 49.22 -6.83 4.71
C GLY A 337 48.75 -5.55 5.37
N PHE A 338 49.61 -4.53 5.44
CA PHE A 338 49.17 -3.18 5.82
C PHE A 338 49.48 -2.12 4.80
N ILE A 339 50.22 -2.43 3.73
CA ILE A 339 50.40 -1.51 2.62
C ILE A 339 49.68 -2.12 1.42
N GLU A 340 49.68 -1.41 0.29
CA GLU A 340 48.94 -1.81 -0.90
C GLU A 340 49.08 -3.30 -1.18
N GLY A 341 47.96 -4.01 -1.15
CA GLY A 341 47.97 -5.45 -1.29
C GLY A 341 47.76 -5.91 -2.72
N GLY A 342 48.32 -5.17 -3.66
CA GLY A 342 48.20 -5.51 -5.07
C GLY A 342 49.07 -6.68 -5.48
N TRP A 343 48.90 -7.82 -4.81
CA TRP A 343 49.69 -9.02 -5.10
C TRP A 343 49.13 -9.67 -6.36
N GLN A 344 49.57 -9.16 -7.51
CA GLN A 344 49.15 -9.71 -8.79
C GLN A 344 49.70 -11.11 -9.01
N GLY A 345 50.74 -11.50 -8.28
CA GLY A 345 51.31 -12.83 -8.45
C GLY A 345 50.36 -13.94 -8.05
N MET A 346 49.64 -13.76 -6.95
CA MET A 346 48.73 -14.77 -6.46
C MET A 346 47.49 -14.82 -7.36
N VAL A 347 47.32 -15.93 -8.07
CA VAL A 347 46.19 -16.09 -8.97
C VAL A 347 45.49 -17.42 -8.69
N ASP A 348 45.59 -17.89 -7.44
CA ASP A 348 45.04 -19.20 -7.07
C ASP A 348 44.27 -19.13 -5.75
N GLY A 349 43.91 -17.96 -5.28
CA GLY A 349 43.20 -17.84 -4.03
C GLY A 349 42.96 -16.38 -3.70
N TRP A 350 42.33 -16.17 -2.54
CA TRP A 350 42.03 -14.84 -2.05
C TRP A 350 43.01 -14.36 -0.98
N TYR A 351 43.39 -15.24 -0.05
CA TYR A 351 44.36 -14.93 0.98
C TYR A 351 45.50 -15.93 0.89
N GLY A 352 46.72 -15.46 1.17
CA GLY A 352 47.87 -16.34 1.11
C GLY A 352 49.12 -15.64 1.57
N TYR A 353 50.24 -16.34 1.40
CA TYR A 353 51.55 -15.84 1.80
C TYR A 353 52.48 -15.79 0.59
N HIS A 354 53.36 -14.81 0.58
CA HIS A 354 54.49 -14.78 -0.34
C HIS A 354 55.75 -15.07 0.45
N HIS A 355 56.52 -16.05 0.01
CA HIS A 355 57.69 -16.51 0.73
C HIS A 355 58.96 -16.20 -0.05
N SER A 356 60.09 -16.25 0.66
CA SER A 356 61.39 -15.98 0.05
C SER A 356 62.48 -16.49 0.97
N ASN A 357 63.37 -17.31 0.42
CA ASN A 357 64.55 -17.78 1.15
C ASN A 357 65.64 -18.03 0.12
N GLU A 358 66.69 -18.75 0.53
CA GLU A 358 67.78 -19.05 -0.40
C GLU A 358 67.32 -19.97 -1.52
N GLN A 359 66.40 -20.89 -1.24
CA GLN A 359 65.97 -21.84 -2.26
C GLN A 359 65.16 -21.17 -3.36
N GLY A 360 64.28 -20.25 -3.00
CA GLY A 360 63.47 -19.58 -4.00
C GLY A 360 62.35 -18.78 -3.37
N SER A 361 61.35 -18.45 -4.20
CA SER A 361 60.22 -17.65 -3.77
C SER A 361 58.95 -18.17 -4.44
N GLY A 362 57.81 -17.81 -3.86
CA GLY A 362 56.53 -18.24 -4.39
C GLY A 362 55.35 -17.61 -3.69
N TYR A 363 54.18 -17.64 -4.33
CA TYR A 363 52.95 -17.07 -3.78
C TYR A 363 52.03 -18.20 -3.37
N ALA A 364 52.17 -18.66 -2.13
CA ALA A 364 51.29 -19.69 -1.61
C ALA A 364 49.93 -19.09 -1.25
N ALA A 365 48.95 -19.98 -1.07
CA ALA A 365 47.59 -19.56 -0.74
C ALA A 365 47.03 -20.45 0.37
N ASP A 366 46.08 -19.89 1.11
CA ASP A 366 45.41 -20.60 2.19
C ASP A 366 44.02 -21.00 1.73
N LYS A 367 43.75 -22.31 1.72
CA LYS A 367 42.49 -22.81 1.18
C LYS A 367 41.33 -22.60 2.14
N GLU A 368 41.55 -22.75 3.44
CA GLU A 368 40.46 -22.73 4.41
C GLU A 368 39.78 -21.36 4.46
N SER A 369 40.58 -20.30 4.62
CA SER A 369 40.01 -18.96 4.70
C SER A 369 39.31 -18.57 3.41
N THR A 370 39.91 -18.92 2.27
CA THR A 370 39.29 -18.62 0.98
C THR A 370 37.95 -19.33 0.83
N GLN A 371 37.90 -20.61 1.20
CA GLN A 371 36.65 -21.36 1.14
C GLN A 371 35.59 -20.73 2.05
N LYS A 372 35.99 -20.37 3.27
CA LYS A 372 35.04 -19.77 4.20
C LYS A 372 34.49 -18.46 3.64
N ALA A 373 35.37 -17.62 3.09
CA ALA A 373 34.94 -16.32 2.57
C ALA A 373 34.00 -16.48 1.38
N ILE A 374 34.35 -17.36 0.45
CA ILE A 374 33.51 -17.52 -0.74
C ILE A 374 32.17 -18.13 -0.35
N ASP A 375 32.16 -19.08 0.59
CA ASP A 375 30.90 -19.64 1.05
C ASP A 375 30.02 -18.58 1.69
N GLY A 376 30.62 -17.72 2.53
CA GLY A 376 29.83 -16.68 3.17
C GLY A 376 29.24 -15.70 2.17
N VAL A 377 30.05 -15.25 1.22
CA VAL A 377 29.57 -14.29 0.23
C VAL A 377 28.48 -14.91 -0.63
N THR A 378 28.68 -16.15 -1.07
CA THR A 378 27.67 -16.83 -1.88
C THR A 378 26.37 -17.01 -1.11
N ASN A 379 26.48 -17.37 0.18
CA ASN A 379 25.27 -17.52 0.99
C ASN A 379 24.54 -16.20 1.14
N LYS A 380 25.26 -15.10 1.36
CA LYS A 380 24.62 -13.80 1.47
C LYS A 380 23.87 -13.45 0.19
N VAL A 381 24.54 -13.57 -0.96
CA VAL A 381 23.92 -13.20 -2.22
C VAL A 381 22.70 -14.08 -2.50
N ASN A 382 22.85 -15.39 -2.27
CA ASN A 382 21.76 -16.31 -2.55
C ASN A 382 20.57 -16.06 -1.63
N SER A 383 20.82 -15.74 -0.36
CA SER A 383 19.72 -15.44 0.55
C SER A 383 18.99 -14.19 0.12
N ILE A 384 19.73 -13.14 -0.24
CA ILE A 384 19.12 -11.89 -0.67
C ILE A 384 18.26 -12.13 -1.92
N ILE A 385 18.76 -12.92 -2.86
CA ILE A 385 18.01 -13.20 -4.07
C ILE A 385 16.78 -14.06 -3.77
N ASP A 386 16.93 -15.05 -2.89
CA ASP A 386 15.93 -16.10 -2.74
C ASP A 386 14.79 -15.72 -1.81
N LYS A 387 15.02 -14.80 -0.87
CA LYS A 387 13.95 -14.52 0.09
C LYS A 387 12.91 -13.58 -0.51
N MET A 388 12.41 -13.90 -1.70
CA MET A 388 11.40 -13.11 -2.39
C MET A 388 10.11 -13.92 -2.51
N ASN A 389 8.99 -13.29 -2.14
CA ASN A 389 7.68 -13.87 -2.32
C ASN A 389 7.02 -13.26 -3.55
N THR A 390 6.70 -14.11 -4.53
CA THR A 390 6.13 -13.65 -5.79
C THR A 390 4.82 -14.37 -6.04
N GLN A 391 3.78 -13.59 -6.34
CA GLN A 391 2.45 -14.12 -6.60
C GLN A 391 1.93 -13.58 -7.92
N PHE A 392 0.99 -14.30 -8.51
CA PHE A 392 0.38 -13.88 -9.77
C PHE A 392 -0.41 -12.60 -9.55
N GLU A 393 -0.10 -11.57 -10.33
CA GLU A 393 -0.81 -10.30 -10.25
C GLU A 393 -1.01 -9.75 -11.66
N ALA A 394 -2.24 -9.33 -11.97
CA ALA A 394 -2.55 -8.70 -13.25
C ALA A 394 -2.79 -7.21 -13.01
N VAL A 395 -2.01 -6.38 -13.67
CA VAL A 395 -2.07 -4.93 -13.50
C VAL A 395 -2.54 -4.30 -14.80
N GLY A 396 -3.58 -3.47 -14.70
CA GLY A 396 -4.12 -2.80 -15.87
C GLY A 396 -4.75 -1.47 -15.53
N ARG A 397 -5.47 -0.88 -16.48
CA ARG A 397 -6.13 0.41 -16.29
C ARG A 397 -7.51 0.32 -16.95
N GLU A 398 -8.52 -0.06 -16.18
CA GLU A 398 -9.87 -0.26 -16.67
C GLU A 398 -10.84 0.61 -15.86
N PHE A 399 -10.98 1.86 -16.28
CA PHE A 399 -11.89 2.80 -15.63
C PHE A 399 -12.33 3.84 -16.64
N ASN A 400 -13.63 4.12 -16.66
CA ASN A 400 -14.22 4.99 -17.67
C ASN A 400 -13.99 6.46 -17.30
N ASN A 401 -14.64 7.36 -18.04
CA ASN A 401 -14.42 8.78 -17.85
C ASN A 401 -15.06 9.30 -16.56
N LEU A 402 -16.10 8.63 -16.06
CA LEU A 402 -16.82 9.08 -14.88
C LEU A 402 -16.39 8.34 -13.61
N GLU A 403 -15.17 7.82 -13.59
CA GLU A 403 -14.65 7.11 -12.42
C GLU A 403 -13.21 7.53 -12.15
N ARG A 404 -12.93 8.82 -12.22
CA ARG A 404 -11.56 9.30 -12.08
C ARG A 404 -11.04 9.15 -10.65
N ARG A 405 -11.92 9.20 -9.65
CA ARG A 405 -11.48 9.12 -8.26
C ARG A 405 -10.83 7.78 -7.95
N ILE A 406 -11.44 6.68 -8.41
CA ILE A 406 -10.87 5.37 -8.17
C ILE A 406 -9.55 5.20 -8.92
N GLU A 407 -9.46 5.78 -10.12
CA GLU A 407 -8.20 5.75 -10.86
C GLU A 407 -7.11 6.51 -10.11
N ASN A 408 -7.45 7.65 -9.52
CA ASN A 408 -6.48 8.39 -8.71
C ASN A 408 -6.04 7.56 -7.50
N LEU A 409 -6.99 6.85 -6.87
CA LEU A 409 -6.63 5.99 -5.75
C LEU A 409 -5.64 4.91 -6.18
N ASN A 410 -5.90 4.28 -7.33
CA ASN A 410 -5.00 3.24 -7.82
C ASN A 410 -3.62 3.81 -8.15
N LYS A 411 -3.59 5.00 -8.73
CA LYS A 411 -2.31 5.65 -9.03
C LYS A 411 -1.53 5.93 -7.76
N LYS A 412 -2.21 6.38 -6.70
CA LYS A 412 -1.55 6.59 -5.42
C LYS A 412 -1.00 5.28 -4.88
N MET A 413 -1.76 4.19 -5.01
CA MET A 413 -1.27 2.87 -4.61
C MET A 413 0.04 2.54 -5.29
N GLU A 414 0.06 2.66 -6.63
CA GLU A 414 1.24 2.27 -7.39
C GLU A 414 2.43 3.16 -7.02
N ASP A 415 2.21 4.46 -6.89
CA ASP A 415 3.31 5.37 -6.57
C ASP A 415 3.89 5.08 -5.19
N GLY A 416 3.02 4.84 -4.20
CA GLY A 416 3.51 4.55 -2.86
C GLY A 416 4.32 3.27 -2.81
N PHE A 417 3.82 2.21 -3.44
CA PHE A 417 4.57 0.96 -3.44
C PHE A 417 5.90 1.12 -4.15
N LEU A 418 5.92 1.85 -5.27
CA LEU A 418 7.17 2.07 -5.99
C LEU A 418 8.19 2.79 -5.14
N ASP A 419 7.75 3.86 -4.45
CA ASP A 419 8.68 4.62 -3.61
C ASP A 419 9.24 3.75 -2.48
N VAL A 420 8.37 2.98 -1.82
CA VAL A 420 8.81 2.13 -0.72
C VAL A 420 9.87 1.15 -1.21
N TRP A 421 9.57 0.46 -2.32
CA TRP A 421 10.50 -0.56 -2.80
C TRP A 421 11.83 0.05 -3.23
N THR A 422 11.79 1.19 -3.93
CA THR A 422 13.03 1.81 -4.37
C THR A 422 13.90 2.21 -3.19
N TYR A 423 13.31 2.89 -2.20
CA TYR A 423 14.10 3.34 -1.06
C TYR A 423 14.70 2.16 -0.31
N ASN A 424 13.89 1.13 -0.05
CA ASN A 424 14.39 -0.02 0.68
C ASN A 424 15.52 -0.72 -0.07
N ALA A 425 15.35 -0.91 -1.38
CA ALA A 425 16.37 -1.61 -2.15
C ALA A 425 17.69 -0.84 -2.15
N GLU A 426 17.63 0.47 -2.37
CA GLU A 426 18.87 1.25 -2.41
C GLU A 426 19.58 1.22 -1.07
N LEU A 427 18.83 1.43 0.02
CA LEU A 427 19.47 1.44 1.34
C LEU A 427 20.07 0.07 1.67
N LEU A 428 19.35 -1.01 1.35
CA LEU A 428 19.87 -2.34 1.61
C LEU A 428 21.14 -2.60 0.83
N VAL A 429 21.17 -2.20 -0.44
CA VAL A 429 22.36 -2.44 -1.25
C VAL A 429 23.57 -1.70 -0.68
N LEU A 430 23.39 -0.42 -0.34
CA LEU A 430 24.50 0.35 0.21
C LEU A 430 25.00 -0.26 1.50
N MET A 431 24.08 -0.60 2.41
CA MET A 431 24.48 -1.13 3.71
C MET A 431 25.16 -2.47 3.59
N GLU A 432 24.67 -3.34 2.71
CA GLU A 432 25.29 -4.66 2.56
C GLU A 432 26.66 -4.55 1.91
N ASN A 433 26.85 -3.60 0.98
CA ASN A 433 28.19 -3.37 0.46
C ASN A 433 29.14 -2.92 1.57
N GLU A 434 28.68 -2.02 2.43
CA GLU A 434 29.50 -1.58 3.56
C GLU A 434 29.86 -2.76 4.45
N ARG A 435 28.88 -3.61 4.76
CA ARG A 435 29.15 -4.77 5.61
C ARG A 435 30.14 -5.73 4.97
N THR A 436 29.99 -5.97 3.67
CA THR A 436 30.87 -6.92 2.99
C THR A 436 32.30 -6.40 2.90
N LEU A 437 32.48 -5.09 2.79
CA LEU A 437 33.82 -4.53 2.62
C LEU A 437 34.64 -4.52 3.92
N ASP A 438 34.21 -5.25 4.95
CA ASP A 438 34.92 -5.33 6.21
C ASP A 438 35.31 -6.76 6.57
N PHE A 439 34.50 -7.75 6.20
CA PHE A 439 34.76 -9.15 6.54
C PHE A 439 36.12 -9.60 6.01
N HIS A 440 36.50 -9.16 4.81
CA HIS A 440 37.79 -9.55 4.24
C HIS A 440 38.94 -8.98 5.07
N ASP A 441 38.84 -7.72 5.48
CA ASP A 441 39.89 -7.13 6.32
C ASP A 441 39.99 -7.85 7.65
N SER A 442 38.84 -8.21 8.23
CA SER A 442 38.87 -8.94 9.49
C SER A 442 39.54 -10.30 9.32
N ASN A 443 39.25 -10.99 8.21
CA ASN A 443 39.90 -12.26 7.94
C ASN A 443 41.41 -12.10 7.78
N VAL A 444 41.83 -11.07 7.05
CA VAL A 444 43.26 -10.84 6.86
C VAL A 444 43.94 -10.57 8.20
N LYS A 445 43.31 -9.75 9.04
CA LYS A 445 43.89 -9.44 10.34
C LYS A 445 43.99 -10.70 11.20
N ASN A 446 42.94 -11.54 11.17
CA ASN A 446 42.97 -12.79 11.92
C ASN A 446 44.10 -13.69 11.44
N LEU A 447 44.28 -13.81 10.13
CA LEU A 447 45.37 -14.62 9.59
C LEU A 447 46.71 -14.06 10.03
N TYR A 448 46.83 -12.73 10.04
CA TYR A 448 48.10 -12.13 10.46
C TYR A 448 48.43 -12.45 11.91
N ASP A 449 47.45 -12.35 12.82
CA ASP A 449 47.78 -12.66 14.21
C ASP A 449 48.02 -14.14 14.39
N LYS A 450 47.33 -14.99 13.62
CA LYS A 450 47.61 -16.42 13.68
C LYS A 450 49.04 -16.70 13.26
N VAL A 451 49.51 -16.00 12.21
CA VAL A 451 50.91 -16.12 11.82
C VAL A 451 51.83 -15.71 12.96
N ARG A 452 51.41 -14.73 13.75
CA ARG A 452 52.16 -14.31 14.92
C ARG A 452 51.97 -15.35 16.03
N LEU A 453 52.47 -15.03 17.23
CA LEU A 453 52.42 -15.88 18.43
C LEU A 453 52.80 -17.33 18.14
N GLN A 454 53.59 -17.55 17.09
CA GLN A 454 54.08 -18.88 16.76
C GLN A 454 55.58 -18.81 16.58
N LEU A 455 56.08 -17.68 16.09
CA LEU A 455 57.51 -17.42 16.03
C LEU A 455 58.01 -16.65 17.26
N ARG A 456 57.12 -15.94 17.94
CA ARG A 456 57.44 -15.25 19.19
C ARG A 456 58.59 -14.26 19.00
N ASP A 457 59.82 -14.67 19.37
CA ASP A 457 60.96 -13.77 19.33
C ASP A 457 62.04 -14.21 18.35
N ASN A 458 61.82 -15.30 17.61
CA ASN A 458 62.80 -15.73 16.62
C ASN A 458 62.82 -14.84 15.38
N ALA A 459 61.82 -13.97 15.22
CA ALA A 459 61.74 -13.10 14.07
C ALA A 459 61.41 -11.68 14.52
N LYS A 460 61.84 -10.70 13.71
CA LYS A 460 61.58 -9.30 13.98
C LYS A 460 60.41 -8.85 13.13
N GLU A 461 59.38 -8.31 13.78
CA GLU A 461 58.21 -7.79 13.08
C GLU A 461 58.57 -6.45 12.47
N LEU A 462 58.81 -6.43 11.16
CA LEU A 462 59.17 -5.19 10.49
C LEU A 462 58.03 -4.17 10.50
N GLY A 463 56.79 -4.63 10.68
CA GLY A 463 55.66 -3.74 10.70
C GLY A 463 55.10 -3.38 9.33
N ASN A 464 55.83 -3.70 8.26
CA ASN A 464 55.34 -3.48 6.91
C ASN A 464 54.46 -4.63 6.40
N GLY A 465 54.37 -5.72 7.13
CA GLY A 465 53.57 -6.86 6.72
C GLY A 465 54.39 -8.12 6.53
N CYS A 466 55.55 -8.17 7.19
CA CYS A 466 56.45 -9.30 7.06
C CYS A 466 57.14 -9.55 8.39
N PHE A 467 57.68 -10.76 8.53
CA PHE A 467 58.53 -11.13 9.65
C PHE A 467 59.87 -11.62 9.12
N GLU A 468 60.95 -11.17 9.73
CA GLU A 468 62.31 -11.53 9.32
C GLU A 468 62.92 -12.42 10.39
N PHE A 469 63.07 -13.70 10.07
CA PHE A 469 63.59 -14.66 11.05
C PHE A 469 65.06 -14.40 11.34
N TYR A 470 65.40 -14.39 12.62
CA TYR A 470 66.82 -14.31 12.99
C TYR A 470 67.56 -15.58 12.59
N HIS A 471 66.93 -16.73 12.77
CA HIS A 471 67.56 -18.02 12.47
C HIS A 471 67.40 -18.32 10.99
N LYS A 472 67.79 -19.53 10.58
CA LYS A 472 67.71 -19.97 9.19
C LYS A 472 66.57 -20.97 9.07
N CYS A 473 65.50 -20.57 8.38
CA CYS A 473 64.36 -21.43 8.12
C CYS A 473 64.24 -21.66 6.63
N ASP A 474 64.19 -22.92 6.23
CA ASP A 474 64.17 -23.33 4.83
C ASP A 474 62.74 -23.67 4.40
N ASN A 475 62.64 -24.26 3.21
CA ASN A 475 61.33 -24.53 2.62
C ASN A 475 60.50 -25.47 3.49
N GLU A 476 61.13 -26.49 4.08
CA GLU A 476 60.38 -27.42 4.91
C GLU A 476 59.87 -26.76 6.19
N CYS A 477 60.72 -25.96 6.85
CA CYS A 477 60.28 -25.24 8.05
C CYS A 477 59.22 -24.21 7.70
N MET A 478 59.36 -23.57 6.55
CA MET A 478 58.36 -22.60 6.08
C MET A 478 57.01 -23.28 5.80
N GLU A 479 57.04 -24.44 5.16
CA GLU A 479 55.81 -25.19 4.94
C GLU A 479 55.20 -25.62 6.28
N SER A 480 56.04 -25.98 7.24
CA SER A 480 55.55 -26.36 8.56
C SER A 480 54.85 -25.18 9.24
N VAL A 481 55.45 -23.99 9.17
CA VAL A 481 54.86 -22.84 9.83
C VAL A 481 53.58 -22.42 9.11
N ARG A 482 53.50 -22.63 7.80
CA ARG A 482 52.21 -22.47 7.13
C ARG A 482 51.20 -23.50 7.64
N ASN A 483 51.65 -24.72 7.87
CA ASN A 483 50.77 -25.80 8.34
C ASN A 483 50.30 -25.57 9.77
N GLY A 484 50.92 -24.65 10.50
CA GLY A 484 50.57 -24.40 11.88
C GLY A 484 51.38 -25.17 12.90
N THR A 485 52.46 -25.82 12.49
CA THR A 485 53.33 -26.58 13.39
C THR A 485 54.73 -25.99 13.30
N TYR A 486 55.21 -25.42 14.40
CA TYR A 486 56.53 -24.80 14.45
C TYR A 486 57.24 -25.24 15.72
N ASP A 487 58.52 -25.60 15.59
CA ASP A 487 59.33 -26.03 16.72
C ASP A 487 60.15 -24.83 17.21
N TYR A 488 59.61 -24.14 18.21
CA TYR A 488 60.31 -22.99 18.78
C TYR A 488 61.65 -23.37 19.42
N PRO A 489 61.74 -24.37 20.30
CA PRO A 489 63.04 -24.67 20.91
C PRO A 489 64.11 -25.11 19.92
N GLN A 490 63.71 -25.60 18.74
CA GLN A 490 64.71 -26.03 17.75
C GLN A 490 65.58 -24.87 17.31
N TYR A 491 64.98 -23.70 17.08
CA TYR A 491 65.71 -22.52 16.64
C TYR A 491 65.80 -21.44 17.72
N SER A 492 65.41 -21.76 18.95
CA SER A 492 65.49 -20.76 20.02
C SER A 492 66.93 -20.33 20.27
N GLU A 493 67.85 -21.30 20.36
CA GLU A 493 69.25 -20.94 20.60
C GLU A 493 69.86 -20.24 19.39
N GLU A 494 69.45 -20.61 18.18
CA GLU A 494 69.95 -19.92 16.99
C GLU A 494 69.48 -18.48 16.96
N ALA A 495 68.21 -18.23 17.30
CA ALA A 495 67.73 -16.87 17.40
C ALA A 495 68.45 -16.10 18.50
N ARG A 496 68.76 -16.77 19.61
CA ARG A 496 69.52 -16.12 20.68
C ARG A 496 70.89 -15.69 20.20
N LEU A 497 71.62 -16.58 19.53
CA LEU A 497 72.97 -16.24 19.09
C LEU A 497 72.95 -15.23 17.95
N LYS A 498 71.89 -15.21 17.15
CA LYS A 498 71.78 -14.19 16.10
C LYS A 498 71.48 -12.81 16.67
N ARG A 499 70.84 -12.76 17.85
CA ARG A 499 70.49 -11.49 18.48
C ARG A 499 71.74 -10.88 19.09
N GLU A 500 72.53 -10.23 18.23
CA GLU A 500 73.76 -9.55 18.63
C GLU A 500 74.71 -10.49 19.37
N ASP B 1 58.29 11.65 30.45
CA ASP B 1 58.10 11.57 29.01
C ASP B 1 57.11 10.47 28.66
N GLN B 2 55.93 10.87 28.19
CA GLN B 2 54.90 9.91 27.84
C GLN B 2 53.96 10.52 26.80
N ILE B 3 53.44 9.66 25.92
CA ILE B 3 52.50 10.05 24.88
C ILE B 3 51.22 9.26 25.07
N CYS B 4 50.10 9.96 25.06
CA CYS B 4 48.79 9.34 25.29
C CYS B 4 47.84 9.69 24.16
N ILE B 5 46.83 8.83 23.97
CA ILE B 5 45.87 8.97 22.90
C ILE B 5 44.50 9.24 23.50
N GLY B 6 43.78 10.18 22.90
CA GLY B 6 42.46 10.54 23.39
C GLY B 6 41.56 11.06 22.29
N TYR B 7 40.38 11.55 22.66
CA TYR B 7 39.41 12.03 21.69
C TYR B 7 38.75 13.30 22.23
N HIS B 8 37.87 13.87 21.41
CA HIS B 8 37.28 15.16 21.70
C HIS B 8 36.23 15.06 22.80
N ALA B 9 36.03 16.16 23.50
CA ALA B 9 35.02 16.28 24.56
C ALA B 9 34.59 17.73 24.64
N ASN B 10 33.33 17.95 25.04
CA ASN B 10 32.84 19.31 25.17
C ASN B 10 31.74 19.36 26.21
N ASN B 11 31.00 20.47 26.20
CA ASN B 11 29.90 20.78 27.10
C ASN B 11 28.52 20.55 26.46
N SER B 12 28.45 19.72 25.42
CA SER B 12 27.16 19.41 24.82
C SER B 12 26.33 18.52 25.75
N THR B 13 25.03 18.49 25.48
CA THR B 13 24.14 17.64 26.28
C THR B 13 23.12 16.88 25.44
N GLU B 14 23.30 16.78 24.13
CA GLU B 14 22.36 16.06 23.30
C GLU B 14 22.42 14.57 23.58
N GLN B 15 21.29 13.89 23.40
CA GLN B 15 21.17 12.48 23.70
C GLN B 15 20.57 11.74 22.51
N VAL B 16 21.13 10.56 22.21
CA VAL B 16 20.65 9.70 21.13
C VAL B 16 20.52 8.28 21.66
N ASP B 17 19.61 7.52 21.04
CA ASP B 17 19.32 6.15 21.45
C ASP B 17 19.82 5.17 20.42
N THR B 18 20.38 4.06 20.89
CA THR B 18 20.87 2.99 20.04
C THR B 18 20.03 1.74 20.24
N ILE B 19 20.37 0.68 19.50
CA ILE B 19 19.66 -0.58 19.62
C ILE B 19 19.99 -1.32 20.90
N MET B 20 21.04 -0.89 21.62
CA MET B 20 21.43 -1.53 22.86
C MET B 20 21.30 -0.65 24.10
N GLU B 21 21.36 0.67 23.96
CA GLU B 21 21.32 1.55 25.11
C GLU B 21 20.47 2.77 24.77
N LYS B 22 19.95 3.43 25.80
CA LYS B 22 19.00 4.53 25.63
C LYS B 22 19.59 5.85 26.12
N ASN B 23 19.51 6.86 25.26
CA ASN B 23 20.10 8.19 25.44
C ASN B 23 21.46 8.19 26.15
N VAL B 24 22.43 7.55 25.49
CA VAL B 24 23.82 7.89 25.73
C VAL B 24 24.07 9.33 25.25
N THR B 25 25.02 10.00 25.89
CA THR B 25 25.31 11.40 25.58
C THR B 25 26.36 11.48 24.47
N VAL B 26 26.13 12.36 23.49
CA VAL B 26 27.02 12.54 22.36
C VAL B 26 27.35 14.02 22.19
N THR B 27 28.47 14.29 21.53
CA THR B 27 28.93 15.66 21.37
C THR B 27 28.10 16.42 20.33
N HIS B 28 27.80 15.78 19.20
CA HIS B 28 27.06 16.42 18.13
C HIS B 28 25.99 15.49 17.59
N ALA B 29 24.89 16.07 17.13
CA ALA B 29 23.79 15.29 16.59
C ALA B 29 23.02 16.14 15.58
N GLN B 30 22.25 15.46 14.74
CA GLN B 30 21.45 16.11 13.72
C GLN B 30 20.07 15.48 13.67
N ASP B 31 19.06 16.31 13.46
CA ASP B 31 17.67 15.88 13.40
C ASP B 31 17.22 15.76 11.95
N ILE B 32 16.42 14.74 11.67
CA ILE B 32 15.96 14.49 10.31
C ILE B 32 14.43 14.45 10.27
N LEU B 33 13.80 15.18 11.18
CA LEU B 33 12.35 15.28 11.23
C LEU B 33 11.95 16.75 11.22
N GLU B 34 10.98 17.10 10.38
CA GLU B 34 10.51 18.47 10.23
C GLU B 34 9.25 18.66 11.08
N LYS B 35 9.23 19.71 11.90
CA LYS B 35 8.11 19.93 12.81
C LYS B 35 7.65 21.38 12.83
N THR B 36 7.95 22.17 11.80
CA THR B 36 7.62 23.59 11.79
C THR B 36 6.90 23.96 10.51
N HIS B 37 6.03 24.96 10.60
CA HIS B 37 5.31 25.49 9.46
C HIS B 37 5.01 26.96 9.70
N ASN B 38 4.78 27.68 8.61
CA ASN B 38 4.51 29.10 8.70
C ASN B 38 3.08 29.42 9.07
N GLY B 39 2.18 28.44 9.06
CA GLY B 39 0.80 28.67 9.43
C GLY B 39 0.04 29.60 8.51
N LYS B 40 0.29 29.51 7.21
CA LYS B 40 -0.39 30.36 6.24
C LYS B 40 -0.47 29.62 4.90
N LEU B 41 -1.37 30.08 4.05
CA LEU B 41 -1.54 29.50 2.72
C LEU B 41 -0.62 30.20 1.74
N CYS B 42 0.14 29.42 0.99
CA CYS B 42 1.08 29.96 0.01
C CYS B 42 0.64 29.52 -1.38
N ASP B 43 1.17 30.20 -2.40
CA ASP B 43 0.95 29.76 -3.78
C ASP B 43 1.72 28.48 -4.05
N LEU B 44 1.21 27.69 -5.00
CA LEU B 44 1.83 26.44 -5.39
C LEU B 44 2.52 26.65 -6.73
N ASN B 45 3.86 26.69 -6.70
CA ASN B 45 4.67 26.90 -7.89
C ASN B 45 4.28 28.19 -8.62
N GLY B 46 3.99 29.23 -7.84
CA GLY B 46 3.66 30.52 -8.42
C GLY B 46 2.27 30.65 -8.99
N VAL B 47 1.34 29.77 -8.61
CA VAL B 47 -0.02 29.79 -9.12
C VAL B 47 -0.96 30.06 -7.95
N LYS B 48 -1.81 31.06 -8.11
CA LYS B 48 -2.79 31.44 -7.09
C LYS B 48 -3.82 30.32 -6.94
N PRO B 49 -4.11 29.88 -5.72
CA PRO B 49 -5.26 28.99 -5.50
C PRO B 49 -6.56 29.79 -5.48
N LEU B 50 -7.67 29.08 -5.50
CA LEU B 50 -9.00 29.69 -5.55
C LEU B 50 -9.62 29.62 -4.15
N ILE B 51 -10.01 30.78 -3.64
CA ILE B 51 -10.61 30.90 -2.31
C ILE B 51 -12.06 31.36 -2.50
N LEU B 52 -13.00 30.53 -2.06
CA LEU B 52 -14.42 30.79 -2.24
C LEU B 52 -15.07 31.47 -1.05
N LYS B 53 -14.31 31.71 0.02
CA LYS B 53 -14.80 32.37 1.24
C LYS B 53 -15.98 31.57 1.79
N ASP B 54 -17.18 32.12 1.86
CA ASP B 54 -18.33 31.46 2.48
C ASP B 54 -19.28 30.85 1.44
N CYS B 55 -18.77 30.50 0.26
CA CYS B 55 -19.58 29.93 -0.80
C CYS B 55 -19.25 28.45 -0.98
N SER B 56 -19.91 27.84 -1.96
CA SER B 56 -19.66 26.46 -2.35
C SER B 56 -19.50 26.41 -3.86
N VAL B 57 -19.00 25.27 -4.35
CA VAL B 57 -18.74 25.12 -5.78
C VAL B 57 -20.03 25.25 -6.57
N ALA B 58 -21.08 24.56 -6.15
CA ALA B 58 -22.36 24.63 -6.85
C ALA B 58 -22.93 26.04 -6.81
N GLY B 59 -22.88 26.69 -5.65
CA GLY B 59 -23.37 28.06 -5.54
C GLY B 59 -22.58 29.03 -6.39
N TRP B 60 -21.25 28.87 -6.41
CA TRP B 60 -20.42 29.73 -7.24
C TRP B 60 -20.72 29.54 -8.71
N LEU B 61 -20.89 28.29 -9.15
CA LEU B 61 -21.13 28.03 -10.56
C LEU B 61 -22.52 28.52 -10.99
N LEU B 62 -23.54 28.23 -10.19
CA LEU B 62 -24.90 28.59 -10.59
C LEU B 62 -25.16 30.08 -10.44
N GLY B 63 -24.42 30.76 -9.57
CA GLY B 63 -24.59 32.19 -9.41
C GLY B 63 -25.57 32.57 -8.32
N ASN B 64 -25.35 32.08 -7.11
CA ASN B 64 -26.22 32.41 -5.99
C ASN B 64 -26.19 33.92 -5.74
N PRO B 65 -27.35 34.57 -5.55
CA PRO B 65 -27.36 36.03 -5.48
C PRO B 65 -26.52 36.62 -4.36
N MET B 66 -26.44 35.98 -3.20
CA MET B 66 -25.71 36.54 -2.07
C MET B 66 -24.26 36.08 -2.03
N CYS B 67 -23.81 35.33 -3.04
CA CYS B 67 -22.57 34.58 -2.95
C CYS B 67 -21.48 35.11 -3.86
N ASP B 68 -21.74 35.20 -5.16
CA ASP B 68 -20.70 35.49 -6.15
C ASP B 68 -20.87 36.88 -6.72
N GLU B 69 -19.75 37.55 -6.97
CA GLU B 69 -19.74 38.85 -7.62
C GLU B 69 -19.38 38.72 -9.10
N PHE B 70 -18.22 38.15 -9.40
CA PHE B 70 -17.78 37.90 -10.77
C PHE B 70 -16.64 36.89 -10.69
N ILE B 71 -16.25 36.35 -11.86
CA ILE B 71 -15.42 35.14 -11.88
C ILE B 71 -14.02 35.43 -11.36
N ARG B 72 -13.27 36.28 -12.07
CA ARG B 72 -11.85 36.55 -11.79
C ARG B 72 -11.00 35.28 -11.89
N VAL B 73 -9.69 35.43 -11.74
CA VAL B 73 -8.76 34.31 -11.56
C VAL B 73 -8.88 33.33 -12.72
N PRO B 74 -8.37 33.66 -13.91
CA PRO B 74 -8.54 32.75 -15.05
C PRO B 74 -7.90 31.39 -14.86
N GLU B 75 -6.92 31.23 -13.97
CA GLU B 75 -6.31 29.94 -13.71
C GLU B 75 -6.01 29.81 -12.22
N TRP B 76 -5.95 28.56 -11.76
CA TRP B 76 -5.67 28.28 -10.36
C TRP B 76 -5.10 26.88 -10.24
N SER B 77 -4.55 26.58 -9.07
CA SER B 77 -3.92 25.30 -8.79
C SER B 77 -4.76 24.40 -7.89
N TYR B 78 -5.44 24.97 -6.89
CA TYR B 78 -6.30 24.18 -6.02
C TYR B 78 -7.36 25.10 -5.42
N ILE B 79 -8.40 24.49 -4.86
CA ILE B 79 -9.56 25.20 -4.34
C ILE B 79 -9.56 25.10 -2.83
N VAL B 80 -9.76 26.22 -2.16
CA VAL B 80 -9.88 26.29 -0.71
C VAL B 80 -11.33 26.58 -0.36
N GLU B 81 -11.92 25.70 0.44
CA GLU B 81 -13.33 25.79 0.80
C GLU B 81 -13.48 25.62 2.32
N ARG B 82 -14.45 26.33 2.90
CA ARG B 82 -14.69 26.20 4.32
C ARG B 82 -15.41 24.88 4.61
N ALA B 83 -15.38 24.49 5.90
CA ALA B 83 -15.96 23.20 6.29
C ALA B 83 -17.46 23.18 6.07
N ASN B 84 -18.15 24.26 6.42
CA ASN B 84 -19.60 24.34 6.30
C ASN B 84 -19.98 25.64 5.59
N PRO B 85 -20.02 25.62 4.27
CA PRO B 85 -20.41 26.83 3.52
C PRO B 85 -21.82 27.28 3.88
N ALA B 86 -22.01 28.59 3.94
CA ALA B 86 -23.31 29.16 4.31
C ALA B 86 -24.23 29.29 3.10
N ASN B 87 -23.79 30.00 2.07
CA ASN B 87 -24.60 30.23 0.87
C ASN B 87 -24.34 29.11 -0.13
N ASP B 88 -25.32 28.22 -0.29
CA ASP B 88 -25.20 27.11 -1.24
C ASP B 88 -26.59 26.60 -1.55
N LEU B 89 -27.01 26.73 -2.81
CA LEU B 89 -28.29 26.21 -3.29
C LEU B 89 -29.45 26.78 -2.47
N CYS B 90 -29.64 28.10 -2.62
CA CYS B 90 -30.68 28.79 -1.88
C CYS B 90 -32.03 28.13 -2.07
N TYR B 91 -32.39 27.81 -3.30
CA TYR B 91 -33.56 26.98 -3.55
C TYR B 91 -33.24 25.53 -3.27
N PRO B 92 -34.08 24.81 -2.52
CA PRO B 92 -33.78 23.40 -2.22
C PRO B 92 -33.71 22.56 -3.49
N GLY B 93 -32.80 21.59 -3.49
CA GLY B 93 -32.60 20.75 -4.65
C GLY B 93 -31.29 19.99 -4.53
N SER B 94 -30.77 19.59 -5.69
CA SER B 94 -29.53 18.83 -5.73
C SER B 94 -28.88 19.00 -7.10
N LEU B 95 -27.60 18.68 -7.16
CA LEU B 95 -26.82 18.73 -8.41
C LEU B 95 -26.31 17.33 -8.71
N ASN B 96 -26.59 16.85 -9.92
CA ASN B 96 -26.19 15.50 -10.30
C ASN B 96 -24.68 15.42 -10.50
N ASP B 97 -24.10 14.31 -10.02
CA ASP B 97 -22.67 14.05 -10.16
C ASP B 97 -21.82 15.19 -9.60
N TYR B 98 -22.17 15.61 -8.37
CA TYR B 98 -21.48 16.73 -7.75
C TYR B 98 -20.00 16.41 -7.51
N GLU B 99 -19.70 15.22 -7.01
CA GLU B 99 -18.33 14.88 -6.66
C GLU B 99 -17.43 14.83 -7.89
N GLU B 100 -17.93 14.27 -8.99
CA GLU B 100 -17.11 14.20 -10.20
C GLU B 100 -16.80 15.60 -10.73
N LEU B 101 -17.79 16.49 -10.73
CA LEU B 101 -17.53 17.87 -11.16
C LEU B 101 -16.56 18.56 -10.22
N LYS B 102 -16.69 18.34 -8.91
CA LYS B 102 -15.76 18.91 -7.95
C LYS B 102 -14.33 18.46 -8.24
N HIS B 103 -14.15 17.15 -8.47
CA HIS B 103 -12.81 16.63 -8.76
C HIS B 103 -12.27 17.17 -10.07
N MET B 104 -13.13 17.27 -11.09
CA MET B 104 -12.67 17.71 -12.40
C MET B 104 -12.36 19.20 -12.42
N LEU B 105 -12.96 19.98 -11.53
CA LEU B 105 -12.71 21.42 -11.46
C LEU B 105 -11.59 21.78 -10.48
N SER B 106 -10.66 20.86 -10.23
CA SER B 106 -9.61 21.13 -9.26
C SER B 106 -8.56 22.09 -9.82
N ARG B 107 -7.88 21.69 -10.90
CA ARG B 107 -6.87 22.51 -11.54
C ARG B 107 -7.34 22.83 -12.96
N ILE B 108 -7.45 24.12 -13.28
CA ILE B 108 -8.01 24.58 -14.54
C ILE B 108 -7.18 25.74 -15.06
N ASN B 109 -6.96 25.76 -16.37
CA ASN B 109 -6.31 26.87 -17.04
C ASN B 109 -7.27 27.53 -18.02
N HIS B 110 -7.26 28.86 -18.05
CA HIS B 110 -8.06 29.66 -18.97
C HIS B 110 -9.56 29.36 -18.80
N PHE B 111 -10.05 29.70 -17.62
CA PHE B 111 -11.47 29.58 -17.28
C PHE B 111 -12.14 30.93 -17.52
N GLU B 112 -13.05 30.98 -18.49
CA GLU B 112 -13.68 32.23 -18.88
C GLU B 112 -15.18 31.98 -19.11
N LYS B 113 -15.99 32.93 -18.65
CA LYS B 113 -17.44 32.85 -18.77
C LYS B 113 -17.92 33.64 -19.99
N ILE B 114 -18.79 33.04 -20.79
CA ILE B 114 -19.35 33.67 -21.97
C ILE B 114 -20.85 33.45 -21.99
N GLN B 115 -21.53 34.27 -22.81
CA GLN B 115 -22.97 34.19 -22.97
C GLN B 115 -23.30 33.50 -24.29
N ILE B 116 -24.19 32.53 -24.24
CA ILE B 116 -24.55 31.73 -25.41
C ILE B 116 -25.96 32.03 -25.89
N ILE B 117 -26.94 32.09 -24.99
CA ILE B 117 -28.33 32.30 -25.34
C ILE B 117 -28.82 33.59 -24.68
N PRO B 118 -28.94 34.66 -25.44
CA PRO B 118 -29.47 35.91 -24.87
C PRO B 118 -30.94 35.78 -24.51
N LYS B 119 -31.36 36.61 -23.56
CA LYS B 119 -32.74 36.60 -23.10
C LYS B 119 -33.73 36.99 -24.20
N SER B 120 -33.26 37.63 -25.26
CA SER B 120 -34.12 38.01 -26.37
C SER B 120 -34.58 36.82 -27.19
N SER B 121 -34.01 35.63 -26.96
CA SER B 121 -34.35 34.44 -27.73
C SER B 121 -35.64 33.77 -27.26
N TRP B 122 -36.39 34.39 -26.36
CA TRP B 122 -37.64 33.84 -25.83
C TRP B 122 -38.73 34.88 -26.00
N PRO B 123 -39.25 35.06 -27.23
CA PRO B 123 -40.30 36.06 -27.43
C PRO B 123 -41.70 35.58 -27.06
N ASN B 124 -41.91 34.27 -26.95
CA ASN B 124 -43.24 33.72 -26.67
C ASN B 124 -43.36 33.17 -25.25
N HIS B 125 -42.40 33.47 -24.37
CA HIS B 125 -42.44 33.01 -23.00
C HIS B 125 -42.07 34.15 -22.07
N GLU B 126 -42.56 34.06 -20.83
CA GLU B 126 -42.27 35.08 -19.83
C GLU B 126 -40.93 34.79 -19.16
N THR B 127 -40.10 35.83 -19.05
CA THR B 127 -38.76 35.69 -18.48
C THR B 127 -38.50 36.59 -17.29
N SER B 128 -39.44 37.45 -16.91
CA SER B 128 -39.24 38.40 -15.83
C SER B 128 -40.04 38.07 -14.58
N LEU B 129 -40.56 36.84 -14.47
CA LEU B 129 -41.36 36.45 -13.32
C LEU B 129 -40.75 35.30 -12.54
N GLY B 130 -39.67 34.69 -13.01
CA GLY B 130 -39.07 33.56 -12.33
C GLY B 130 -38.26 33.94 -11.12
N VAL B 131 -38.93 34.40 -10.06
CA VAL B 131 -38.26 34.79 -8.82
C VAL B 131 -38.93 34.08 -7.66
N SER B 132 -38.19 33.96 -6.57
CA SER B 132 -38.68 33.29 -5.37
C SER B 132 -38.13 33.98 -4.14
N ALA B 133 -38.87 33.87 -3.04
CA ALA B 133 -38.43 34.44 -1.77
C ALA B 133 -37.34 33.60 -1.11
N ALA B 134 -37.11 32.38 -1.58
CA ALA B 134 -36.06 31.54 -1.01
C ALA B 134 -34.67 32.03 -1.37
N CYS B 135 -34.54 32.93 -2.35
CA CYS B 135 -33.26 33.51 -2.75
C CYS B 135 -33.40 35.02 -2.79
N PRO B 136 -33.50 35.67 -1.63
CA PRO B 136 -33.65 37.12 -1.62
C PRO B 136 -32.37 37.83 -2.03
N TYR B 137 -32.53 39.05 -2.52
CA TYR B 137 -31.39 39.90 -2.89
C TYR B 137 -31.75 41.33 -2.53
N GLN B 138 -31.07 41.87 -1.51
CA GLN B 138 -31.33 43.22 -1.01
C GLN B 138 -32.78 43.38 -0.59
N GLY B 139 -33.32 42.34 0.03
CA GLY B 139 -34.70 42.37 0.52
C GLY B 139 -35.75 42.13 -0.53
N ALA B 140 -35.39 41.63 -1.71
CA ALA B 140 -36.34 41.36 -2.77
C ALA B 140 -36.13 39.96 -3.33
N PRO B 141 -37.19 39.30 -3.79
CA PRO B 141 -37.04 37.97 -4.38
C PRO B 141 -36.16 38.02 -5.62
N SER B 142 -35.37 36.97 -5.81
CA SER B 142 -34.45 36.88 -6.93
C SER B 142 -34.27 35.42 -7.31
N PHE B 143 -33.25 35.14 -8.12
CA PHE B 143 -32.99 33.79 -8.60
C PHE B 143 -31.52 33.70 -8.99
N PHE B 144 -31.11 32.50 -9.44
CA PHE B 144 -29.76 32.32 -9.94
C PHE B 144 -29.52 33.20 -11.15
N ARG B 145 -28.30 33.71 -11.28
CA ARG B 145 -27.98 34.65 -12.34
C ARG B 145 -27.55 33.98 -13.65
N ASN B 146 -27.16 32.71 -13.61
CA ASN B 146 -26.66 32.03 -14.79
C ASN B 146 -27.73 31.22 -15.52
N VAL B 147 -28.94 31.13 -14.97
CA VAL B 147 -30.03 30.38 -15.59
C VAL B 147 -31.28 31.22 -15.60
N VAL B 148 -32.25 30.81 -16.42
CA VAL B 148 -33.50 31.53 -16.60
C VAL B 148 -34.65 30.57 -16.30
N TRP B 149 -35.61 31.03 -15.52
CA TRP B 149 -36.83 30.28 -15.22
C TRP B 149 -37.95 30.80 -16.09
N LEU B 150 -38.52 29.92 -16.91
CA LEU B 150 -39.52 30.30 -17.90
C LEU B 150 -40.92 30.02 -17.38
N ILE B 151 -41.84 30.96 -17.60
CA ILE B 151 -43.22 30.86 -17.18
C ILE B 151 -44.12 31.09 -18.39
N LYS B 152 -45.36 30.63 -18.28
CA LYS B 152 -46.30 30.77 -19.37
C LYS B 152 -46.62 32.23 -19.63
N LYS B 153 -46.93 32.54 -20.89
CA LYS B 153 -47.26 33.89 -21.32
C LYS B 153 -48.56 33.89 -22.07
N ASN B 154 -49.46 34.82 -21.72
CA ASN B 154 -50.78 34.92 -22.33
C ASN B 154 -51.55 33.60 -22.23
N ASP B 155 -51.42 32.95 -21.08
CA ASP B 155 -52.09 31.67 -20.82
C ASP B 155 -51.75 30.64 -21.88
N ALA B 156 -50.48 30.59 -22.28
CA ALA B 156 -50.04 29.64 -23.29
C ALA B 156 -48.58 29.28 -23.04
N TYR B 157 -48.18 28.14 -23.57
CA TYR B 157 -46.81 27.65 -23.44
C TYR B 157 -46.45 26.82 -24.65
N PRO B 158 -46.05 27.48 -25.74
CA PRO B 158 -45.68 26.73 -26.94
C PRO B 158 -44.41 25.91 -26.72
N THR B 159 -44.29 24.84 -27.51
CA THR B 159 -43.14 23.96 -27.41
C THR B 159 -41.87 24.69 -27.80
N ILE B 160 -40.76 24.32 -27.15
CA ILE B 160 -39.47 24.97 -27.33
C ILE B 160 -38.55 24.03 -28.10
N LYS B 161 -37.96 24.55 -29.17
CA LYS B 161 -36.97 23.82 -29.96
C LYS B 161 -35.81 24.77 -30.24
N ILE B 162 -34.63 24.43 -29.71
CA ILE B 162 -33.46 25.28 -29.86
C ILE B 162 -32.21 24.41 -29.95
N SER B 163 -31.25 24.84 -30.75
CA SER B 163 -29.99 24.15 -30.94
C SER B 163 -28.86 25.17 -30.92
N TYR B 164 -27.64 24.67 -30.67
CA TYR B 164 -26.49 25.55 -30.52
C TYR B 164 -25.22 24.86 -30.99
N ASN B 165 -24.65 25.36 -32.10
CA ASN B 165 -23.25 25.14 -32.40
C ASN B 165 -22.30 25.71 -31.36
N ASN B 166 -21.20 24.99 -31.15
CA ASN B 166 -20.05 25.47 -30.39
C ASN B 166 -19.00 25.91 -31.41
N THR B 167 -18.97 27.19 -31.73
CA THR B 167 -18.00 27.70 -32.68
C THR B 167 -16.66 28.04 -32.03
N ASN B 168 -16.59 28.02 -30.69
CA ASN B 168 -15.35 28.30 -30.01
C ASN B 168 -14.36 27.14 -30.19
N ARG B 169 -13.10 27.41 -29.86
CA ARG B 169 -12.02 26.45 -30.07
C ARG B 169 -11.68 25.66 -28.82
N GLU B 170 -12.45 25.82 -27.74
CA GLU B 170 -12.20 25.12 -26.49
C GLU B 170 -13.46 24.37 -26.06
N ASP B 171 -13.30 23.49 -25.09
CA ASP B 171 -14.43 22.78 -24.52
C ASP B 171 -15.36 23.75 -23.79
N LEU B 172 -16.64 23.41 -23.77
CA LEU B 172 -17.66 24.26 -23.18
C LEU B 172 -18.42 23.50 -22.11
N LEU B 173 -18.71 24.17 -21.01
CA LEU B 173 -19.45 23.61 -19.89
C LEU B 173 -20.81 24.27 -19.81
N ILE B 174 -21.87 23.46 -19.84
CA ILE B 174 -23.24 23.95 -19.86
C ILE B 174 -24.03 23.27 -18.74
N LEU B 175 -24.92 24.03 -18.11
CA LEU B 175 -25.76 23.53 -17.04
C LEU B 175 -27.21 23.89 -17.30
N TRP B 176 -28.12 22.98 -16.94
CA TRP B 176 -29.55 23.21 -17.05
C TRP B 176 -30.24 22.46 -15.90
N GLY B 177 -31.55 22.64 -15.80
CA GLY B 177 -32.27 22.01 -14.70
C GLY B 177 -33.74 21.85 -15.00
N ILE B 178 -34.41 21.13 -14.09
CA ILE B 178 -35.83 20.86 -14.18
C ILE B 178 -36.46 21.14 -12.81
N HIS B 179 -37.70 21.61 -12.82
CA HIS B 179 -38.40 21.99 -11.59
C HIS B 179 -39.55 21.03 -11.34
N HIS B 180 -39.70 20.61 -10.08
CA HIS B 180 -40.79 19.76 -9.65
C HIS B 180 -41.84 20.59 -8.94
N SER B 181 -43.08 20.48 -9.38
CA SER B 181 -44.17 21.24 -8.78
C SER B 181 -44.67 20.52 -7.52
N ASN B 182 -45.74 21.06 -6.93
CA ASN B 182 -46.31 20.53 -5.71
C ASN B 182 -47.64 19.80 -5.93
N ASN B 183 -48.49 20.33 -6.80
CA ASN B 183 -49.79 19.74 -7.05
C ASN B 183 -50.26 20.11 -8.45
N ALA B 184 -51.39 19.54 -8.85
CA ALA B 184 -51.91 19.78 -10.19
C ALA B 184 -52.29 21.24 -10.39
N GLU B 185 -52.92 21.85 -9.38
CA GLU B 185 -53.33 23.24 -9.51
C GLU B 185 -52.13 24.17 -9.69
N GLU B 186 -51.07 23.96 -8.91
CA GLU B 186 -49.87 24.76 -9.05
C GLU B 186 -49.23 24.54 -10.42
N GLN B 187 -49.21 23.29 -10.89
CA GLN B 187 -48.66 23.01 -12.21
C GLN B 187 -49.43 23.74 -13.30
N THR B 188 -50.76 23.72 -13.22
CA THR B 188 -51.57 24.44 -14.20
C THR B 188 -51.34 25.94 -14.10
N ASN B 189 -51.19 26.46 -12.88
CA ASN B 189 -50.95 27.89 -12.72
C ASN B 189 -49.63 28.31 -13.34
N LEU B 190 -48.59 27.50 -13.18
CA LEU B 190 -47.29 27.87 -13.72
C LEU B 190 -47.19 27.58 -15.22
N TYR B 191 -47.68 26.43 -15.66
CA TYR B 191 -47.65 26.05 -17.07
C TYR B 191 -49.01 25.53 -17.50
N LYS B 192 -49.41 25.88 -18.71
CA LYS B 192 -50.73 25.46 -19.19
C LYS B 192 -50.83 23.94 -19.34
N ASN B 193 -49.79 23.31 -19.87
CA ASN B 193 -49.84 21.88 -20.13
C ASN B 193 -49.84 21.11 -18.81
N PRO B 194 -50.66 20.06 -18.70
CA PRO B 194 -50.67 19.26 -17.46
C PRO B 194 -49.58 18.20 -17.42
N ILE B 195 -49.14 17.74 -18.59
CA ILE B 195 -48.09 16.73 -18.71
C ILE B 195 -46.96 17.33 -19.54
N THR B 196 -45.74 17.26 -19.02
CA THR B 196 -44.59 17.88 -19.64
C THR B 196 -43.42 16.91 -19.68
N TYR B 197 -42.40 17.28 -20.46
CA TYR B 197 -41.22 16.46 -20.62
C TYR B 197 -40.07 17.35 -21.07
N ILE B 198 -38.85 16.85 -20.90
CA ILE B 198 -37.63 17.54 -21.31
C ILE B 198 -36.75 16.56 -22.05
N SER B 199 -36.27 16.96 -23.23
CA SER B 199 -35.39 16.13 -24.04
C SER B 199 -34.12 16.91 -24.36
N VAL B 200 -32.97 16.31 -24.06
CA VAL B 200 -31.66 16.90 -24.33
C VAL B 200 -30.83 15.88 -25.08
N GLY B 201 -30.22 16.30 -26.19
CA GLY B 201 -29.44 15.38 -26.99
C GLY B 201 -28.21 15.99 -27.63
N THR B 202 -27.07 15.30 -27.47
CA THR B 202 -25.83 15.69 -28.13
C THR B 202 -25.27 14.50 -28.90
N SER B 203 -24.04 14.62 -29.39
CA SER B 203 -23.42 13.50 -30.11
C SER B 203 -23.20 12.30 -29.19
N THR B 204 -23.10 12.50 -27.88
CA THR B 204 -22.90 11.42 -26.94
C THR B 204 -23.89 11.42 -25.78
N LEU B 205 -24.80 12.39 -25.72
CA LEU B 205 -25.75 12.49 -24.63
C LEU B 205 -27.17 12.25 -25.16
N ASN B 206 -27.94 11.46 -24.42
CA ASN B 206 -29.32 11.15 -24.79
C ASN B 206 -30.12 11.04 -23.50
N GLN B 207 -30.83 12.10 -23.15
CA GLN B 207 -31.52 12.19 -21.86
C GLN B 207 -32.97 12.62 -22.07
N ARG B 208 -33.87 12.03 -21.28
CA ARG B 208 -35.27 12.40 -21.28
C ARG B 208 -35.79 12.34 -19.85
N LEU B 209 -36.39 13.42 -19.39
CA LEU B 209 -36.83 13.55 -18.00
C LEU B 209 -38.28 14.00 -17.95
N ALA B 210 -38.95 13.66 -16.84
CA ALA B 210 -40.31 14.07 -16.57
C ALA B 210 -40.42 14.55 -15.13
N PRO B 211 -41.28 15.54 -14.87
CA PRO B 211 -41.43 16.03 -13.49
C PRO B 211 -42.12 15.02 -12.61
N LYS B 212 -41.84 15.11 -11.31
CA LYS B 212 -42.44 14.26 -10.30
C LYS B 212 -43.22 15.13 -9.33
N ILE B 213 -44.53 14.93 -9.28
CA ILE B 213 -45.42 15.74 -8.44
C ILE B 213 -45.81 14.91 -7.22
N ALA B 214 -45.44 15.39 -6.04
CA ALA B 214 -45.73 14.69 -4.79
C ALA B 214 -45.65 15.70 -3.65
N THR B 215 -45.96 15.23 -2.44
CA THR B 215 -45.91 16.05 -1.25
C THR B 215 -44.58 15.83 -0.53
N ARG B 216 -43.90 16.92 -0.19
CA ARG B 216 -42.59 16.84 0.45
C ARG B 216 -42.54 17.85 1.59
N SER B 217 -41.62 17.59 2.53
CA SER B 217 -41.40 18.53 3.62
C SER B 217 -40.81 19.83 3.10
N GLN B 218 -41.19 20.94 3.74
CA GLN B 218 -40.77 22.25 3.30
C GLN B 218 -39.39 22.59 3.84
N VAL B 219 -38.52 23.08 2.97
CA VAL B 219 -37.20 23.56 3.33
C VAL B 219 -37.08 25.00 2.88
N ASN B 220 -36.67 25.88 3.79
CA ASN B 220 -36.63 27.32 3.54
C ASN B 220 -37.98 27.86 3.11
N GLY B 221 -39.06 27.26 3.61
CA GLY B 221 -40.39 27.69 3.27
C GLY B 221 -40.89 27.25 1.90
N GLN B 222 -40.16 26.39 1.21
CA GLN B 222 -40.54 25.94 -0.12
C GLN B 222 -40.62 24.42 -0.15
N ARG B 223 -41.70 23.90 -0.73
CA ARG B 223 -41.89 22.47 -0.86
C ARG B 223 -41.45 21.93 -2.22
N GLY B 224 -41.08 22.81 -3.16
CA GLY B 224 -40.62 22.36 -4.45
C GLY B 224 -39.16 21.97 -4.45
N ARG B 225 -38.74 21.39 -5.58
CA ARG B 225 -37.36 20.95 -5.75
C ARG B 225 -36.92 21.24 -7.18
N MET B 226 -35.61 21.42 -7.35
CA MET B 226 -35.02 21.59 -8.67
C MET B 226 -33.74 20.76 -8.74
N ASP B 227 -33.61 19.97 -9.80
CA ASP B 227 -32.44 19.14 -10.03
C ASP B 227 -31.69 19.68 -11.25
N PHE B 228 -30.38 19.80 -11.12
CA PHE B 228 -29.55 20.37 -12.17
C PHE B 228 -28.60 19.32 -12.74
N PHE B 229 -28.23 19.50 -14.01
CA PHE B 229 -27.34 18.59 -14.71
C PHE B 229 -26.27 19.40 -15.43
N TRP B 230 -25.23 18.71 -15.90
CA TRP B 230 -24.12 19.35 -16.57
C TRP B 230 -23.52 18.40 -17.58
N THR B 231 -22.81 18.97 -18.55
CA THR B 231 -22.14 18.19 -19.58
C THR B 231 -21.02 19.01 -20.19
N ILE B 232 -20.14 18.33 -20.92
CA ILE B 232 -19.01 18.96 -21.60
C ILE B 232 -19.26 18.89 -23.10
N LEU B 233 -19.18 20.03 -23.77
CA LEU B 233 -19.44 20.12 -25.20
C LEU B 233 -18.14 20.16 -25.96
N LYS B 234 -18.05 19.35 -27.02
CA LYS B 234 -16.84 19.26 -27.81
C LYS B 234 -16.63 20.54 -28.63
N PRO B 235 -15.41 20.79 -29.10
CA PRO B 235 -15.13 22.03 -29.83
C PRO B 235 -15.94 22.22 -31.10
N ASP B 236 -16.48 21.14 -31.68
CA ASP B 236 -17.25 21.26 -32.91
C ASP B 236 -18.55 20.45 -32.85
N ASP B 237 -19.10 20.29 -31.65
CA ASP B 237 -20.35 19.57 -31.46
C ASP B 237 -21.52 20.55 -31.33
N ALA B 238 -22.72 19.99 -31.26
CA ALA B 238 -23.93 20.78 -31.09
C ALA B 238 -24.83 20.10 -30.06
N ILE B 239 -25.67 20.91 -29.42
CA ILE B 239 -26.59 20.43 -28.40
C ILE B 239 -28.00 20.92 -28.74
N HIS B 240 -28.98 20.04 -28.58
CA HIS B 240 -30.37 20.33 -28.94
C HIS B 240 -31.24 20.20 -27.71
N PHE B 241 -32.11 21.18 -27.50
CA PHE B 241 -33.05 21.19 -26.38
C PHE B 241 -34.47 21.12 -26.90
N GLU B 242 -35.33 20.45 -26.13
CA GLU B 242 -36.75 20.36 -26.49
C GLU B 242 -37.54 20.07 -25.22
N SER B 243 -38.52 20.93 -24.94
CA SER B 243 -39.35 20.77 -23.75
C SER B 243 -40.66 21.54 -23.95
N ASN B 244 -41.62 21.26 -23.07
CA ASN B 244 -42.90 21.96 -23.10
C ASN B 244 -43.36 22.33 -21.70
N GLY B 245 -42.43 22.55 -20.78
CA GLY B 245 -42.75 22.97 -19.44
C GLY B 245 -41.73 22.46 -18.45
N ASN B 246 -41.70 23.11 -17.27
CA ASN B 246 -40.81 22.73 -16.17
C ASN B 246 -39.35 22.74 -16.61
N PHE B 247 -38.99 23.69 -17.48
CA PHE B 247 -37.66 23.75 -18.06
C PHE B 247 -36.93 25.00 -17.57
N ILE B 248 -35.70 24.81 -17.10
CA ILE B 248 -34.82 25.91 -16.71
C ILE B 248 -33.74 26.01 -17.76
N ALA B 249 -33.67 27.15 -18.44
CA ALA B 249 -32.77 27.23 -19.59
C ALA B 249 -31.44 27.89 -19.20
N PRO B 250 -30.35 27.44 -19.80
CA PRO B 250 -29.06 28.08 -19.56
C PRO B 250 -28.96 29.43 -20.25
N GLU B 251 -28.09 30.28 -19.68
CA GLU B 251 -27.85 31.60 -20.26
C GLU B 251 -26.36 31.81 -20.49
N TYR B 252 -25.53 31.28 -19.60
CA TYR B 252 -24.09 31.48 -19.66
C TYR B 252 -23.38 30.14 -19.65
N ALA B 253 -22.21 30.11 -20.27
CA ALA B 253 -21.38 28.92 -20.34
C ALA B 253 -19.93 29.30 -20.11
N TYR B 254 -19.11 28.32 -19.73
CA TYR B 254 -17.72 28.54 -19.38
C TYR B 254 -16.81 27.83 -20.38
N LYS B 255 -15.79 28.55 -20.86
CA LYS B 255 -14.75 27.97 -21.69
C LYS B 255 -13.66 27.42 -20.78
N ILE B 256 -13.31 26.15 -20.97
CA ILE B 256 -12.47 25.42 -20.02
C ILE B 256 -11.37 24.67 -20.77
N VAL B 257 -10.16 24.74 -20.23
CA VAL B 257 -9.02 23.96 -20.72
C VAL B 257 -8.35 23.31 -19.51
N LYS B 258 -8.19 21.98 -19.58
CA LYS B 258 -7.69 21.22 -18.44
C LYS B 258 -6.46 20.42 -18.82
N LYS B 259 -5.45 20.46 -17.94
CA LYS B 259 -4.28 19.59 -18.08
C LYS B 259 -3.67 19.45 -16.68
N GLY B 260 -3.91 18.31 -16.04
CA GLY B 260 -3.43 18.03 -14.72
C GLY B 260 -4.57 17.70 -13.79
N ASP B 261 -4.26 17.53 -12.50
CA ASP B 261 -5.27 17.19 -11.52
C ASP B 261 -4.81 17.64 -10.14
N SER B 262 -5.78 17.95 -9.28
CA SER B 262 -5.51 18.36 -7.91
C SER B 262 -6.71 17.92 -7.06
N THR B 263 -6.82 18.48 -5.86
CA THR B 263 -7.92 18.16 -4.95
C THR B 263 -8.42 19.45 -4.31
N ILE B 264 -9.41 19.30 -3.43
CA ILE B 264 -10.04 20.43 -2.74
C ILE B 264 -9.64 20.38 -1.27
N MET B 265 -9.23 21.53 -0.73
CA MET B 265 -8.77 21.62 0.65
C MET B 265 -9.84 22.27 1.51
N LYS B 266 -10.13 21.66 2.66
CA LYS B 266 -11.04 22.21 3.65
C LYS B 266 -10.20 22.86 4.75
N SER B 267 -10.20 24.19 4.80
CA SER B 267 -9.39 24.92 5.76
C SER B 267 -9.99 26.30 5.96
N GLY B 268 -9.55 26.96 7.03
CA GLY B 268 -10.00 28.30 7.35
C GLY B 268 -8.86 29.29 7.48
N VAL B 269 -7.65 28.83 7.19
CA VAL B 269 -6.48 29.71 7.26
C VAL B 269 -6.53 30.74 6.14
N GLU B 270 -5.99 31.92 6.42
CA GLU B 270 -6.04 33.02 5.46
C GLU B 270 -4.83 32.98 4.53
N TYR B 271 -4.88 33.81 3.50
CA TYR B 271 -3.79 33.93 2.54
C TYR B 271 -2.67 34.80 3.09
N GLY B 272 -1.47 34.61 2.53
CA GLY B 272 -0.28 35.22 3.08
C GLY B 272 0.76 35.74 2.10
N HIS B 273 0.44 35.78 0.80
CA HIS B 273 1.35 36.34 -0.21
C HIS B 273 2.70 35.60 -0.20
N CYS B 274 2.63 34.35 -0.62
CA CYS B 274 3.64 33.33 -0.33
C CYS B 274 3.81 32.41 -1.53
N ASN B 275 4.98 31.78 -1.59
CA ASN B 275 5.28 30.79 -2.63
C ASN B 275 5.99 29.61 -1.99
N THR B 276 5.33 28.44 -2.00
CA THR B 276 5.87 27.23 -1.41
C THR B 276 5.84 26.09 -2.43
N LYS B 277 6.21 24.90 -1.98
CA LYS B 277 6.15 23.68 -2.77
C LYS B 277 5.24 22.62 -2.17
N CYS B 278 5.14 22.56 -0.84
CA CYS B 278 4.25 21.63 -0.16
C CYS B 278 3.28 22.42 0.70
N GLN B 279 2.00 22.06 0.65
CA GLN B 279 0.94 22.79 1.34
C GLN B 279 0.12 21.84 2.20
N THR B 280 -0.25 22.31 3.39
CA THR B 280 -1.06 21.57 4.34
C THR B 280 -2.20 22.45 4.80
N PRO B 281 -3.30 21.86 5.30
CA PRO B 281 -4.43 22.69 5.75
C PRO B 281 -4.09 23.62 6.89
N VAL B 282 -3.02 23.36 7.66
CA VAL B 282 -2.64 24.22 8.77
C VAL B 282 -1.50 25.16 8.44
N GLY B 283 -0.84 25.00 7.29
CA GLY B 283 0.27 25.85 6.93
C GLY B 283 1.05 25.26 5.78
N ALA B 284 2.16 25.91 5.47
CA ALA B 284 3.03 25.55 4.36
C ALA B 284 4.39 25.13 4.89
N ILE B 285 5.00 24.16 4.23
CA ILE B 285 6.30 23.63 4.64
C ILE B 285 7.26 23.66 3.48
N ASN B 286 8.48 24.09 3.75
CA ASN B 286 9.58 23.76 2.86
C ASN B 286 10.76 23.33 3.71
N SER B 287 11.36 22.21 3.32
CA SER B 287 12.45 21.57 4.04
C SER B 287 13.04 20.55 3.08
N SER B 288 14.16 19.97 3.47
CA SER B 288 14.78 18.89 2.71
C SER B 288 14.70 17.57 3.45
N MET B 289 14.15 17.57 4.67
CA MET B 289 14.15 16.38 5.49
C MET B 289 13.17 15.34 4.93
N PRO B 290 13.48 14.05 5.08
CA PRO B 290 12.64 13.01 4.46
C PRO B 290 11.35 12.73 5.19
N PHE B 291 11.16 13.20 6.42
CA PHE B 291 10.00 12.85 7.21
C PHE B 291 9.41 14.08 7.89
N HIS B 292 8.12 14.00 8.19
CA HIS B 292 7.41 15.07 8.88
C HIS B 292 6.22 14.48 9.62
N ASN B 293 5.69 15.26 10.57
CA ASN B 293 4.54 14.82 11.35
C ASN B 293 3.53 15.95 11.53
N ILE B 294 3.36 16.79 10.50
CA ILE B 294 2.50 17.96 10.64
C ILE B 294 1.03 17.59 10.47
N HIS B 295 0.66 17.07 9.31
CA HIS B 295 -0.74 16.81 9.01
C HIS B 295 -0.86 15.68 7.99
N PRO B 296 -1.81 14.76 8.18
CA PRO B 296 -1.95 13.66 7.21
C PRO B 296 -2.28 14.12 5.79
N LEU B 297 -3.04 15.19 5.63
CA LEU B 297 -3.48 15.64 4.31
C LEU B 297 -2.48 16.66 3.76
N THR B 298 -1.91 16.35 2.60
CA THR B 298 -0.93 17.22 1.97
C THR B 298 -1.18 17.28 0.47
N ILE B 299 -0.66 18.33 -0.16
CA ILE B 299 -0.72 18.50 -1.60
C ILE B 299 0.63 18.98 -2.10
N GLY B 300 1.18 18.31 -3.10
CA GLY B 300 2.44 18.68 -3.69
C GLY B 300 3.55 17.70 -3.34
N GLU B 301 4.78 18.19 -3.48
CA GLU B 301 5.97 17.40 -3.18
C GLU B 301 6.28 17.51 -1.68
N CYS B 302 5.67 16.62 -0.91
CA CYS B 302 5.80 16.68 0.53
C CYS B 302 6.57 15.47 1.06
N PRO B 303 7.26 15.60 2.19
CA PRO B 303 7.92 14.45 2.81
C PRO B 303 6.89 13.45 3.33
N LYS B 304 7.41 12.30 3.74
CA LYS B 304 6.55 11.23 4.23
C LYS B 304 6.05 11.52 5.64
N TYR B 305 4.89 10.95 5.97
CA TYR B 305 4.21 11.18 7.23
C TYR B 305 4.52 10.04 8.19
N VAL B 306 4.96 10.38 9.41
CA VAL B 306 5.26 9.40 10.44
C VAL B 306 4.64 9.87 11.75
N LYS B 307 4.59 8.95 12.71
CA LYS B 307 3.97 9.22 14.01
C LYS B 307 4.99 9.62 15.08
N SER B 308 6.26 9.30 14.88
CA SER B 308 7.27 9.55 15.91
C SER B 308 7.44 11.04 16.15
N ASN B 309 7.82 11.39 17.38
CA ASN B 309 8.02 12.77 17.78
C ASN B 309 9.47 13.22 17.70
N LYS B 310 10.42 12.28 17.74
CA LYS B 310 11.83 12.62 17.74
C LYS B 310 12.59 11.60 16.90
N LEU B 311 13.50 12.10 16.05
CA LEU B 311 14.29 11.24 15.16
C LEU B 311 15.65 11.90 15.00
N VAL B 312 16.61 11.47 15.82
CA VAL B 312 17.90 12.13 15.94
C VAL B 312 19.00 11.15 15.55
N LEU B 313 19.88 11.59 14.66
CA LEU B 313 21.05 10.82 14.26
C LEU B 313 22.29 11.34 14.97
N ALA B 314 23.23 10.45 15.26
CA ALA B 314 24.45 10.78 15.96
C ALA B 314 25.57 11.01 14.96
N THR B 315 26.27 12.14 15.12
CA THR B 315 27.36 12.53 14.24
C THR B 315 28.58 12.96 15.05
N GLY B 316 28.80 12.32 16.19
CA GLY B 316 29.92 12.68 17.03
C GLY B 316 30.35 11.54 17.91
N LEU B 317 31.22 11.86 18.87
CA LEU B 317 31.76 10.87 19.79
C LEU B 317 30.89 10.79 21.05
N ARG B 318 31.20 9.80 21.89
CA ARG B 318 30.47 9.61 23.14
C ARG B 318 31.03 10.55 24.20
N ASN B 319 30.21 11.49 24.67
CA ASN B 319 30.66 12.44 25.66
C ASN B 319 30.61 11.84 27.06
N SER B 320 31.27 12.51 28.00
CA SER B 320 31.32 12.05 29.38
C SER B 320 31.28 13.23 30.36
N ILE B 335 47.62 14.26 31.49
CA ILE B 335 47.71 13.02 32.26
C ILE B 335 46.40 12.24 32.16
N ALA B 336 46.23 11.55 31.04
CA ALA B 336 45.05 10.74 30.80
C ALA B 336 45.41 9.66 29.79
N GLY B 337 44.41 8.99 29.23
CA GLY B 337 44.65 7.94 28.27
C GLY B 337 43.42 7.66 27.45
N PHE B 338 43.48 6.57 26.67
CA PHE B 338 42.34 6.17 25.86
C PHE B 338 41.13 5.86 26.74
N ILE B 339 41.23 4.83 27.56
CA ILE B 339 40.09 4.46 28.38
C ILE B 339 40.08 5.22 29.70
N GLU B 340 39.79 6.51 29.61
CA GLU B 340 39.44 7.37 30.74
C GLU B 340 38.22 8.22 30.45
N GLY B 341 38.06 8.67 29.21
CA GLY B 341 37.05 9.63 28.84
C GLY B 341 37.58 10.54 27.75
N GLY B 342 36.94 11.70 27.60
CA GLY B 342 37.36 12.67 26.62
C GLY B 342 38.35 13.67 27.18
N TRP B 343 38.84 14.54 26.29
CA TRP B 343 39.75 15.62 26.64
C TRP B 343 39.04 16.94 26.39
N GLN B 344 38.64 17.62 27.47
CA GLN B 344 38.00 18.93 27.34
C GLN B 344 38.96 19.96 26.78
N GLY B 345 40.23 19.87 27.14
CA GLY B 345 41.19 20.90 26.79
C GLY B 345 41.69 20.89 25.36
N MET B 346 41.53 19.79 24.63
CA MET B 346 42.07 19.72 23.27
C MET B 346 40.94 20.07 22.31
N VAL B 347 40.99 21.31 21.83
CA VAL B 347 40.11 21.82 20.79
C VAL B 347 40.71 21.48 19.43
N ASP B 348 39.93 21.70 18.37
CA ASP B 348 40.43 21.60 16.99
C ASP B 348 40.94 20.19 16.68
N GLY B 349 40.01 19.26 16.69
CA GLY B 349 40.30 17.89 16.29
C GLY B 349 39.36 16.91 16.98
N TRP B 350 39.32 15.70 16.42
CA TRP B 350 38.56 14.59 16.99
C TRP B 350 39.47 13.56 17.64
N TYR B 351 40.55 13.17 16.96
CA TYR B 351 41.57 12.30 17.52
C TYR B 351 42.90 13.04 17.53
N GLY B 352 43.75 12.68 18.49
CA GLY B 352 45.04 13.33 18.58
C GLY B 352 45.86 12.75 19.72
N TYR B 353 47.02 13.37 19.93
CA TYR B 353 47.97 12.93 20.95
C TYR B 353 48.18 14.04 21.96
N HIS B 354 48.25 13.67 23.24
CA HIS B 354 48.70 14.57 24.29
C HIS B 354 50.17 14.32 24.54
N HIS B 355 50.97 15.38 24.46
CA HIS B 355 52.42 15.27 24.54
C HIS B 355 52.91 15.89 25.85
N SER B 356 53.98 15.30 26.39
CA SER B 356 54.55 15.80 27.64
C SER B 356 56.02 15.37 27.70
N ASN B 357 56.92 16.31 27.53
CA ASN B 357 58.36 16.09 27.69
C ASN B 357 58.89 17.07 28.74
N GLU B 358 60.20 17.09 28.91
CA GLU B 358 60.80 18.01 29.88
C GLU B 358 60.72 19.46 29.44
N GLN B 359 60.54 19.72 28.14
CA GLN B 359 60.32 21.09 27.69
C GLN B 359 58.96 21.61 28.13
N GLY B 360 57.93 20.77 28.10
CA GLY B 360 56.61 21.18 28.47
C GLY B 360 55.58 20.14 28.10
N SER B 361 54.33 20.58 28.02
CA SER B 361 53.21 19.69 27.69
C SER B 361 52.22 20.45 26.82
N GLY B 362 51.38 19.69 26.12
CA GLY B 362 50.40 20.29 25.25
C GLY B 362 49.58 19.23 24.54
N TYR B 363 48.91 19.65 23.47
CA TYR B 363 48.05 18.77 22.71
C TYR B 363 48.36 18.90 21.22
N ALA B 364 48.06 17.83 20.48
CA ALA B 364 48.21 17.82 19.03
C ALA B 364 47.16 16.88 18.45
N ALA B 365 46.71 17.18 17.24
CA ALA B 365 45.65 16.44 16.59
C ALA B 365 46.14 15.78 15.31
N ASP B 366 45.56 14.62 14.99
CA ASP B 366 45.86 13.91 13.76
C ASP B 366 44.84 14.33 12.70
N LYS B 367 45.32 14.99 11.64
CA LYS B 367 44.42 15.59 10.67
C LYS B 367 43.78 14.53 9.77
N GLU B 368 44.56 13.52 9.36
CA GLU B 368 44.07 12.58 8.35
C GLU B 368 42.89 11.77 8.86
N SER B 369 43.02 11.18 10.05
CA SER B 369 41.93 10.35 10.58
C SER B 369 40.68 11.18 10.83
N THR B 370 40.85 12.39 11.37
CA THR B 370 39.70 13.25 11.62
C THR B 370 38.99 13.62 10.32
N GLN B 371 39.77 13.95 9.28
CA GLN B 371 39.17 14.28 7.99
C GLN B 371 38.43 13.07 7.42
N LYS B 372 39.02 11.88 7.53
CA LYS B 372 38.36 10.69 7.02
C LYS B 372 37.05 10.43 7.75
N ALA B 373 37.06 10.56 9.08
CA ALA B 373 35.84 10.32 9.85
C ALA B 373 34.76 11.35 9.52
N ILE B 374 35.14 12.61 9.39
CA ILE B 374 34.18 13.66 9.06
C ILE B 374 33.56 13.40 7.69
N ASP B 375 34.40 13.05 6.71
CA ASP B 375 33.90 12.75 5.38
C ASP B 375 32.94 11.57 5.41
N GLY B 376 33.29 10.52 6.15
CA GLY B 376 32.43 9.35 6.21
C GLY B 376 31.07 9.66 6.83
N VAL B 377 31.07 10.40 7.94
CA VAL B 377 29.81 10.74 8.61
C VAL B 377 28.96 11.63 7.71
N THR B 378 29.59 12.62 7.07
CA THR B 378 28.83 13.50 6.17
C THR B 378 28.25 12.72 5.01
N ASN B 379 29.03 11.79 4.44
CA ASN B 379 28.51 10.97 3.34
C ASN B 379 27.34 10.11 3.80
N LYS B 380 27.42 9.53 4.99
CA LYS B 380 26.32 8.73 5.50
C LYS B 380 25.05 9.56 5.63
N VAL B 381 25.17 10.74 6.26
CA VAL B 381 23.99 11.58 6.46
C VAL B 381 23.41 12.02 5.13
N ASN B 382 24.27 12.45 4.20
CA ASN B 382 23.80 12.92 2.90
C ASN B 382 23.13 11.79 2.12
N SER B 383 23.69 10.58 2.17
CA SER B 383 23.07 9.46 1.48
C SER B 383 21.70 9.15 2.06
N ILE B 384 21.60 9.13 3.40
CA ILE B 384 20.30 8.85 4.02
C ILE B 384 19.28 9.90 3.61
N ILE B 385 19.68 11.17 3.57
CA ILE B 385 18.74 12.23 3.21
C ILE B 385 18.35 12.15 1.75
N ASP B 386 19.32 11.95 0.86
CA ASP B 386 19.12 12.13 -0.57
C ASP B 386 18.66 10.88 -1.30
N LYS B 387 18.68 9.70 -0.66
CA LYS B 387 18.21 8.50 -1.32
C LYS B 387 16.70 8.38 -1.34
N MET B 388 15.97 9.47 -1.07
CA MET B 388 14.52 9.43 -1.01
C MET B 388 13.93 9.98 -2.30
N ASN B 389 12.89 9.32 -2.79
CA ASN B 389 12.22 9.70 -4.04
C ASN B 389 10.88 10.34 -3.72
N THR B 390 10.63 11.51 -4.32
CA THR B 390 9.42 12.28 -4.06
C THR B 390 8.65 12.49 -5.35
N GLN B 391 7.33 12.40 -5.27
CA GLN B 391 6.44 12.59 -6.41
C GLN B 391 5.27 13.49 -6.02
N PHE B 392 4.69 14.13 -7.01
CA PHE B 392 3.53 14.99 -6.79
C PHE B 392 2.31 14.13 -6.44
N GLU B 393 1.60 14.52 -5.39
CA GLU B 393 0.42 13.79 -4.93
C GLU B 393 -0.61 14.78 -4.41
N ALA B 394 -1.87 14.35 -4.44
CA ALA B 394 -2.99 15.10 -3.89
C ALA B 394 -3.80 14.19 -2.99
N VAL B 395 -3.93 14.55 -1.73
CA VAL B 395 -4.60 13.73 -0.72
C VAL B 395 -5.80 14.52 -0.20
N GLY B 396 -6.97 13.87 -0.20
CA GLY B 396 -8.18 14.50 0.29
C GLY B 396 -9.31 13.51 0.36
N ARG B 397 -10.42 13.96 0.94
CA ARG B 397 -11.62 13.14 1.07
C ARG B 397 -12.62 13.56 0.00
N GLU B 398 -12.96 12.65 -0.90
CA GLU B 398 -13.80 12.96 -2.06
C GLU B 398 -14.88 11.90 -2.23
N PHE B 399 -15.57 11.53 -1.17
CA PHE B 399 -16.63 10.54 -1.23
C PHE B 399 -17.82 10.98 -0.41
N ASN B 400 -19.02 10.64 -0.88
CA ASN B 400 -20.26 11.08 -0.27
C ASN B 400 -20.71 10.06 0.78
N ASN B 401 -21.95 10.21 1.25
CA ASN B 401 -22.46 9.37 2.33
C ASN B 401 -22.80 7.96 1.88
N LEU B 402 -22.94 7.73 0.57
CA LEU B 402 -23.32 6.42 0.05
C LEU B 402 -22.14 5.66 -0.55
N GLU B 403 -20.92 6.04 -0.21
CA GLU B 403 -19.71 5.38 -0.70
C GLU B 403 -18.74 5.14 0.45
N ARG B 404 -19.28 4.61 1.56
CA ARG B 404 -18.47 4.43 2.77
C ARG B 404 -17.41 3.36 2.59
N ARG B 405 -17.68 2.32 1.79
CA ARG B 405 -16.72 1.23 1.63
C ARG B 405 -15.42 1.72 0.99
N ILE B 406 -15.52 2.57 -0.03
CA ILE B 406 -14.33 3.09 -0.68
C ILE B 406 -13.55 3.99 0.28
N GLU B 407 -14.27 4.76 1.10
CA GLU B 407 -13.60 5.59 2.11
C GLU B 407 -12.85 4.73 3.12
N ASN B 408 -13.46 3.60 3.53
CA ASN B 408 -12.76 2.68 4.43
C ASN B 408 -11.53 2.09 3.77
N LEU B 409 -11.62 1.78 2.48
CA LEU B 409 -10.46 1.27 1.75
C LEU B 409 -9.33 2.30 1.73
N ASN B 410 -9.68 3.57 1.50
CA ASN B 410 -8.67 4.63 1.49
C ASN B 410 -8.06 4.80 2.88
N LYS B 411 -8.87 4.68 3.92
CA LYS B 411 -8.32 4.78 5.28
C LYS B 411 -7.35 3.63 5.56
N LYS B 412 -7.69 2.42 5.12
CA LYS B 412 -6.78 1.29 5.29
C LYS B 412 -5.47 1.52 4.55
N MET B 413 -5.57 1.98 3.30
CA MET B 413 -4.43 2.52 2.57
C MET B 413 -3.52 3.36 3.46
N GLU B 414 -4.05 4.49 3.93
CA GLU B 414 -3.23 5.48 4.61
C GLU B 414 -2.62 4.91 5.88
N ASP B 415 -3.42 4.14 6.64
CA ASP B 415 -2.91 3.59 7.89
C ASP B 415 -1.78 2.60 7.64
N GLY B 416 -1.93 1.73 6.64
CA GLY B 416 -0.86 0.79 6.35
C GLY B 416 0.43 1.47 5.93
N PHE B 417 0.31 2.47 5.04
CA PHE B 417 1.52 3.19 4.62
C PHE B 417 2.19 3.89 5.79
N LEU B 418 1.38 4.52 6.66
CA LEU B 418 1.94 5.20 7.81
C LEU B 418 2.69 4.24 8.73
N ASP B 419 2.08 3.07 9.00
CA ASP B 419 2.73 2.10 9.87
C ASP B 419 4.06 1.63 9.28
N VAL B 420 4.06 1.32 7.98
CA VAL B 420 5.27 0.83 7.34
C VAL B 420 6.38 1.87 7.44
N TRP B 421 6.06 3.12 7.09
CA TRP B 421 7.09 4.15 7.10
C TRP B 421 7.62 4.40 8.50
N THR B 422 6.72 4.45 9.50
CA THR B 422 7.16 4.71 10.86
C THR B 422 8.11 3.62 11.35
N TYR B 423 7.71 2.35 11.16
CA TYR B 423 8.56 1.25 11.64
C TYR B 423 9.91 1.26 10.96
N ASN B 424 9.93 1.43 9.63
CA ASN B 424 11.19 1.41 8.91
C ASN B 424 12.10 2.55 9.36
N ALA B 425 11.54 3.75 9.50
CA ALA B 425 12.36 4.90 9.89
C ALA B 425 12.94 4.70 11.28
N GLU B 426 12.14 4.24 12.23
CA GLU B 426 12.64 4.06 13.59
C GLU B 426 13.76 3.03 13.63
N LEU B 427 13.54 1.87 12.98
CA LEU B 427 14.57 0.83 13.03
C LEU B 427 15.85 1.28 12.35
N LEU B 428 15.72 1.95 11.19
CA LEU B 428 16.91 2.44 10.49
C LEU B 428 17.68 3.42 11.34
N VAL B 429 16.97 4.36 11.98
CA VAL B 429 17.66 5.36 12.81
C VAL B 429 18.40 4.68 13.95
N LEU B 430 17.75 3.74 14.63
CA LEU B 430 18.40 3.07 15.75
C LEU B 430 19.66 2.33 15.30
N MET B 431 19.55 1.58 14.19
CA MET B 431 20.67 0.75 13.76
C MET B 431 21.83 1.60 13.25
N GLU B 432 21.52 2.67 12.52
CA GLU B 432 22.59 3.55 12.03
C GLU B 432 23.27 4.28 13.18
N ASN B 433 22.49 4.68 14.21
CA ASN B 433 23.12 5.26 15.38
C ASN B 433 24.06 4.28 16.06
N GLU B 434 23.63 3.01 16.17
CA GLU B 434 24.49 1.98 16.73
C GLU B 434 25.81 1.89 15.96
N ARG B 435 25.73 1.81 14.63
CA ARG B 435 26.95 1.67 13.84
C ARG B 435 27.86 2.89 13.97
N THR B 436 27.28 4.08 13.84
CA THR B 436 28.08 5.30 13.88
C THR B 436 28.71 5.53 15.25
N LEU B 437 28.05 5.09 16.31
CA LEU B 437 28.57 5.35 17.65
C LEU B 437 29.90 4.66 17.89
N ASP B 438 30.04 3.41 17.43
CA ASP B 438 31.27 2.66 17.62
C ASP B 438 32.14 2.60 16.38
N PHE B 439 31.79 3.35 15.32
CA PHE B 439 32.71 3.46 14.19
C PHE B 439 34.05 4.07 14.60
N HIS B 440 34.02 5.10 15.46
CA HIS B 440 35.23 5.84 15.80
C HIS B 440 36.22 5.02 16.63
N ASP B 441 35.72 4.06 17.41
CA ASP B 441 36.60 3.26 18.26
C ASP B 441 37.62 2.50 17.42
N SER B 442 37.20 2.02 16.24
CA SER B 442 38.13 1.30 15.38
C SER B 442 39.29 2.18 14.95
N ASN B 443 39.00 3.42 14.54
CA ASN B 443 40.08 4.32 14.11
C ASN B 443 41.00 4.68 15.28
N VAL B 444 40.42 4.92 16.46
CA VAL B 444 41.28 5.26 17.60
C VAL B 444 42.17 4.08 17.97
N LYS B 445 41.60 2.86 17.98
CA LYS B 445 42.43 1.68 18.22
C LYS B 445 43.51 1.52 17.18
N ASN B 446 43.19 1.83 15.91
CA ASN B 446 44.18 1.74 14.84
C ASN B 446 45.34 2.70 15.08
N LEU B 447 45.03 3.93 15.47
CA LEU B 447 46.09 4.87 15.83
C LEU B 447 46.94 4.31 16.96
N TYR B 448 46.28 3.71 17.95
CA TYR B 448 47.02 3.23 19.12
C TYR B 448 47.99 2.12 18.75
N ASP B 449 47.53 1.10 18.03
CA ASP B 449 48.49 0.04 17.74
C ASP B 449 49.48 0.47 16.67
N LYS B 450 49.16 1.49 15.88
CA LYS B 450 50.13 2.01 14.93
C LYS B 450 51.31 2.65 15.68
N VAL B 451 51.02 3.51 16.66
CA VAL B 451 52.10 4.13 17.42
C VAL B 451 52.83 3.08 18.25
N ARG B 452 52.09 2.08 18.76
CA ARG B 452 52.75 0.99 19.49
C ARG B 452 53.69 0.20 18.59
N LEU B 453 53.28 -0.06 17.35
CA LEU B 453 54.11 -0.79 16.40
C LEU B 453 55.38 -0.02 16.11
N GLN B 454 55.27 1.29 15.88
CA GLN B 454 56.49 2.06 15.65
C GLN B 454 57.37 2.11 16.90
N LEU B 455 56.76 2.17 18.09
CA LEU B 455 57.54 2.29 19.31
C LEU B 455 58.31 1.01 19.60
N ARG B 456 57.66 -0.15 19.44
CA ARG B 456 58.25 -1.47 19.77
C ARG B 456 58.55 -1.45 21.27
N ASP B 457 59.75 -1.84 21.72
CA ASP B 457 60.03 -2.01 23.13
C ASP B 457 60.95 -0.92 23.69
N ASN B 458 61.10 0.19 22.97
CA ASN B 458 61.92 1.29 23.48
C ASN B 458 61.30 2.00 24.67
N ALA B 459 60.02 1.74 24.97
CA ALA B 459 59.33 2.32 26.11
C ALA B 459 58.47 1.23 26.76
N LYS B 460 57.77 1.61 27.82
CA LYS B 460 56.95 0.67 28.58
C LYS B 460 55.52 1.17 28.62
N GLU B 461 54.57 0.24 28.48
CA GLU B 461 53.15 0.59 28.43
C GLU B 461 52.58 0.68 29.84
N LEU B 462 52.13 1.87 30.24
CA LEU B 462 51.44 2.02 31.50
C LEU B 462 50.12 1.27 31.55
N GLY B 463 49.55 0.92 30.40
CA GLY B 463 48.31 0.18 30.35
C GLY B 463 47.05 1.03 30.31
N ASN B 464 47.17 2.32 30.60
CA ASN B 464 46.03 3.23 30.53
C ASN B 464 45.94 3.96 29.20
N GLY B 465 46.84 3.69 28.26
CA GLY B 465 46.84 4.34 26.98
C GLY B 465 48.08 5.17 26.67
N CYS B 466 49.12 5.09 27.48
CA CYS B 466 50.34 5.86 27.27
C CYS B 466 51.55 4.94 27.21
N PHE B 467 52.70 5.52 26.88
CA PHE B 467 53.98 4.81 26.84
C PHE B 467 55.01 5.65 27.58
N GLU B 468 55.69 5.04 28.55
CA GLU B 468 56.69 5.74 29.35
C GLU B 468 58.04 5.58 28.66
N PHE B 469 58.56 6.69 28.13
CA PHE B 469 59.82 6.64 27.38
C PHE B 469 60.98 6.39 28.33
N TYR B 470 61.83 5.42 28.00
CA TYR B 470 63.02 5.18 28.80
C TYR B 470 64.09 6.23 28.56
N HIS B 471 64.27 6.64 27.31
CA HIS B 471 65.27 7.62 26.94
C HIS B 471 64.62 8.99 26.74
N LYS B 472 65.41 9.95 26.30
CA LYS B 472 64.94 11.32 26.09
C LYS B 472 64.53 11.50 24.64
N CYS B 473 63.34 12.07 24.44
CA CYS B 473 62.78 12.33 23.11
C CYS B 473 62.43 13.81 23.03
N ASP B 474 63.22 14.58 22.29
CA ASP B 474 63.01 16.01 22.17
C ASP B 474 61.85 16.30 21.23
N ASN B 475 61.55 17.59 21.06
CA ASN B 475 60.39 18.00 20.25
C ASN B 475 60.52 17.50 18.82
N GLU B 476 61.73 17.51 18.27
CA GLU B 476 61.94 16.96 16.92
C GLU B 476 61.63 15.47 16.90
N CYS B 477 62.09 14.74 17.92
CA CYS B 477 61.80 13.31 18.00
C CYS B 477 60.31 13.06 18.18
N MET B 478 59.64 13.90 18.98
CA MET B 478 58.21 13.74 19.21
C MET B 478 57.43 13.99 17.92
N GLU B 479 57.79 15.04 17.18
CA GLU B 479 57.15 15.31 15.90
C GLU B 479 57.43 14.19 14.90
N SER B 480 58.63 13.61 14.94
CA SER B 480 58.94 12.47 14.08
C SER B 480 58.07 11.27 14.42
N VAL B 481 57.86 11.03 15.73
CA VAL B 481 56.99 9.93 16.15
C VAL B 481 55.57 10.15 15.65
N ARG B 482 55.07 11.38 15.79
CA ARG B 482 53.72 11.68 15.30
C ARG B 482 53.65 11.53 13.78
N ASN B 483 54.70 11.96 13.08
CA ASN B 483 54.70 11.89 11.61
C ASN B 483 54.78 10.45 11.13
N GLY B 484 55.52 9.60 11.84
CA GLY B 484 55.69 8.22 11.42
C GLY B 484 57.10 7.91 10.96
N THR B 485 58.09 8.53 11.59
CA THR B 485 59.50 8.32 11.27
C THR B 485 60.27 8.20 12.58
N TYR B 486 60.43 6.97 13.05
CA TYR B 486 61.14 6.68 14.30
C TYR B 486 62.34 5.79 14.00
N ASP B 487 63.48 6.13 14.61
CA ASP B 487 64.72 5.37 14.44
C ASP B 487 64.98 4.57 15.71
N TYR B 488 64.67 3.28 15.66
CA TYR B 488 64.93 2.41 16.81
C TYR B 488 66.42 2.33 17.17
N PRO B 489 67.35 2.09 16.24
CA PRO B 489 68.76 1.93 16.65
C PRO B 489 69.36 3.16 17.30
N GLN B 490 68.79 4.35 17.08
CA GLN B 490 69.39 5.56 17.63
C GLN B 490 69.37 5.55 19.15
N TYR B 491 68.27 5.13 19.75
CA TYR B 491 68.12 5.15 21.20
C TYR B 491 68.09 3.76 21.83
N SER B 492 68.31 2.70 21.02
CA SER B 492 68.19 1.35 21.54
C SER B 492 69.22 1.08 22.64
N GLU B 493 70.47 1.49 22.42
CA GLU B 493 71.51 1.27 23.42
C GLU B 493 71.21 2.02 24.71
N GLU B 494 70.75 3.27 24.60
CA GLU B 494 70.41 4.04 25.79
C GLU B 494 69.27 3.39 26.55
N ALA B 495 68.24 2.92 25.83
CA ALA B 495 67.14 2.22 26.50
C ALA B 495 67.62 0.95 27.17
N ARG B 496 68.55 0.24 26.53
CA ARG B 496 69.10 -0.98 27.12
C ARG B 496 69.84 -0.68 28.42
N LEU B 497 70.65 0.38 28.43
CA LEU B 497 71.32 0.76 29.67
C LEU B 497 70.31 1.16 30.74
N LYS B 498 69.29 1.93 30.37
CA LYS B 498 68.27 2.31 31.34
C LYS B 498 67.40 1.15 31.78
N ARG B 499 67.41 0.04 31.04
CA ARG B 499 66.68 -1.15 31.42
C ARG B 499 67.52 -1.97 32.40
N GLU B 500 67.02 -2.12 33.62
CA GLU B 500 67.74 -2.86 34.65
C GLU B 500 66.80 -3.30 35.77
N ASP C 1 50.04 -24.66 37.13
CA ASP C 1 49.36 -23.38 37.26
C ASP C 1 49.20 -22.69 35.90
N GLN C 2 47.95 -22.34 35.59
CA GLN C 2 47.62 -21.63 34.36
C GLN C 2 46.26 -20.96 34.56
N ILE C 3 45.98 -19.94 33.75
CA ILE C 3 44.70 -19.25 33.79
C ILE C 3 44.17 -19.19 32.35
N CYS C 4 42.88 -19.49 32.19
CA CYS C 4 42.26 -19.54 30.87
C CYS C 4 40.96 -18.76 30.88
N ILE C 5 40.56 -18.32 29.68
CA ILE C 5 39.35 -17.53 29.47
C ILE C 5 38.43 -18.32 28.55
N GLY C 6 37.17 -18.49 28.97
CA GLY C 6 36.21 -19.24 28.19
C GLY C 6 34.81 -18.67 28.27
N TYR C 7 33.82 -19.43 27.81
CA TYR C 7 32.44 -18.96 27.80
C TYR C 7 31.50 -20.11 28.11
N HIS C 8 30.29 -19.75 28.55
CA HIS C 8 29.30 -20.72 29.00
C HIS C 8 28.81 -21.60 27.86
N ALA C 9 28.48 -22.84 28.20
CA ALA C 9 27.91 -23.78 27.25
C ALA C 9 26.93 -24.70 27.98
N ASN C 10 26.00 -25.27 27.23
CA ASN C 10 24.97 -26.13 27.80
C ASN C 10 24.60 -27.20 26.76
N ASN C 11 23.48 -27.88 27.00
CA ASN C 11 23.04 -28.97 26.16
C ASN C 11 21.92 -28.57 25.21
N SER C 12 21.74 -27.27 24.99
CA SER C 12 20.68 -26.78 24.11
C SER C 12 20.96 -27.20 22.66
N THR C 13 19.87 -27.43 21.91
CA THR C 13 19.96 -27.84 20.51
C THR C 13 19.19 -26.89 19.59
N GLU C 14 18.82 -25.72 20.06
CA GLU C 14 18.10 -24.77 19.22
C GLU C 14 19.01 -24.26 18.11
N GLN C 15 18.42 -23.97 16.95
CA GLN C 15 19.16 -23.60 15.76
C GLN C 15 18.60 -22.31 15.18
N VAL C 16 19.49 -21.44 14.73
CA VAL C 16 19.12 -20.17 14.10
C VAL C 16 19.90 -20.04 12.79
N ASP C 17 19.50 -19.04 12.00
CA ASP C 17 20.12 -18.77 10.71
C ASP C 17 20.65 -17.34 10.68
N THR C 18 21.80 -17.17 10.04
CA THR C 18 22.42 -15.87 9.86
C THR C 18 22.52 -15.55 8.36
N ILE C 19 23.11 -14.40 8.06
CA ILE C 19 23.27 -14.00 6.67
C ILE C 19 24.23 -14.94 5.95
N MET C 20 25.32 -15.33 6.61
CA MET C 20 26.35 -16.12 5.94
C MET C 20 26.28 -17.61 6.24
N GLU C 21 25.80 -18.02 7.43
CA GLU C 21 25.70 -19.44 7.75
C GLU C 21 24.23 -19.81 7.97
N LYS C 22 23.96 -21.12 7.89
CA LYS C 22 22.64 -21.68 8.16
C LYS C 22 22.78 -22.89 9.09
N ASN C 23 21.78 -23.10 9.94
CA ASN C 23 21.84 -24.10 11.01
C ASN C 23 23.07 -23.91 11.91
N VAL C 24 23.06 -22.77 12.60
CA VAL C 24 24.01 -22.49 13.67
C VAL C 24 23.34 -22.74 15.01
N THR C 25 23.97 -23.57 15.85
CA THR C 25 23.39 -23.91 17.13
C THR C 25 23.72 -22.86 18.18
N VAL C 26 22.72 -22.50 18.99
CA VAL C 26 22.87 -21.48 20.01
C VAL C 26 22.36 -22.02 21.34
N THR C 27 22.83 -21.39 22.43
CA THR C 27 22.44 -21.82 23.76
C THR C 27 21.02 -21.40 24.11
N HIS C 28 20.64 -20.17 23.73
CA HIS C 28 19.31 -19.66 24.02
C HIS C 28 18.76 -18.94 22.81
N ALA C 29 17.44 -18.97 22.65
CA ALA C 29 16.79 -18.33 21.52
C ALA C 29 15.38 -17.92 21.92
N GLN C 30 14.81 -17.00 21.15
CA GLN C 30 13.46 -16.51 21.39
C GLN C 30 12.72 -16.37 20.07
N ASP C 31 11.43 -16.68 20.10
CA ASP C 31 10.57 -16.60 18.92
C ASP C 31 9.71 -15.35 18.99
N ILE C 32 9.49 -14.72 17.84
CA ILE C 32 8.70 -13.50 17.78
C ILE C 32 7.56 -13.64 16.78
N LEU C 33 7.12 -14.88 16.57
CA LEU C 33 6.00 -15.18 15.68
C LEU C 33 4.91 -15.89 16.48
N GLU C 34 3.66 -15.46 16.28
CA GLU C 34 2.52 -16.04 16.97
C GLU C 34 1.84 -17.06 16.08
N LYS C 35 1.57 -18.25 16.62
CA LYS C 35 1.01 -19.32 15.82
C LYS C 35 -0.10 -20.09 16.53
N THR C 36 -0.71 -19.53 17.57
CA THR C 36 -1.72 -20.23 18.35
C THR C 36 -2.94 -19.35 18.56
N HIS C 37 -4.08 -20.00 18.79
CA HIS C 37 -5.34 -19.31 19.05
C HIS C 37 -6.23 -20.20 19.89
N ASN C 38 -7.21 -19.59 20.55
CA ASN C 38 -8.13 -20.33 21.42
C ASN C 38 -9.23 -21.05 20.65
N GLY C 39 -9.45 -20.70 19.38
CA GLY C 39 -10.46 -21.36 18.57
C GLY C 39 -11.89 -21.15 19.01
N LYS C 40 -12.24 -19.93 19.41
CA LYS C 40 -13.60 -19.63 19.83
C LYS C 40 -13.90 -18.17 19.54
N LEU C 41 -15.20 -17.85 19.50
CA LEU C 41 -15.65 -16.47 19.37
C LEU C 41 -15.85 -15.87 20.75
N CYS C 42 -15.26 -14.70 20.98
CA CYS C 42 -15.27 -14.06 22.28
C CYS C 42 -15.47 -12.57 22.11
N ASP C 43 -15.87 -11.90 23.20
CA ASP C 43 -16.26 -10.51 23.14
C ASP C 43 -15.09 -9.61 22.78
N LEU C 44 -15.41 -8.47 22.15
CA LEU C 44 -14.45 -7.48 21.73
C LEU C 44 -14.56 -6.28 22.66
N ASN C 45 -13.56 -6.08 23.52
CA ASN C 45 -13.52 -4.96 24.45
C ASN C 45 -14.77 -4.92 25.34
N GLY C 46 -15.23 -6.09 25.75
CA GLY C 46 -16.36 -6.17 26.66
C GLY C 46 -17.72 -6.00 26.03
N VAL C 47 -17.81 -5.98 24.70
CA VAL C 47 -19.08 -5.83 24.00
C VAL C 47 -19.37 -7.15 23.28
N LYS C 48 -20.53 -7.74 23.59
CA LYS C 48 -20.90 -9.00 22.98
C LYS C 48 -21.25 -8.79 21.51
N PRO C 49 -20.79 -9.65 20.61
CA PRO C 49 -21.17 -9.52 19.20
C PRO C 49 -22.58 -10.01 18.94
N LEU C 50 -23.03 -9.93 17.70
CA LEU C 50 -24.36 -10.36 17.29
C LEU C 50 -24.24 -11.59 16.40
N ILE C 51 -24.93 -12.66 16.77
CA ILE C 51 -24.92 -13.91 16.03
C ILE C 51 -26.29 -14.10 15.42
N LEU C 52 -26.33 -14.21 14.09
CA LEU C 52 -27.58 -14.38 13.35
C LEU C 52 -27.89 -15.83 13.01
N LYS C 53 -27.02 -16.76 13.41
CA LYS C 53 -27.20 -18.19 13.13
C LYS C 53 -27.42 -18.46 11.66
N ASP C 54 -28.56 -19.03 11.30
CA ASP C 54 -28.86 -19.41 9.93
C ASP C 54 -29.60 -18.33 9.16
N CYS C 55 -29.88 -17.18 9.78
CA CYS C 55 -30.61 -16.11 9.12
C CYS C 55 -29.65 -15.17 8.41
N SER C 56 -30.20 -14.13 7.81
CA SER C 56 -29.44 -13.08 7.14
C SER C 56 -29.90 -11.73 7.63
N VAL C 57 -29.14 -10.69 7.26
CA VAL C 57 -29.47 -9.34 7.72
C VAL C 57 -30.84 -8.91 7.19
N ALA C 58 -31.09 -9.15 5.91
CA ALA C 58 -32.38 -8.77 5.33
C ALA C 58 -33.52 -9.53 5.98
N GLY C 59 -33.36 -10.84 6.17
CA GLY C 59 -34.40 -11.62 6.80
C GLY C 59 -34.64 -11.23 8.24
N TRP C 60 -33.57 -10.93 8.98
CA TRP C 60 -33.72 -10.50 10.36
C TRP C 60 -34.43 -9.15 10.43
N LEU C 61 -34.08 -8.22 9.55
CA LEU C 61 -34.68 -6.89 9.58
C LEU C 61 -36.14 -6.93 9.17
N LEU C 62 -36.44 -7.59 8.06
CA LEU C 62 -37.81 -7.59 7.54
C LEU C 62 -38.76 -8.41 8.38
N GLY C 63 -38.24 -9.28 9.26
CA GLY C 63 -39.10 -10.09 10.09
C GLY C 63 -39.54 -11.36 9.41
N ASN C 64 -38.60 -12.18 8.98
CA ASN C 64 -38.93 -13.45 8.37
C ASN C 64 -39.66 -14.33 9.38
N PRO C 65 -40.71 -15.04 8.97
CA PRO C 65 -41.47 -15.84 9.94
C PRO C 65 -40.66 -16.94 10.61
N MET C 66 -39.54 -17.37 10.01
CA MET C 66 -38.70 -18.41 10.60
C MET C 66 -37.45 -17.84 11.25
N CYS C 67 -37.40 -16.53 11.48
CA CYS C 67 -36.22 -15.88 12.05
C CYS C 67 -36.63 -14.88 13.12
N ASP C 68 -37.65 -15.22 13.91
CA ASP C 68 -38.15 -14.34 14.95
C ASP C 68 -37.46 -14.55 16.30
N GLU C 69 -36.44 -15.41 16.34
CA GLU C 69 -35.76 -15.69 17.60
C GLU C 69 -35.06 -14.44 18.15
N PHE C 70 -34.39 -13.68 17.28
CA PHE C 70 -33.60 -12.53 17.71
C PHE C 70 -34.51 -11.31 17.84
N ILE C 71 -34.87 -10.96 19.06
CA ILE C 71 -35.66 -9.75 19.32
C ILE C 71 -35.10 -8.92 20.46
N ARG C 72 -33.96 -9.30 21.05
CA ARG C 72 -33.42 -8.56 22.20
C ARG C 72 -31.89 -8.51 22.12
N VAL C 73 -31.38 -7.39 21.62
CA VAL C 73 -29.96 -7.08 21.62
C VAL C 73 -29.82 -5.57 21.78
N PRO C 74 -29.49 -5.07 22.98
CA PRO C 74 -29.33 -3.62 23.13
C PRO C 74 -28.23 -3.03 22.28
N GLU C 75 -27.12 -3.74 22.11
CA GLU C 75 -25.98 -3.24 21.35
C GLU C 75 -25.06 -4.39 20.99
N TRP C 76 -24.15 -4.12 20.06
CA TRP C 76 -23.19 -5.13 19.63
C TRP C 76 -21.98 -4.42 19.04
N SER C 77 -20.91 -5.18 18.85
CA SER C 77 -19.67 -4.67 18.27
C SER C 77 -19.43 -5.13 16.85
N TYR C 78 -19.78 -6.37 16.52
CA TYR C 78 -19.66 -6.87 15.16
C TYR C 78 -20.67 -7.99 14.95
N ILE C 79 -20.92 -8.31 13.68
CA ILE C 79 -21.95 -9.25 13.28
C ILE C 79 -21.29 -10.51 12.74
N VAL C 80 -21.74 -11.67 13.23
CA VAL C 80 -21.27 -12.97 12.76
C VAL C 80 -22.38 -13.60 11.95
N GLU C 81 -22.08 -13.91 10.69
CA GLU C 81 -23.05 -14.48 9.77
C GLU C 81 -22.47 -15.72 9.12
N ARG C 82 -23.31 -16.75 8.97
CA ARG C 82 -22.89 -17.97 8.31
C ARG C 82 -22.67 -17.72 6.82
N ALA C 83 -21.79 -18.51 6.22
CA ALA C 83 -21.40 -18.28 4.83
C ALA C 83 -22.59 -18.39 3.88
N ASN C 84 -23.46 -19.38 4.10
CA ASN C 84 -24.63 -19.61 3.24
C ASN C 84 -25.87 -19.66 4.11
N PRO C 85 -26.45 -18.50 4.44
CA PRO C 85 -27.68 -18.48 5.25
C PRO C 85 -28.81 -19.22 4.56
N ALA C 86 -29.63 -19.91 5.36
CA ALA C 86 -30.75 -20.66 4.81
C ALA C 86 -31.95 -19.77 4.55
N ASN C 87 -32.46 -19.13 5.59
CA ASN C 87 -33.65 -18.27 5.47
C ASN C 87 -33.19 -16.83 5.26
N ASP C 88 -33.31 -16.36 4.02
CA ASP C 88 -32.96 -14.99 3.67
C ASP C 88 -34.17 -14.17 3.25
N LEU C 89 -34.91 -14.65 2.24
CA LEU C 89 -36.11 -13.96 1.78
C LEU C 89 -37.09 -15.01 1.29
N CYS C 90 -38.16 -15.24 2.06
CA CYS C 90 -39.13 -16.25 1.69
C CYS C 90 -39.81 -15.91 0.36
N TYR C 91 -40.19 -14.65 0.19
CA TYR C 91 -40.75 -14.22 -1.08
C TYR C 91 -39.64 -13.70 -1.99
N PRO C 92 -39.56 -14.17 -3.23
CA PRO C 92 -38.46 -13.75 -4.11
C PRO C 92 -38.46 -12.25 -4.33
N GLY C 93 -37.27 -11.68 -4.41
CA GLY C 93 -37.14 -10.24 -4.60
C GLY C 93 -35.72 -9.79 -4.33
N SER C 94 -35.59 -8.51 -3.96
CA SER C 94 -34.29 -7.93 -3.68
C SER C 94 -34.47 -6.73 -2.77
N LEU C 95 -33.37 -6.32 -2.15
CA LEU C 95 -33.33 -5.14 -1.29
C LEU C 95 -32.32 -4.15 -1.84
N ASN C 96 -32.75 -2.91 -2.03
CA ASN C 96 -31.89 -1.89 -2.62
C ASN C 96 -30.79 -1.48 -1.65
N ASP C 97 -29.57 -1.34 -2.18
CA ASP C 97 -28.40 -0.90 -1.42
C ASP C 97 -28.17 -1.79 -0.20
N TYR C 98 -28.14 -3.10 -0.44
CA TYR C 98 -27.97 -4.06 0.64
C TYR C 98 -26.61 -3.91 1.30
N GLU C 99 -25.55 -3.78 0.50
CA GLU C 99 -24.20 -3.75 1.06
C GLU C 99 -23.98 -2.52 1.93
N GLU C 100 -24.45 -1.36 1.47
CA GLU C 100 -24.31 -0.14 2.27
C GLU C 100 -25.08 -0.25 3.58
N LEU C 101 -26.28 -0.83 3.54
CA LEU C 101 -27.05 -1.03 4.76
C LEU C 101 -26.31 -1.95 5.73
N LYS C 102 -25.74 -3.04 5.22
CA LYS C 102 -25.00 -3.94 6.09
C LYS C 102 -23.78 -3.26 6.71
N HIS C 103 -23.05 -2.49 5.89
CA HIS C 103 -21.88 -1.78 6.41
C HIS C 103 -22.27 -0.77 7.48
N MET C 104 -23.39 -0.07 7.28
CA MET C 104 -23.84 0.91 8.26
C MET C 104 -24.30 0.22 9.54
N LEU C 105 -24.95 -0.94 9.42
CA LEU C 105 -25.47 -1.65 10.58
C LEU C 105 -24.42 -2.53 11.28
N SER C 106 -23.21 -2.61 10.72
CA SER C 106 -22.13 -3.37 11.34
C SER C 106 -22.02 -3.13 12.85
N ARG C 107 -21.78 -1.88 13.25
CA ARG C 107 -21.61 -1.54 14.66
C ARG C 107 -22.66 -0.51 15.06
N ILE C 108 -23.49 -0.85 16.04
CA ILE C 108 -24.58 0.01 16.49
C ILE C 108 -24.47 0.20 18.00
N ASN C 109 -24.54 1.45 18.45
CA ASN C 109 -24.46 1.74 19.88
C ASN C 109 -25.76 1.46 20.60
N HIS C 110 -26.90 1.70 19.96
CA HIS C 110 -28.20 1.51 20.61
C HIS C 110 -29.23 1.15 19.55
N PHE C 111 -30.04 0.13 19.85
CA PHE C 111 -31.01 -0.40 18.91
C PHE C 111 -32.29 -0.74 19.64
N GLU C 112 -33.43 -0.33 19.07
CA GLU C 112 -34.73 -0.60 19.68
C GLU C 112 -35.81 -0.52 18.61
N LYS C 113 -36.77 -1.44 18.68
CA LYS C 113 -37.87 -1.50 17.73
C LYS C 113 -39.11 -0.87 18.33
N ILE C 114 -39.78 -0.01 17.54
CA ILE C 114 -41.01 0.64 17.97
C ILE C 114 -42.04 0.52 16.86
N GLN C 115 -43.30 0.74 17.23
CA GLN C 115 -44.42 0.70 16.30
C GLN C 115 -44.84 2.12 15.95
N ILE C 116 -44.91 2.41 14.66
CA ILE C 116 -45.22 3.76 14.20
C ILE C 116 -46.59 3.85 13.52
N ILE C 117 -47.09 2.77 12.93
CA ILE C 117 -48.38 2.79 12.25
C ILE C 117 -49.20 1.58 12.69
N PRO C 118 -50.21 1.76 13.54
CA PRO C 118 -51.05 0.62 13.93
C PRO C 118 -51.86 0.10 12.76
N LYS C 119 -52.20 -1.19 12.82
CA LYS C 119 -52.97 -1.81 11.76
C LYS C 119 -54.40 -1.26 11.68
N SER C 120 -54.87 -0.58 12.72
CA SER C 120 -56.19 0.01 12.70
C SER C 120 -56.25 1.25 11.82
N SER C 121 -55.12 1.75 11.34
CA SER C 121 -55.06 2.96 10.53
C SER C 121 -55.47 2.74 9.08
N TRP C 122 -56.06 1.59 8.75
CA TRP C 122 -56.49 1.29 7.38
C TRP C 122 -57.94 0.81 7.43
N PRO C 123 -58.89 1.71 7.69
CA PRO C 123 -60.30 1.28 7.74
C PRO C 123 -60.87 0.86 6.40
N ASN C 124 -60.36 1.42 5.30
CA ASN C 124 -60.92 1.19 3.98
C ASN C 124 -60.15 0.17 3.16
N HIS C 125 -59.23 -0.57 3.78
CA HIS C 125 -58.43 -1.57 3.09
C HIS C 125 -58.38 -2.85 3.91
N GLU C 126 -58.17 -3.96 3.22
CA GLU C 126 -58.09 -5.27 3.86
C GLU C 126 -56.66 -5.55 4.28
N THR C 127 -56.46 -5.95 5.53
CA THR C 127 -55.14 -6.15 6.10
C THR C 127 -54.96 -7.57 6.64
N SER C 128 -55.81 -8.51 6.25
CA SER C 128 -55.75 -9.86 6.79
C SER C 128 -55.53 -10.95 5.74
N LEU C 129 -55.66 -10.62 4.45
CA LEU C 129 -55.51 -11.61 3.39
C LEU C 129 -54.15 -11.57 2.72
N GLY C 130 -53.23 -10.74 3.23
CA GLY C 130 -51.91 -10.63 2.62
C GLY C 130 -50.95 -11.72 3.06
N VAL C 131 -51.22 -12.96 2.66
CA VAL C 131 -50.38 -14.09 3.00
C VAL C 131 -50.04 -14.86 1.72
N SER C 132 -48.96 -15.64 1.79
CA SER C 132 -48.51 -16.43 0.67
C SER C 132 -47.95 -17.76 1.16
N ALA C 133 -47.98 -18.76 0.28
CA ALA C 133 -47.44 -20.07 0.64
C ALA C 133 -45.92 -20.09 0.59
N ALA C 134 -45.29 -19.08 -0.01
CA ALA C 134 -43.83 -19.02 -0.05
C ALA C 134 -43.22 -18.66 1.29
N CYS C 135 -44.02 -18.24 2.26
CA CYS C 135 -43.55 -17.92 3.60
C CYS C 135 -44.38 -18.69 4.62
N PRO C 136 -44.18 -20.01 4.70
CA PRO C 136 -44.99 -20.81 5.61
C PRO C 136 -44.62 -20.57 7.06
N TYR C 137 -45.59 -20.78 7.94
CA TYR C 137 -45.39 -20.67 9.39
C TYR C 137 -46.27 -21.71 10.05
N GLN C 138 -45.65 -22.74 10.63
CA GLN C 138 -46.36 -23.84 11.28
C GLN C 138 -47.34 -24.51 10.31
N GLY C 139 -46.93 -24.63 9.06
CA GLY C 139 -47.75 -25.28 8.05
C GLY C 139 -48.84 -24.42 7.44
N ALA C 140 -48.82 -23.11 7.69
CA ALA C 140 -49.84 -22.23 7.15
C ALA C 140 -49.19 -21.05 6.45
N PRO C 141 -49.84 -20.50 5.42
CA PRO C 141 -49.28 -19.32 4.74
C PRO C 141 -49.18 -18.13 5.68
N SER C 142 -48.12 -17.35 5.50
CA SER C 142 -47.86 -16.18 6.33
C SER C 142 -47.13 -15.14 5.49
N PHE C 143 -46.57 -14.14 6.16
CA PHE C 143 -45.86 -13.06 5.49
C PHE C 143 -44.85 -12.47 6.48
N PHE C 144 -44.12 -11.46 6.03
CA PHE C 144 -43.20 -10.76 6.91
C PHE C 144 -43.95 -10.10 8.06
N ARG C 145 -43.32 -10.05 9.23
CA ARG C 145 -43.97 -9.54 10.42
C ARG C 145 -43.81 -8.03 10.60
N ASN C 146 -42.83 -7.42 9.93
CA ASN C 146 -42.58 -6.00 10.10
C ASN C 146 -43.27 -5.13 9.06
N VAL C 147 -43.93 -5.73 8.06
CA VAL C 147 -44.64 -4.98 7.04
C VAL C 147 -46.02 -5.61 6.84
N VAL C 148 -46.90 -4.84 6.20
CA VAL C 148 -48.27 -5.26 5.97
C VAL C 148 -48.57 -5.14 4.48
N TRP C 149 -49.21 -6.17 3.92
CA TRP C 149 -49.56 -6.21 2.52
C TRP C 149 -51.03 -5.84 2.38
N LEU C 150 -51.30 -4.74 1.68
CA LEU C 150 -52.66 -4.23 1.54
C LEU C 150 -53.27 -4.66 0.22
N ILE C 151 -54.54 -5.09 0.26
CA ILE C 151 -55.29 -5.48 -0.92
C ILE C 151 -56.61 -4.72 -0.91
N LYS C 152 -57.34 -4.84 -2.02
CA LYS C 152 -58.60 -4.12 -2.16
C LYS C 152 -59.65 -4.65 -1.19
N LYS C 153 -60.56 -3.76 -0.81
CA LYS C 153 -61.65 -4.10 0.11
C LYS C 153 -62.96 -3.63 -0.50
N ASN C 154 -63.96 -4.52 -0.52
CA ASN C 154 -65.27 -4.23 -1.10
C ASN C 154 -65.13 -3.79 -2.56
N ASP C 155 -64.20 -4.43 -3.28
CA ASP C 155 -63.95 -4.14 -4.70
C ASP C 155 -63.63 -2.67 -4.92
N ALA C 156 -62.87 -2.08 -4.00
CA ALA C 156 -62.47 -0.69 -4.10
C ALA C 156 -61.12 -0.50 -3.45
N TYR C 157 -60.31 0.38 -4.04
CA TYR C 157 -58.98 0.70 -3.52
C TYR C 157 -58.84 2.21 -3.46
N PRO C 158 -59.33 2.85 -2.39
CA PRO C 158 -59.20 4.29 -2.27
C PRO C 158 -57.73 4.71 -2.15
N THR C 159 -57.44 5.91 -2.64
CA THR C 159 -56.08 6.43 -2.60
C THR C 159 -55.63 6.62 -1.15
N ILE C 160 -54.36 6.33 -0.90
CA ILE C 160 -53.78 6.38 0.44
C ILE C 160 -52.92 7.63 0.55
N LYS C 161 -53.14 8.40 1.62
CA LYS C 161 -52.39 9.63 1.88
C LYS C 161 -52.20 9.77 3.37
N ILE C 162 -51.03 9.38 3.88
CA ILE C 162 -50.69 9.54 5.28
C ILE C 162 -49.26 10.08 5.42
N SER C 163 -48.98 10.62 6.60
CA SER C 163 -47.69 11.21 6.89
C SER C 163 -47.35 10.92 8.34
N TYR C 164 -46.06 10.95 8.65
CA TYR C 164 -45.58 10.66 10.00
C TYR C 164 -44.60 11.73 10.43
N ASN C 165 -44.84 12.27 11.62
CA ASN C 165 -43.90 13.15 12.33
C ASN C 165 -43.02 12.32 13.24
N ASN C 166 -41.70 12.47 13.09
CA ASN C 166 -40.77 11.89 14.04
C ASN C 166 -40.69 12.77 15.28
N THR C 167 -41.08 12.23 16.43
CA THR C 167 -41.03 12.97 17.68
C THR C 167 -39.95 12.47 18.63
N ASN C 168 -39.37 11.31 18.38
CA ASN C 168 -38.29 10.80 19.19
C ASN C 168 -37.03 11.63 18.99
N ARG C 169 -36.05 11.41 19.85
CA ARG C 169 -34.82 12.18 19.84
C ARG C 169 -33.68 11.49 19.09
N GLU C 170 -33.95 10.38 18.42
CA GLU C 170 -32.94 9.66 17.67
C GLU C 170 -33.44 9.40 16.25
N ASP C 171 -32.52 8.99 15.39
CA ASP C 171 -32.87 8.67 14.01
C ASP C 171 -33.70 7.40 13.94
N LEU C 172 -34.46 7.27 12.86
CA LEU C 172 -35.33 6.12 12.64
C LEU C 172 -34.99 5.46 11.32
N LEU C 173 -35.12 4.13 11.29
CA LEU C 173 -34.92 3.34 10.08
C LEU C 173 -36.26 2.78 9.64
N ILE C 174 -36.66 3.10 8.41
CA ILE C 174 -37.96 2.73 7.88
C ILE C 174 -37.78 1.97 6.58
N LEU C 175 -38.61 0.95 6.36
CA LEU C 175 -38.54 0.13 5.16
C LEU C 175 -39.93 0.02 4.54
N TRP C 176 -39.97 -0.04 3.22
CA TRP C 176 -41.21 -0.22 2.48
C TRP C 176 -40.91 -0.93 1.18
N GLY C 177 -41.96 -1.48 0.55
CA GLY C 177 -41.78 -2.29 -0.63
C GLY C 177 -42.90 -2.08 -1.64
N ILE C 178 -42.65 -2.57 -2.85
CA ILE C 178 -43.60 -2.54 -3.95
C ILE C 178 -43.65 -3.93 -4.57
N HIS C 179 -44.85 -4.36 -4.96
CA HIS C 179 -45.08 -5.70 -5.49
C HIS C 179 -45.34 -5.63 -6.99
N HIS C 180 -44.69 -6.53 -7.73
CA HIS C 180 -44.88 -6.63 -9.17
C HIS C 180 -45.82 -7.80 -9.45
N SER C 181 -46.87 -7.54 -10.21
CA SER C 181 -47.84 -8.58 -10.55
C SER C 181 -47.34 -9.41 -11.74
N ASN C 182 -48.19 -10.33 -12.20
CA ASN C 182 -47.85 -11.21 -13.30
C ASN C 182 -48.57 -10.86 -14.60
N ASN C 183 -49.85 -10.51 -14.53
CA ASN C 183 -50.61 -10.18 -15.72
C ASN C 183 -51.73 -9.22 -15.33
N ALA C 184 -52.47 -8.74 -16.34
CA ALA C 184 -53.51 -7.75 -16.10
C ALA C 184 -54.63 -8.31 -15.23
N GLU C 185 -55.00 -9.58 -15.46
CA GLU C 185 -56.09 -10.17 -14.68
C GLU C 185 -55.75 -10.23 -13.20
N GLU C 186 -54.52 -10.63 -12.87
CA GLU C 186 -54.11 -10.66 -11.48
C GLU C 186 -54.09 -9.26 -10.87
N GLN C 187 -53.63 -8.27 -11.64
CA GLN C 187 -53.61 -6.89 -11.16
C GLN C 187 -55.02 -6.41 -10.84
N THR C 188 -55.98 -6.70 -11.73
CA THR C 188 -57.36 -6.31 -11.49
C THR C 188 -57.93 -7.04 -10.28
N ASN C 189 -57.62 -8.33 -10.14
CA ASN C 189 -58.13 -9.10 -9.02
C ASN C 189 -57.57 -8.64 -7.69
N LEU C 190 -56.35 -8.09 -7.69
CA LEU C 190 -55.72 -7.71 -6.43
C LEU C 190 -55.90 -6.25 -6.07
N TYR C 191 -56.00 -5.33 -7.05
CA TYR C 191 -56.03 -3.91 -6.73
C TYR C 191 -57.12 -3.12 -7.45
N LYS C 192 -57.77 -3.68 -8.47
CA LYS C 192 -58.88 -3.09 -9.20
C LYS C 192 -58.46 -1.88 -10.05
N ASN C 193 -57.21 -1.45 -9.95
CA ASN C 193 -56.74 -0.31 -10.74
C ASN C 193 -55.72 -0.77 -11.76
N PRO C 194 -56.00 -0.65 -13.05
CA PRO C 194 -55.03 -1.13 -14.06
C PRO C 194 -53.68 -0.42 -13.99
N ILE C 195 -53.66 0.86 -13.64
CA ILE C 195 -52.43 1.64 -13.58
C ILE C 195 -52.28 2.20 -12.17
N THR C 196 -51.11 1.98 -11.56
CA THR C 196 -50.86 2.38 -10.20
C THR C 196 -49.48 3.05 -10.10
N TYR C 197 -49.26 3.73 -8.98
CA TYR C 197 -48.01 4.43 -8.75
C TYR C 197 -47.77 4.54 -7.25
N ILE C 198 -46.51 4.80 -6.88
CA ILE C 198 -46.11 4.98 -5.49
C ILE C 198 -45.24 6.23 -5.40
N SER C 199 -45.56 7.11 -4.46
CA SER C 199 -44.80 8.34 -4.25
C SER C 199 -44.37 8.43 -2.80
N VAL C 200 -43.08 8.62 -2.58
CA VAL C 200 -42.50 8.77 -1.25
C VAL C 200 -41.66 10.03 -1.24
N GLY C 201 -41.88 10.88 -0.23
CA GLY C 201 -41.15 12.13 -0.15
C GLY C 201 -40.78 12.56 1.24
N THR C 202 -39.54 13.03 1.42
CA THR C 202 -39.06 13.58 2.67
C THR C 202 -38.31 14.88 2.40
N SER C 203 -37.60 15.38 3.41
CA SER C 203 -36.81 16.60 3.20
C SER C 203 -35.69 16.38 2.20
N THR C 204 -35.22 15.14 2.03
CA THR C 204 -34.16 14.83 1.10
C THR C 204 -34.47 13.70 0.14
N LEU C 205 -35.58 13.00 0.30
CA LEU C 205 -35.95 11.87 -0.55
C LEU C 205 -37.09 12.26 -1.48
N ASN C 206 -36.97 11.90 -2.75
CA ASN C 206 -37.99 12.18 -3.75
C ASN C 206 -38.01 10.99 -4.71
N GLN C 207 -38.98 10.08 -4.51
CA GLN C 207 -39.02 8.82 -5.23
C GLN C 207 -40.40 8.61 -5.84
N ARG C 208 -40.43 8.03 -7.03
CA ARG C 208 -41.66 7.65 -7.71
C ARG C 208 -41.42 6.34 -8.44
N LEU C 209 -42.30 5.36 -8.20
CA LEU C 209 -42.14 4.03 -8.76
C LEU C 209 -43.44 3.55 -9.38
N ALA C 210 -43.33 2.63 -10.33
CA ALA C 210 -44.47 2.02 -10.99
C ALA C 210 -44.23 0.52 -11.11
N PRO C 211 -45.28 -0.29 -11.08
CA PRO C 211 -45.10 -1.73 -11.23
C PRO C 211 -44.63 -2.10 -12.63
N LYS C 212 -43.98 -3.26 -12.73
CA LYS C 212 -43.45 -3.79 -13.98
C LYS C 212 -44.09 -5.15 -14.22
N ILE C 213 -45.19 -5.18 -14.97
CA ILE C 213 -45.90 -6.41 -15.24
C ILE C 213 -45.24 -7.12 -16.41
N ALA C 214 -44.82 -8.36 -16.20
CA ALA C 214 -44.16 -9.15 -17.23
C ALA C 214 -44.21 -10.62 -16.82
N THR C 215 -43.51 -11.45 -17.58
CA THR C 215 -43.42 -12.88 -17.32
C THR C 215 -42.01 -13.22 -16.83
N ARG C 216 -41.93 -13.97 -15.75
CA ARG C 216 -40.65 -14.32 -15.14
C ARG C 216 -40.65 -15.80 -14.76
N SER C 217 -39.44 -16.33 -14.55
CA SER C 217 -39.29 -17.72 -14.16
C SER C 217 -39.75 -17.93 -12.72
N GLN C 218 -40.11 -19.17 -12.42
CA GLN C 218 -40.59 -19.51 -11.08
C GLN C 218 -39.44 -19.62 -10.11
N VAL C 219 -39.55 -18.94 -8.97
CA VAL C 219 -38.63 -19.08 -7.85
C VAL C 219 -39.45 -19.36 -6.60
N ASN C 220 -39.17 -20.47 -5.94
CA ASN C 220 -39.94 -20.93 -4.78
C ASN C 220 -41.43 -21.08 -5.12
N GLY C 221 -41.73 -21.42 -6.37
CA GLY C 221 -43.09 -21.60 -6.80
C GLY C 221 -43.88 -20.33 -7.03
N GLN C 222 -43.22 -19.18 -7.07
CA GLN C 222 -43.89 -17.90 -7.28
C GLN C 222 -43.22 -17.15 -8.43
N ARG C 223 -44.04 -16.48 -9.24
CA ARG C 223 -43.56 -15.71 -10.37
C ARG C 223 -43.48 -14.22 -10.09
N GLY C 224 -44.10 -13.75 -9.00
CA GLY C 224 -44.02 -12.34 -8.66
C GLY C 224 -42.72 -11.98 -7.98
N ARG C 225 -42.51 -10.67 -7.84
CA ARG C 225 -41.31 -10.13 -7.21
C ARG C 225 -41.68 -8.98 -6.30
N MET C 226 -40.82 -8.74 -5.30
CA MET C 226 -41.00 -7.64 -4.37
C MET C 226 -39.68 -6.92 -4.18
N ASP C 227 -39.70 -5.59 -4.29
CA ASP C 227 -38.51 -4.76 -4.12
C ASP C 227 -38.71 -3.85 -2.92
N PHE C 228 -37.72 -3.83 -2.03
CA PHE C 228 -37.79 -3.07 -0.79
C PHE C 228 -36.76 -1.95 -0.79
N PHE C 229 -37.08 -0.88 -0.06
CA PHE C 229 -36.21 0.28 0.05
C PHE C 229 -36.12 0.70 1.51
N TRP C 230 -35.16 1.56 1.81
CA TRP C 230 -34.92 2.00 3.18
C TRP C 230 -34.39 3.43 3.17
N THR C 231 -34.52 4.08 4.32
CA THR C 231 -34.06 5.46 4.47
C THR C 231 -33.85 5.74 5.96
N ILE C 232 -33.25 6.88 6.24
CA ILE C 232 -32.98 7.34 7.60
C ILE C 232 -33.73 8.64 7.82
N LEU C 233 -34.50 8.71 8.89
CA LEU C 233 -35.34 9.86 9.19
C LEU C 233 -34.69 10.71 10.28
N LYS C 234 -34.65 12.02 10.07
CA LYS C 234 -34.05 12.92 11.03
C LYS C 234 -34.93 13.05 12.28
N PRO C 235 -34.37 13.53 13.38
CA PRO C 235 -35.17 13.63 14.62
C PRO C 235 -36.42 14.47 14.49
N ASP C 236 -36.39 15.56 13.71
CA ASP C 236 -37.53 16.45 13.59
C ASP C 236 -38.06 16.52 12.16
N ASP C 237 -37.86 15.46 11.39
CA ASP C 237 -38.32 15.41 10.00
C ASP C 237 -39.63 14.62 9.91
N ALA C 238 -40.23 14.67 8.71
CA ALA C 238 -41.47 13.97 8.44
C ALA C 238 -41.37 13.27 7.09
N ILE C 239 -42.13 12.19 6.95
CA ILE C 239 -42.15 11.39 5.73
C ILE C 239 -43.59 11.25 5.25
N HIS C 240 -43.80 11.40 3.94
CA HIS C 240 -45.12 11.37 3.34
C HIS C 240 -45.21 10.24 2.34
N PHE C 241 -46.31 9.50 2.39
CA PHE C 241 -46.57 8.39 1.48
C PHE C 241 -47.81 8.67 0.65
N GLU C 242 -47.83 8.14 -0.57
CA GLU C 242 -49.00 8.27 -1.43
C GLU C 242 -48.94 7.18 -2.49
N SER C 243 -50.01 6.40 -2.59
CA SER C 243 -50.07 5.30 -3.55
C SER C 243 -51.53 4.92 -3.78
N ASN C 244 -51.75 4.15 -4.84
CA ASN C 244 -53.08 3.67 -5.18
C ASN C 244 -53.05 2.20 -5.59
N GLY C 245 -52.07 1.45 -5.12
CA GLY C 245 -51.98 0.03 -5.41
C GLY C 245 -50.54 -0.44 -5.37
N ASN C 246 -50.38 -1.76 -5.21
CA ASN C 246 -49.07 -2.41 -5.20
C ASN C 246 -48.15 -1.81 -4.14
N PHE C 247 -48.72 -1.46 -2.99
CA PHE C 247 -47.99 -0.80 -1.92
C PHE C 247 -47.90 -1.72 -0.71
N ILE C 248 -46.69 -1.87 -0.17
CA ILE C 248 -46.46 -2.63 1.06
C ILE C 248 -46.09 -1.61 2.13
N ALA C 249 -47.02 -1.35 3.04
CA ALA C 249 -46.83 -0.31 4.03
C ALA C 249 -45.97 -0.80 5.19
N PRO C 250 -45.20 0.10 5.80
CA PRO C 250 -44.43 -0.28 7.00
C PRO C 250 -45.30 -0.26 8.24
N GLU C 251 -44.90 -1.08 9.21
CA GLU C 251 -45.58 -1.14 10.51
C GLU C 251 -44.65 -0.87 11.67
N TYR C 252 -43.43 -1.39 11.64
CA TYR C 252 -42.46 -1.20 12.71
C TYR C 252 -41.23 -0.48 12.18
N ALA C 253 -40.61 0.31 13.05
CA ALA C 253 -39.40 1.05 12.72
C ALA C 253 -38.39 0.87 13.85
N TYR C 254 -37.13 1.05 13.50
CA TYR C 254 -36.03 0.83 14.43
C TYR C 254 -35.37 2.16 14.82
N LYS C 255 -35.11 2.32 16.11
CA LYS C 255 -34.43 3.49 16.64
C LYS C 255 -32.94 3.16 16.77
N ILE C 256 -32.09 3.95 16.12
CA ILE C 256 -30.70 3.58 15.91
C ILE C 256 -29.81 4.77 16.28
N VAL C 257 -28.73 4.48 17.02
CA VAL C 257 -27.68 5.45 17.31
C VAL C 257 -26.35 4.81 16.94
N LYS C 258 -25.60 5.47 16.06
CA LYS C 258 -24.35 4.92 15.52
C LYS C 258 -23.20 5.86 15.85
N LYS C 259 -22.16 5.33 16.50
CA LYS C 259 -20.98 6.10 16.84
C LYS C 259 -19.71 5.28 16.62
N GLY C 260 -19.64 4.56 15.51
CA GLY C 260 -18.47 3.73 15.24
C GLY C 260 -18.63 3.00 13.92
N ASP C 261 -17.63 2.17 13.62
CA ASP C 261 -17.60 1.41 12.39
C ASP C 261 -16.97 0.04 12.63
N SER C 262 -17.44 -0.94 11.87
CA SER C 262 -16.95 -2.31 11.93
C SER C 262 -17.29 -2.99 10.61
N THR C 263 -17.20 -4.32 10.59
CA THR C 263 -17.50 -5.08 9.38
C THR C 263 -18.25 -6.35 9.77
N ILE C 264 -18.61 -7.13 8.76
CA ILE C 264 -19.40 -8.35 8.93
C ILE C 264 -18.46 -9.55 8.79
N MET C 265 -18.67 -10.54 9.66
CA MET C 265 -17.73 -11.64 9.84
C MET C 265 -18.37 -12.96 9.42
N LYS C 266 -17.69 -13.71 8.55
CA LYS C 266 -18.21 -14.97 8.02
C LYS C 266 -17.46 -16.13 8.69
N SER C 267 -18.16 -16.84 9.57
CA SER C 267 -17.54 -17.94 10.31
C SER C 267 -18.62 -18.89 10.80
N GLY C 268 -18.19 -20.06 11.24
CA GLY C 268 -19.11 -21.09 11.71
C GLY C 268 -18.85 -21.56 13.13
N VAL C 269 -17.80 -21.02 13.77
CA VAL C 269 -17.45 -21.41 15.13
C VAL C 269 -18.46 -20.82 16.11
N GLU C 270 -18.44 -21.28 17.35
CA GLU C 270 -19.45 -20.95 18.34
C GLU C 270 -18.92 -19.94 19.35
N TYR C 271 -19.85 -19.40 20.15
CA TYR C 271 -19.52 -18.44 21.18
C TYR C 271 -18.75 -19.11 22.32
N GLY C 272 -17.92 -18.32 23.01
CA GLY C 272 -17.04 -18.88 24.01
C GLY C 272 -17.01 -18.17 25.35
N HIS C 273 -17.70 -17.03 25.47
CA HIS C 273 -17.78 -16.27 26.71
C HIS C 273 -16.38 -15.85 27.19
N CYS C 274 -15.73 -15.01 26.41
CA CYS C 274 -14.41 -14.50 26.76
C CYS C 274 -14.38 -12.99 26.61
N ASN C 275 -13.21 -12.43 26.83
CA ASN C 275 -12.89 -11.06 26.45
C ASN C 275 -11.54 -11.07 25.75
N THR C 276 -11.47 -10.43 24.58
CA THR C 276 -10.26 -10.43 23.78
C THR C 276 -10.10 -9.07 23.11
N LYS C 277 -8.96 -8.90 22.43
CA LYS C 277 -8.65 -7.67 21.72
C LYS C 277 -8.59 -7.84 20.22
N CYS C 278 -8.18 -9.02 19.73
CA CYS C 278 -8.11 -9.31 18.31
C CYS C 278 -8.92 -10.58 18.03
N GLN C 279 -9.65 -10.58 16.91
CA GLN C 279 -10.53 -11.68 16.56
C GLN C 279 -10.26 -12.14 15.14
N THR C 280 -10.27 -13.45 14.94
CA THR C 280 -10.04 -14.10 13.66
C THR C 280 -11.15 -15.11 13.41
N PRO C 281 -11.41 -15.48 12.16
CA PRO C 281 -12.49 -16.44 11.89
C PRO C 281 -12.28 -17.80 12.52
N VAL C 282 -11.05 -18.16 12.87
CA VAL C 282 -10.78 -19.46 13.47
C VAL C 282 -10.49 -19.37 14.97
N GLY C 283 -10.48 -18.17 15.54
CA GLY C 283 -10.24 -18.04 16.96
C GLY C 283 -9.84 -16.61 17.31
N ALA C 284 -9.34 -16.46 18.54
CA ALA C 284 -8.89 -15.18 19.04
C ALA C 284 -7.40 -15.25 19.37
N ILE C 285 -6.76 -14.08 19.40
CA ILE C 285 -5.32 -13.96 19.62
C ILE C 285 -5.07 -13.13 20.87
N ASN C 286 -4.22 -13.65 21.75
CA ASN C 286 -3.79 -12.98 22.97
C ASN C 286 -2.26 -12.97 23.00
N SER C 287 -1.65 -12.33 22.00
CA SER C 287 -0.21 -12.22 21.89
C SER C 287 0.22 -10.77 21.71
N SER C 288 1.39 -10.45 22.25
CA SER C 288 2.02 -9.15 22.09
C SER C 288 3.09 -9.15 21.01
N MET C 289 3.29 -10.28 20.33
CA MET C 289 4.29 -10.36 19.27
C MET C 289 3.87 -9.51 18.07
N PRO C 290 4.82 -8.96 17.32
CA PRO C 290 4.48 -8.08 16.21
C PRO C 290 4.05 -8.79 14.94
N PHE C 291 4.17 -10.11 14.86
CA PHE C 291 3.87 -10.83 13.63
C PHE C 291 3.04 -12.07 13.94
N HIS C 292 2.25 -12.49 12.96
CA HIS C 292 1.41 -13.68 13.09
C HIS C 292 1.11 -14.21 11.70
N ASN C 293 0.64 -15.47 11.66
CA ASN C 293 0.33 -16.12 10.39
C ASN C 293 -0.96 -16.95 10.49
N ILE C 294 -1.91 -16.50 11.31
CA ILE C 294 -3.11 -17.29 11.54
C ILE C 294 -4.08 -17.17 10.37
N HIS C 295 -4.57 -15.96 10.11
CA HIS C 295 -5.58 -15.77 9.09
C HIS C 295 -5.50 -14.35 8.56
N PRO C 296 -5.75 -14.13 7.26
CA PRO C 296 -5.67 -12.77 6.71
C PRO C 296 -6.73 -11.83 7.28
N LEU C 297 -7.98 -12.30 7.36
CA LEU C 297 -9.08 -11.45 7.79
C LEU C 297 -9.09 -11.35 9.31
N THR C 298 -8.95 -10.13 9.83
CA THR C 298 -8.93 -9.89 11.26
C THR C 298 -9.77 -8.67 11.60
N ILE C 299 -10.22 -8.60 12.84
CA ILE C 299 -10.98 -7.47 13.36
C ILE C 299 -10.33 -7.01 14.65
N GLY C 300 -10.06 -5.71 14.75
CA GLY C 300 -9.47 -5.14 15.94
C GLY C 300 -7.97 -4.93 15.80
N GLU C 301 -7.38 -4.50 16.90
CA GLU C 301 -5.94 -4.26 16.97
C GLU C 301 -5.22 -5.60 16.97
N CYS C 302 -4.62 -5.95 15.85
CA CYS C 302 -4.01 -7.25 15.63
C CYS C 302 -2.58 -7.08 15.13
N PRO C 303 -1.73 -8.09 15.32
CA PRO C 303 -0.39 -8.06 14.72
C PRO C 303 -0.45 -8.15 13.20
N LYS C 304 0.70 -8.09 12.54
CA LYS C 304 0.75 -8.06 11.10
C LYS C 304 0.87 -9.47 10.53
N TYR C 305 0.24 -9.69 9.38
CA TYR C 305 0.18 -10.99 8.75
C TYR C 305 1.39 -11.21 7.85
N VAL C 306 2.06 -12.35 8.03
CA VAL C 306 3.24 -12.70 7.24
C VAL C 306 3.12 -14.15 6.80
N LYS C 307 3.93 -14.51 5.80
CA LYS C 307 3.92 -15.84 5.23
C LYS C 307 4.90 -16.79 5.90
N SER C 308 5.98 -16.28 6.49
CA SER C 308 7.02 -17.13 7.03
C SER C 308 6.49 -17.99 8.19
N ASN C 309 7.12 -19.15 8.37
CA ASN C 309 6.71 -20.10 9.39
C ASN C 309 7.58 -20.08 10.63
N LYS C 310 8.66 -19.29 10.64
CA LYS C 310 9.59 -19.29 11.77
C LYS C 310 10.40 -18.00 11.74
N LEU C 311 10.47 -17.32 12.88
CA LEU C 311 11.24 -16.09 13.04
C LEU C 311 11.88 -16.14 14.41
N VAL C 312 13.11 -16.65 14.49
CA VAL C 312 13.80 -16.89 15.74
C VAL C 312 14.98 -15.95 15.85
N LEU C 313 15.09 -15.25 16.97
CA LEU C 313 16.21 -14.36 17.25
C LEU C 313 17.18 -15.04 18.20
N ALA C 314 18.46 -14.98 17.88
CA ALA C 314 19.49 -15.60 18.71
C ALA C 314 19.83 -14.67 19.88
N THR C 315 19.68 -15.18 21.10
CA THR C 315 20.00 -14.41 22.30
C THR C 315 21.13 -14.99 23.12
N GLY C 316 21.50 -16.26 22.91
CA GLY C 316 22.54 -16.90 23.67
C GLY C 316 23.87 -16.92 22.93
N LEU C 317 24.73 -17.84 23.33
CA LEU C 317 26.06 -17.98 22.78
C LEU C 317 26.09 -19.10 21.73
N ARG C 318 27.22 -19.21 21.04
CA ARG C 318 27.41 -20.26 20.05
C ARG C 318 27.70 -21.57 20.76
N ASN C 319 26.79 -22.52 20.66
CA ASN C 319 26.97 -23.81 21.30
C ASN C 319 28.04 -24.62 20.57
N SER C 320 28.67 -25.53 21.30
CA SER C 320 29.73 -26.36 20.75
C SER C 320 29.26 -27.80 20.55
N ILE C 335 40.29 -27.03 30.81
CA ILE C 335 41.72 -26.79 30.76
C ILE C 335 42.10 -26.11 29.45
N ALA C 336 41.14 -26.06 28.52
CA ALA C 336 41.34 -25.44 27.23
C ALA C 336 40.99 -23.95 27.31
N GLY C 337 40.92 -23.29 26.17
CA GLY C 337 40.60 -21.87 26.12
C GLY C 337 39.41 -21.55 25.24
N PHE C 338 39.17 -20.26 25.03
CA PHE C 338 38.05 -19.82 24.21
C PHE C 338 38.23 -20.19 22.74
N ILE C 339 39.45 -20.41 22.28
CA ILE C 339 39.68 -20.77 20.88
C ILE C 339 39.09 -22.13 20.58
N GLU C 340 39.26 -23.10 21.49
CA GLU C 340 38.79 -24.45 21.23
C GLU C 340 37.27 -24.54 21.31
N GLY C 341 36.71 -24.17 22.46
CA GLY C 341 35.27 -24.26 22.63
C GLY C 341 34.83 -23.65 23.94
N GLY C 342 33.56 -23.87 24.26
CA GLY C 342 32.97 -23.35 25.47
C GLY C 342 32.97 -24.38 26.59
N TRP C 343 33.23 -23.90 27.80
CA TRP C 343 33.27 -24.78 28.96
C TRP C 343 31.86 -25.18 29.39
N GLN C 344 31.72 -26.43 29.83
CA GLN C 344 30.45 -26.92 30.35
C GLN C 344 30.40 -26.93 31.87
N GLY C 345 31.55 -26.87 32.55
CA GLY C 345 31.55 -26.89 34.00
C GLY C 345 31.05 -25.61 34.64
N MET C 346 31.14 -24.49 33.94
CA MET C 346 30.67 -23.21 34.47
C MET C 346 29.18 -23.07 34.20
N VAL C 347 28.44 -22.64 35.23
CA VAL C 347 26.99 -22.50 35.15
C VAL C 347 26.54 -21.06 35.32
N ASP C 348 27.15 -20.33 36.25
CA ASP C 348 26.76 -18.95 36.50
C ASP C 348 27.55 -18.02 35.58
N GLY C 349 26.85 -17.10 34.94
CA GLY C 349 27.47 -16.14 34.05
C GLY C 349 27.74 -16.70 32.68
N TRP C 350 28.12 -15.80 31.77
CA TRP C 350 28.42 -16.17 30.39
C TRP C 350 29.91 -16.15 30.08
N TYR C 351 30.66 -15.23 30.68
CA TYR C 351 32.11 -15.18 30.54
C TYR C 351 32.75 -15.33 31.92
N GLY C 352 33.93 -15.93 31.94
CA GLY C 352 34.62 -16.13 33.20
C GLY C 352 35.98 -16.73 33.01
N TYR C 353 36.61 -17.07 34.13
CA TYR C 353 37.96 -17.63 34.17
C TYR C 353 37.93 -18.99 34.84
N HIS C 354 38.69 -19.93 34.28
CA HIS C 354 38.91 -21.23 34.92
C HIS C 354 40.29 -21.19 35.58
N HIS C 355 40.30 -21.19 36.91
CA HIS C 355 41.54 -21.13 37.66
C HIS C 355 42.08 -22.53 37.94
N SER C 356 43.39 -22.61 38.11
CA SER C 356 44.05 -23.88 38.38
C SER C 356 45.44 -23.62 38.94
N ASN C 357 45.73 -24.21 40.10
CA ASN C 357 47.05 -24.15 40.70
C ASN C 357 47.17 -25.32 41.68
N GLU C 358 48.28 -25.35 42.42
CA GLU C 358 48.47 -26.40 43.40
C GLU C 358 47.50 -26.29 44.56
N GLN C 359 46.95 -25.10 44.81
CA GLN C 359 46.00 -24.94 45.91
C GLN C 359 44.63 -25.52 45.59
N GLY C 360 44.21 -25.45 44.33
CA GLY C 360 42.92 -25.99 43.94
C GLY C 360 42.61 -25.66 42.50
N SER C 361 41.38 -25.98 42.11
CA SER C 361 40.91 -25.70 40.76
C SER C 361 39.42 -25.39 40.82
N GLY C 362 38.95 -24.63 39.82
CA GLY C 362 37.55 -24.25 39.79
C GLY C 362 37.31 -23.21 38.71
N TYR C 363 36.09 -22.69 38.70
CA TYR C 363 35.65 -21.70 37.73
C TYR C 363 35.19 -20.44 38.44
N ALA C 364 35.54 -19.29 37.89
CA ALA C 364 35.13 -18.00 38.41
C ALA C 364 34.52 -17.19 37.27
N ALA C 365 33.37 -16.59 37.51
CA ALA C 365 32.65 -15.81 36.50
C ALA C 365 32.93 -14.33 36.67
N ASP C 366 32.72 -13.58 35.59
CA ASP C 366 32.92 -12.13 35.56
C ASP C 366 31.57 -11.48 35.31
N LYS C 367 30.93 -11.03 36.40
CA LYS C 367 29.58 -10.46 36.28
C LYS C 367 29.58 -9.10 35.61
N GLU C 368 30.70 -8.39 35.62
CA GLU C 368 30.75 -7.01 35.11
C GLU C 368 30.38 -6.97 33.62
N SER C 369 30.95 -7.87 32.83
CA SER C 369 30.63 -7.93 31.42
C SER C 369 29.38 -8.75 31.12
N THR C 370 29.10 -9.76 31.94
CA THR C 370 27.90 -10.56 31.74
C THR C 370 26.64 -9.72 31.88
N GLN C 371 26.61 -8.84 32.89
CA GLN C 371 25.46 -7.96 33.07
C GLN C 371 25.28 -7.05 31.87
N LYS C 372 26.37 -6.49 31.36
CA LYS C 372 26.28 -5.61 30.19
C LYS C 372 25.74 -6.37 28.98
N ALA C 373 26.24 -7.59 28.75
CA ALA C 373 25.78 -8.37 27.61
C ALA C 373 24.30 -8.71 27.74
N ILE C 374 23.87 -9.13 28.93
CA ILE C 374 22.47 -9.48 29.14
C ILE C 374 21.58 -8.27 28.93
N ASP C 375 21.98 -7.12 29.48
CA ASP C 375 21.19 -5.90 29.31
C ASP C 375 21.10 -5.51 27.85
N GLY C 376 22.21 -5.61 27.11
CA GLY C 376 22.18 -5.26 25.70
C GLY C 376 21.26 -6.14 24.90
N VAL C 377 21.34 -7.46 25.12
CA VAL C 377 20.50 -8.39 24.37
C VAL C 377 19.02 -8.16 24.69
N THR C 378 18.71 -8.00 25.99
CA THR C 378 17.32 -7.77 26.38
C THR C 378 16.80 -6.46 25.81
N ASN C 379 17.63 -5.41 25.82
CA ASN C 379 17.22 -4.13 25.27
C ASN C 379 16.96 -4.24 23.78
N LYS C 380 17.81 -4.96 23.05
CA LYS C 380 17.59 -5.14 21.62
C LYS C 380 16.28 -5.86 21.35
N VAL C 381 16.03 -6.94 22.07
CA VAL C 381 14.79 -7.69 21.85
C VAL C 381 13.57 -6.84 22.18
N ASN C 382 13.62 -6.11 23.30
CA ASN C 382 12.49 -5.28 23.70
C ASN C 382 12.25 -4.16 22.69
N SER C 383 13.33 -3.55 22.18
CA SER C 383 13.17 -2.50 21.20
C SER C 383 12.53 -3.04 19.92
N ILE C 384 13.00 -4.19 19.45
CA ILE C 384 12.43 -4.78 18.24
C ILE C 384 10.95 -5.07 18.44
N ILE C 385 10.59 -5.60 19.61
CA ILE C 385 9.18 -5.95 19.84
C ILE C 385 8.32 -4.69 19.96
N ASP C 386 8.81 -3.67 20.67
CA ASP C 386 7.97 -2.55 21.07
C ASP C 386 8.02 -1.37 20.11
N LYS C 387 8.88 -1.39 19.09
CA LYS C 387 8.91 -0.28 18.15
C LYS C 387 7.84 -0.37 17.07
N MET C 388 6.82 -1.21 17.27
CA MET C 388 5.76 -1.40 16.29
C MET C 388 4.49 -0.71 16.76
N ASN C 389 3.86 0.03 15.86
CA ASN C 389 2.63 0.77 16.16
C ASN C 389 1.44 0.05 15.54
N THR C 390 0.38 -0.11 16.31
CA THR C 390 -0.82 -0.80 15.87
C THR C 390 -2.05 0.07 16.12
N GLN C 391 -3.07 -0.13 15.28
CA GLN C 391 -4.30 0.63 15.37
C GLN C 391 -5.47 -0.25 14.97
N PHE C 392 -6.66 0.15 15.39
CA PHE C 392 -7.87 -0.62 15.11
C PHE C 392 -8.14 -0.68 13.60
N GLU C 393 -8.43 -1.88 13.11
CA GLU C 393 -8.73 -2.10 11.71
C GLU C 393 -9.79 -3.18 11.57
N ALA C 394 -10.51 -3.13 10.45
CA ALA C 394 -11.51 -4.13 10.12
C ALA C 394 -11.32 -4.58 8.67
N VAL C 395 -11.26 -5.88 8.46
CA VAL C 395 -11.00 -6.46 7.15
C VAL C 395 -12.15 -7.40 6.80
N GLY C 396 -12.67 -7.26 5.58
CA GLY C 396 -13.75 -8.13 5.13
C GLY C 396 -14.01 -7.90 3.65
N ARG C 397 -14.89 -8.74 3.11
CA ARG C 397 -15.29 -8.66 1.71
C ARG C 397 -16.70 -8.09 1.65
N GLU C 398 -16.85 -6.92 1.03
CA GLU C 398 -18.10 -6.18 1.01
C GLU C 398 -18.40 -5.68 -0.40
N PHE C 399 -18.28 -6.56 -1.39
CA PHE C 399 -18.55 -6.18 -2.77
C PHE C 399 -19.33 -7.29 -3.46
N ASN C 400 -20.27 -6.89 -4.31
CA ASN C 400 -21.19 -7.81 -4.96
C ASN C 400 -20.61 -8.31 -6.29
N ASN C 401 -21.45 -8.96 -7.09
CA ASN C 401 -20.99 -9.54 -8.34
C ASN C 401 -20.49 -8.49 -9.31
N LEU C 402 -21.19 -7.35 -9.40
CA LEU C 402 -20.91 -6.33 -10.40
C LEU C 402 -19.90 -5.29 -9.92
N GLU C 403 -19.01 -5.65 -9.00
CA GLU C 403 -18.01 -4.73 -8.48
C GLU C 403 -16.67 -5.45 -8.35
N ARG C 404 -16.31 -6.23 -9.38
CA ARG C 404 -15.11 -7.06 -9.30
C ARG C 404 -13.83 -6.24 -9.35
N ARG C 405 -13.86 -5.09 -10.03
CA ARG C 405 -12.64 -4.29 -10.17
C ARG C 405 -12.13 -3.78 -8.83
N ILE C 406 -13.03 -3.30 -7.98
CA ILE C 406 -12.63 -2.81 -6.67
C ILE C 406 -12.11 -3.95 -5.81
N GLU C 407 -12.73 -5.13 -5.93
CA GLU C 407 -12.24 -6.30 -5.21
C GLU C 407 -10.83 -6.66 -5.64
N ASN C 408 -10.56 -6.59 -6.94
CA ASN C 408 -9.21 -6.86 -7.44
C ASN C 408 -8.22 -5.83 -6.91
N LEU C 409 -8.64 -4.57 -6.84
CA LEU C 409 -7.78 -3.52 -6.28
C LEU C 409 -7.45 -3.82 -4.81
N ASN C 410 -8.46 -4.23 -4.04
CA ASN C 410 -8.21 -4.58 -2.64
C ASN C 410 -7.28 -5.77 -2.51
N LYS C 411 -7.42 -6.74 -3.42
CA LYS C 411 -6.51 -7.88 -3.42
C LYS C 411 -5.08 -7.44 -3.69
N LYS C 412 -4.90 -6.49 -4.62
CA LYS C 412 -3.56 -5.93 -4.85
C LYS C 412 -3.01 -5.28 -3.59
N MET C 413 -3.83 -4.47 -2.92
CA MET C 413 -3.47 -3.91 -1.62
C MET C 413 -2.89 -4.97 -0.70
N GLU C 414 -3.69 -6.00 -0.43
CA GLU C 414 -3.31 -6.99 0.59
C GLU C 414 -2.05 -7.75 0.18
N ASP C 415 -1.95 -8.15 -1.09
CA ASP C 415 -0.78 -8.90 -1.53
C ASP C 415 0.49 -8.06 -1.41
N GLY C 416 0.43 -6.80 -1.84
CA GLY C 416 1.61 -5.95 -1.73
C GLY C 416 2.05 -5.76 -0.29
N PHE C 417 1.10 -5.48 0.60
CA PHE C 417 1.47 -5.28 2.00
C PHE C 417 2.07 -6.55 2.60
N LEU C 418 1.48 -7.71 2.27
CA LEU C 418 2.00 -8.97 2.79
C LEU C 418 3.44 -9.20 2.34
N ASP C 419 3.72 -8.98 1.05
CA ASP C 419 5.07 -9.19 0.56
C ASP C 419 6.06 -8.25 1.24
N VAL C 420 5.68 -6.97 1.39
CA VAL C 420 6.59 -6.00 2.02
C VAL C 420 6.93 -6.44 3.43
N TRP C 421 5.91 -6.78 4.23
CA TRP C 421 6.15 -7.15 5.62
C TRP C 421 6.99 -8.41 5.72
N THR C 422 6.71 -9.41 4.88
CA THR C 422 7.48 -10.65 4.92
C THR C 422 8.95 -10.39 4.66
N TYR C 423 9.25 -9.65 3.58
CA TYR C 423 10.64 -9.39 3.24
C TYR C 423 11.35 -8.63 4.36
N ASN C 424 10.71 -7.58 4.88
CA ASN C 424 11.35 -6.77 5.91
C ASN C 424 11.67 -7.60 7.15
N ALA C 425 10.69 -8.40 7.61
CA ALA C 425 10.91 -9.20 8.81
C ALA C 425 12.04 -10.19 8.62
N GLU C 426 12.01 -10.92 7.49
CA GLU C 426 13.03 -11.95 7.27
C GLU C 426 14.43 -11.34 7.23
N LEU C 427 14.59 -10.25 6.48
CA LEU C 427 15.92 -9.65 6.38
C LEU C 427 16.39 -9.11 7.72
N LEU C 428 15.49 -8.48 8.48
CA LEU C 428 15.87 -7.94 9.78
C LEU C 428 16.37 -9.03 10.72
N VAL C 429 15.63 -10.15 10.77
CA VAL C 429 16.05 -11.24 11.66
C VAL C 429 17.39 -11.80 11.22
N LEU C 430 17.55 -12.03 9.92
CA LEU C 430 18.79 -12.62 9.41
C LEU C 430 19.99 -11.74 9.74
N MET C 431 19.84 -10.42 9.61
CA MET C 431 20.93 -9.53 9.95
C MET C 431 21.23 -9.51 11.44
N GLU C 432 20.17 -9.41 12.26
CA GLU C 432 20.39 -9.21 13.70
C GLU C 432 21.04 -10.42 14.35
N ASN C 433 20.75 -11.63 13.85
CA ASN C 433 21.40 -12.81 14.43
C ASN C 433 22.92 -12.71 14.31
N GLU C 434 23.41 -12.40 13.11
CA GLU C 434 24.85 -12.28 12.90
C GLU C 434 25.42 -11.13 13.70
N ARG C 435 24.68 -10.02 13.80
CA ARG C 435 25.15 -8.91 14.63
C ARG C 435 25.38 -9.34 16.07
N THR C 436 24.42 -10.07 16.64
CA THR C 436 24.56 -10.55 18.01
C THR C 436 25.77 -11.47 18.16
N LEU C 437 25.96 -12.37 17.19
CA LEU C 437 27.08 -13.30 17.29
C LEU C 437 28.42 -12.57 17.28
N ASP C 438 28.60 -11.61 16.36
CA ASP C 438 29.89 -10.92 16.34
C ASP C 438 30.05 -10.03 17.58
N PHE C 439 28.94 -9.53 18.13
CA PHE C 439 29.03 -8.78 19.38
C PHE C 439 29.56 -9.64 20.51
N HIS C 440 29.06 -10.88 20.61
CA HIS C 440 29.57 -11.79 21.63
C HIS C 440 31.05 -12.08 21.43
N ASP C 441 31.46 -12.32 20.19
CA ASP C 441 32.88 -12.57 19.92
C ASP C 441 33.73 -11.37 20.31
N SER C 442 33.27 -10.16 19.99
CA SER C 442 34.02 -8.97 20.37
C SER C 442 34.13 -8.84 21.87
N ASN C 443 33.06 -9.16 22.60
CA ASN C 443 33.11 -9.08 24.06
C ASN C 443 34.14 -10.04 24.64
N VAL C 444 34.15 -11.29 24.17
CA VAL C 444 35.10 -12.25 24.75
C VAL C 444 36.54 -11.87 24.39
N LYS C 445 36.76 -11.37 23.17
CA LYS C 445 38.11 -10.92 22.82
C LYS C 445 38.52 -9.71 23.65
N ASN C 446 37.59 -8.80 23.93
CA ASN C 446 37.88 -7.66 24.79
C ASN C 446 38.28 -8.11 26.19
N LEU C 447 37.59 -9.11 26.72
CA LEU C 447 38.02 -9.68 28.01
C LEU C 447 39.44 -10.24 27.90
N TYR C 448 39.73 -10.95 26.80
CA TYR C 448 41.03 -11.60 26.67
C TYR C 448 42.18 -10.59 26.63
N ASP C 449 42.01 -9.49 25.91
CA ASP C 449 43.12 -8.53 25.93
C ASP C 449 43.04 -7.59 27.14
N LYS C 450 41.92 -7.59 27.87
CA LYS C 450 41.87 -6.88 29.14
C LYS C 450 42.75 -7.58 30.16
N VAL C 451 42.63 -8.91 30.28
CA VAL C 451 43.54 -9.61 31.18
C VAL C 451 44.98 -9.52 30.66
N ARG C 452 45.15 -9.39 29.35
CA ARG C 452 46.46 -9.12 28.77
C ARG C 452 46.91 -7.71 29.14
N LEU C 453 48.14 -7.37 28.75
CA LEU C 453 48.72 -6.03 28.90
C LEU C 453 48.86 -5.60 30.36
N GLN C 454 48.49 -6.48 31.28
CA GLN C 454 48.61 -6.21 32.71
C GLN C 454 49.62 -7.10 33.40
N LEU C 455 49.62 -8.41 33.11
CA LEU C 455 50.56 -9.33 33.73
C LEU C 455 51.98 -9.14 33.18
N ARG C 456 52.10 -8.68 31.94
CA ARG C 456 53.38 -8.42 31.29
C ARG C 456 54.17 -9.69 31.04
N ASP C 457 55.45 -9.69 31.44
CA ASP C 457 56.40 -10.75 31.08
C ASP C 457 56.48 -11.83 32.15
N ASN C 458 55.73 -11.71 33.25
CA ASN C 458 55.81 -12.69 34.32
C ASN C 458 55.33 -14.08 33.88
N ALA C 459 54.60 -14.17 32.77
CA ALA C 459 54.12 -15.44 32.25
C ALA C 459 54.26 -15.45 30.74
N LYS C 460 53.86 -16.57 30.13
CA LYS C 460 53.88 -16.72 28.69
C LYS C 460 52.54 -17.25 28.22
N GLU C 461 52.14 -16.85 27.01
CA GLU C 461 50.87 -17.26 26.43
C GLU C 461 51.10 -18.50 25.57
N LEU C 462 50.42 -19.59 25.91
CA LEU C 462 50.55 -20.83 25.16
C LEU C 462 49.91 -20.75 23.77
N GLY C 463 49.13 -19.71 23.50
CA GLY C 463 48.44 -19.59 22.23
C GLY C 463 47.09 -20.27 22.19
N ASN C 464 46.70 -20.99 23.24
CA ASN C 464 45.41 -21.64 23.33
C ASN C 464 44.44 -20.87 24.21
N GLY C 465 44.74 -19.62 24.52
CA GLY C 465 43.91 -18.83 25.41
C GLY C 465 44.29 -18.91 26.87
N CYS C 466 45.44 -19.47 27.20
CA CYS C 466 45.89 -19.62 28.58
C CYS C 466 47.28 -19.04 28.76
N PHE C 467 47.59 -18.70 30.01
CA PHE C 467 48.90 -18.17 30.38
C PHE C 467 49.48 -19.02 31.50
N GLU C 468 50.75 -19.40 31.35
CA GLU C 468 51.46 -20.20 32.34
C GLU C 468 52.40 -19.27 33.12
N PHE C 469 52.09 -19.04 34.39
CA PHE C 469 52.91 -18.16 35.20
C PHE C 469 54.27 -18.80 35.49
N TYR C 470 55.34 -18.03 35.24
CA TYR C 470 56.67 -18.51 35.58
C TYR C 470 56.84 -18.62 37.09
N HIS C 471 56.34 -17.63 37.83
CA HIS C 471 56.45 -17.61 39.28
C HIS C 471 55.23 -18.30 39.87
N LYS C 472 55.05 -18.17 41.19
CA LYS C 472 53.90 -18.75 41.89
C LYS C 472 52.96 -17.61 42.29
N CYS C 473 51.72 -17.69 41.82
CA CYS C 473 50.69 -16.71 42.13
C CYS C 473 49.67 -17.36 43.06
N ASP C 474 49.51 -16.78 44.25
CA ASP C 474 48.65 -17.35 45.27
C ASP C 474 47.18 -17.13 44.91
N ASN C 475 46.30 -17.78 45.69
CA ASN C 475 44.86 -17.59 45.49
C ASN C 475 44.47 -16.13 45.68
N GLU C 476 45.05 -15.47 46.68
CA GLU C 476 44.85 -14.03 46.81
C GLU C 476 45.42 -13.28 45.62
N CYS C 477 46.59 -13.71 45.13
CA CYS C 477 47.18 -13.09 43.95
C CYS C 477 46.29 -13.26 42.73
N MET C 478 45.73 -14.47 42.54
CA MET C 478 44.82 -14.69 41.42
C MET C 478 43.53 -13.90 41.57
N GLU C 479 43.01 -13.79 42.78
CA GLU C 479 41.82 -12.96 43.01
C GLU C 479 42.10 -11.51 42.70
N SER C 480 43.29 -11.02 43.07
CA SER C 480 43.68 -9.65 42.74
C SER C 480 43.80 -9.47 41.23
N VAL C 481 44.33 -10.48 40.53
CA VAL C 481 44.40 -10.43 39.07
C VAL C 481 43.00 -10.32 38.49
N ARG C 482 42.06 -11.10 39.01
CA ARG C 482 40.68 -10.99 38.56
C ARG C 482 40.10 -9.61 38.86
N ASN C 483 40.46 -9.05 40.02
CA ASN C 483 39.99 -7.71 40.38
C ASN C 483 40.57 -6.63 39.48
N GLY C 484 41.68 -6.91 38.81
CA GLY C 484 42.34 -5.93 37.96
C GLY C 484 43.52 -5.22 38.59
N THR C 485 43.95 -5.63 39.78
CA THR C 485 45.08 -5.04 40.48
C THR C 485 46.13 -6.12 40.68
N TYR C 486 47.29 -5.94 40.05
CA TYR C 486 48.37 -6.92 40.12
C TYR C 486 49.69 -6.21 40.30
N ASP C 487 50.55 -6.79 41.12
CA ASP C 487 51.88 -6.23 41.41
C ASP C 487 52.91 -7.00 40.58
N TYR C 488 53.45 -6.35 39.55
CA TYR C 488 54.42 -6.97 38.66
C TYR C 488 55.82 -7.03 39.28
N PRO C 489 56.33 -5.94 39.88
CA PRO C 489 57.67 -6.04 40.51
C PRO C 489 57.73 -7.01 41.67
N GLN C 490 56.58 -7.39 42.25
CA GLN C 490 56.60 -8.31 43.38
C GLN C 490 57.18 -9.66 42.99
N TYR C 491 56.81 -10.18 41.82
CA TYR C 491 57.31 -11.45 41.33
C TYR C 491 58.22 -11.29 40.12
N SER C 492 58.68 -10.07 39.83
CA SER C 492 59.51 -9.85 38.65
C SER C 492 60.82 -10.63 38.76
N GLU C 493 61.47 -10.57 39.92
CA GLU C 493 62.73 -11.29 40.09
C GLU C 493 62.52 -12.80 40.07
N GLU C 494 61.43 -13.28 40.67
CA GLU C 494 61.14 -14.71 40.64
C GLU C 494 60.94 -15.20 39.22
N ALA C 495 60.20 -14.44 38.42
CA ALA C 495 60.04 -14.79 37.01
C ALA C 495 61.39 -14.72 36.27
N ARG C 496 62.22 -13.72 36.61
CA ARG C 496 63.49 -13.55 35.90
C ARG C 496 64.42 -14.74 36.12
N LEU C 497 64.64 -15.11 37.39
CA LEU C 497 65.46 -16.31 37.62
C LEU C 497 64.75 -17.60 37.24
N LYS C 498 63.41 -17.58 37.14
CA LYS C 498 62.74 -18.76 36.62
C LYS C 498 63.06 -19.00 35.15
N ARG C 499 63.16 -17.93 34.37
CA ARG C 499 63.45 -18.04 32.96
C ARG C 499 64.82 -18.68 32.74
N GLU C 500 64.83 -19.83 32.06
CA GLU C 500 66.07 -20.56 31.76
C GLU C 500 66.88 -20.85 33.03
C1 NAG D . -21.78 23.97 -36.85
C2 NAG D . -22.38 22.76 -37.56
C3 NAG D . -21.29 22.01 -38.34
C4 NAG D . -20.47 22.98 -39.21
C5 NAG D . -19.99 24.17 -38.40
C6 NAG D . -19.32 25.23 -39.23
C7 NAG D . -23.76 20.82 -36.95
C8 NAG D . -24.33 20.01 -35.84
N2 NAG D . -23.00 21.86 -36.61
O3 NAG D . -21.88 21.02 -39.17
O4 NAG D . -19.34 22.30 -39.77
O5 NAG D . -21.12 24.79 -37.78
O6 NAG D . -20.27 25.89 -40.07
O7 NAG D . -23.97 20.53 -38.14
C1 NAG D . -19.43 22.48 -41.20
C2 NAG D . -18.05 22.29 -41.85
C3 NAG D . -18.16 22.41 -43.37
C4 NAG D . -19.24 21.47 -43.91
C5 NAG D . -20.56 21.68 -43.15
C6 NAG D . -21.62 20.69 -43.54
C7 NAG D . -16.09 22.97 -40.51
C8 NAG D . -15.22 24.11 -40.09
N2 NAG D . -17.11 23.28 -41.34
O3 NAG D . -16.92 22.10 -43.96
O4 NAG D . -19.46 21.73 -45.29
O5 NAG D . -20.33 21.50 -41.74
O6 NAG D . -21.99 19.87 -42.43
O7 NAG D . -15.89 21.82 -40.14
C1 NAG E . 16.12 8.98 28.43
C2 NAG E . 16.20 8.15 29.68
C3 NAG E . 14.85 8.18 30.39
C4 NAG E . 14.30 9.60 30.56
C5 NAG E . 14.54 10.51 29.34
C6 NAG E . 14.43 11.97 29.67
C7 NAG E . 17.07 5.95 30.32
C8 NAG E . 17.41 4.57 29.86
N2 NAG E . 16.59 6.78 29.39
O3 NAG E . 14.97 7.57 31.67
O4 NAG E . 12.89 9.50 30.70
O5 NAG E . 15.84 10.31 28.77
O6 NAG E . 13.73 12.69 28.67
O7 NAG E . 17.23 6.31 31.48
C1 NAG E . 12.35 10.13 31.87
C2 NAG E . 10.98 10.69 31.50
C3 NAG E . 10.31 11.30 32.74
C4 NAG E . 10.29 10.31 33.88
C5 NAG E . 11.69 9.78 34.15
C6 NAG E . 11.72 8.71 35.21
C7 NAG E . 10.37 11.58 29.29
C8 NAG E . 10.57 12.67 28.30
N2 NAG E . 11.06 11.67 30.43
O3 NAG E . 8.98 11.69 32.40
O4 NAG E . 9.78 10.93 35.06
O5 NAG E . 12.23 9.21 32.95
O6 NAG E . 12.47 7.58 34.77
O7 NAG E . 9.60 10.64 29.08
C1 NAG F . -32.59 12.36 -50.15
C2 NAG F . -32.45 12.91 -48.73
C3 NAG F . -31.57 12.00 -47.89
C4 NAG F . -32.08 10.56 -47.94
C5 NAG F . -32.25 10.12 -49.39
C6 NAG F . -32.89 8.75 -49.52
C7 NAG F . -32.69 15.36 -48.74
C8 NAG F . -31.97 16.67 -48.76
N2 NAG F . -31.91 14.27 -48.75
O1 NAG F . -33.44 13.18 -50.88
O3 NAG F . -31.55 12.46 -46.54
O4 NAG F . -31.15 9.71 -47.29
O5 NAG F . -33.10 11.03 -50.09
O6 NAG F . -32.35 8.04 -50.63
O7 NAG F . -33.91 15.29 -48.71
C1 GAL F . -31.86 9.07 -46.22
C2 GAL F . -31.00 7.93 -45.68
C3 GAL F . -31.71 7.23 -44.50
C4 GAL F . -32.00 8.27 -43.42
C5 GAL F . -32.77 9.45 -44.03
C6 GAL F . -32.97 10.62 -43.07
O2 GAL F . -30.74 6.97 -46.69
O3 GAL F . -30.91 6.20 -43.89
O4 GAL F . -30.80 8.74 -42.85
O5 GAL F . -32.09 10.01 -45.18
O6 GAL F . -34.14 11.36 -43.39
C1 NAG G . -54.49 -24.81 -9.36
C2 NAG G . -53.65 -24.26 -10.52
C3 NAG G . -52.49 -23.44 -9.99
C4 NAG G . -52.99 -22.36 -9.04
C5 NAG G . -53.87 -22.98 -7.95
C6 NAG G . -54.52 -21.96 -7.05
C7 NAG G . -53.78 -25.74 -12.49
C8 NAG G . -53.14 -26.87 -13.23
N2 NAG G . -53.16 -25.35 -11.36
O1 NAG G . -55.57 -25.52 -9.87
O3 NAG G . -51.81 -22.84 -11.08
O4 NAG G . -51.88 -21.72 -8.43
O5 NAG G . -54.94 -23.73 -8.55
O6 NAG G . -54.65 -22.45 -5.72
O7 NAG G . -54.82 -25.19 -12.88
C1 GAL G . -52.19 -20.38 -7.93
C2 GAL G . -51.43 -20.19 -6.60
C3 GAL G . -51.32 -18.69 -6.26
C4 GAL G . -50.64 -17.95 -7.41
C5 GAL G . -51.36 -18.26 -8.72
C6 GAL G . -50.67 -17.71 -9.96
O2 GAL G . -52.07 -20.86 -5.54
O3 GAL G . -50.55 -18.43 -5.07
O4 GAL G . -49.28 -18.36 -7.51
O5 GAL G . -51.49 -19.68 -8.96
O6 GAL G . -51.58 -17.47 -11.01
C1 SIA G . -49.67 -17.93 -2.77
C2 SIA G . -50.82 -17.67 -3.82
C3 SIA G . -52.22 -17.59 -3.23
C4 SIA G . -52.41 -16.40 -2.30
C5 SIA G . -52.07 -15.10 -3.03
C6 SIA G . -50.72 -15.19 -3.79
C7 SIA G . -50.66 -14.08 -4.87
C8 SIA G . -49.41 -14.24 -5.78
C9 SIA G . -49.17 -12.97 -6.58
C10 SIA G . -52.63 -12.80 -2.22
C11 SIA G . -52.39 -11.81 -1.08
N5 SIA G . -51.99 -13.99 -2.08
O1A SIA G . -50.07 -18.58 -1.77
O1B SIA G . -48.53 -17.49 -3.03
O4 SIA G . -53.76 -16.27 -1.82
O6 SIA G . -50.57 -16.40 -4.52
O7 SIA G . -51.86 -14.10 -5.62
O8 SIA G . -48.27 -14.60 -4.99
O9 SIA G . -48.04 -13.15 -7.44
O10 SIA G . -53.36 -12.50 -3.17
C1 NAG H . -50.83 33.76 2.57
C2 NAG H . -50.77 32.25 2.80
C3 NAG H . -49.44 31.69 2.29
C4 NAG H . -49.21 32.10 0.83
C5 NAG H . -49.35 33.61 0.70
C6 NAG H . -49.28 34.08 -0.75
C7 NAG H . -52.14 31.60 4.74
C8 NAG H . -52.13 31.31 6.21
N2 NAG H . -50.95 31.92 4.21
O1 NAG H . -52.06 34.24 2.99
O3 NAG H . -49.46 30.27 2.39
O4 NAG H . -47.90 31.72 0.44
O5 NAG H . -50.63 34.04 1.19
O6 NAG H . -48.68 35.37 -0.84
O7 NAG H . -53.15 31.54 4.07
C1 GAL H . -47.33 31.41 -0.78
C2 GAL H . -45.86 31.70 -1.17
C3 GAL H . -45.50 31.01 -2.50
C4 GAL H . -45.77 29.51 -2.37
C5 GAL H . -47.20 29.27 -1.88
C6 GAL H . -47.52 27.81 -1.56
O2 GAL H . -45.64 33.09 -1.29
O3 GAL H . -44.12 31.16 -2.87
O4 GAL H . -44.86 28.93 -1.44
O5 GAL H . -47.50 30.01 -0.67
O6 GAL H . -48.90 27.55 -1.73
C1 SIA H . -41.98 32.17 -3.55
C2 SIA H . -43.48 31.86 -3.94
C3 SIA H . -44.17 32.98 -4.74
C4 SIA H . -43.53 33.21 -6.11
C5 SIA H . -43.56 31.91 -6.91
C6 SIA H . -43.03 30.70 -6.10
C7 SIA H . -43.53 29.38 -6.74
C8 SIA H . -43.14 28.14 -5.91
C9 SIA H . -43.29 26.87 -6.74
C10 SIA H . -43.15 31.72 -9.38
C11 SIA H . -42.11 31.97 -10.46
N5 SIA H . -42.75 32.05 -8.12
O1A SIA H . -41.77 33.40 -3.39
O1B SIA H . -41.19 31.21 -3.44
O4 SIA H . -44.23 34.19 -6.88
O6 SIA H . -43.53 30.66 -4.77
O7 SIA H . -44.93 29.47 -6.95
O8 SIA H . -41.82 28.28 -5.40
O9 SIA H . -43.05 25.73 -5.92
O10 SIA H . -44.25 31.27 -9.65
C1 NAG I . -35.83 -26.25 -18.64
C2 NAG I . -36.98 -25.85 -17.70
C3 NAG I . -37.01 -26.73 -16.45
C4 NAG I . -37.08 -28.19 -16.85
C5 NAG I . -35.88 -28.53 -17.72
C6 NAG I . -35.87 -29.97 -18.19
C7 NAG I . -37.95 -23.72 -16.97
C8 NAG I . -37.69 -22.28 -16.60
N2 NAG I . -36.89 -24.44 -17.33
O3 NAG I . -38.14 -26.40 -15.66
O4 NAG I . -37.11 -29.02 -15.69
O5 NAG I . -35.89 -27.69 -18.89
O6 NAG I . -36.89 -30.73 -17.55
O7 NAG I . -39.07 -24.19 -16.94
C1 NAG J . 42.64 -8.36 -17.54
C2 NAG J . 42.75 -8.11 -19.05
C3 NAG J . 42.13 -9.27 -19.83
C4 NAG J . 42.75 -10.59 -19.40
C5 NAG J . 42.58 -10.76 -17.89
C6 NAG J . 43.24 -12.01 -17.36
C7 NAG J . 42.80 -5.76 -19.76
C8 NAG J . 41.98 -4.56 -20.11
N2 NAG J . 42.11 -6.85 -19.40
O3 NAG J . 42.34 -9.07 -21.22
O4 NAG J . 42.12 -11.67 -20.07
O5 NAG J . 43.20 -9.65 -17.23
O6 NAG J . 44.39 -12.34 -18.11
O7 NAG J . 44.02 -5.74 -19.82
C1 NAG K . 31.51 7.94 -9.22
C2 NAG K . 31.79 9.45 -9.22
C3 NAG K . 30.91 10.17 -10.23
C4 NAG K . 31.10 9.57 -11.61
C5 NAG K . 30.73 8.09 -11.54
C6 NAG K . 30.89 7.36 -12.85
C7 NAG K . 32.35 11.11 -7.50
C8 NAG K . 32.10 11.59 -6.10
N2 NAG K . 31.66 10.04 -7.90
O3 NAG K . 31.25 11.55 -10.27
O4 NAG K . 30.30 10.24 -12.57
O5 NAG K . 31.57 7.43 -10.59
O6 NAG K . 32.15 7.61 -13.47
O7 NAG K . 33.16 11.66 -8.24
C1 NAG L . 14.92 -18.52 -19.24
C2 NAG L . 14.83 -19.43 -20.48
C3 NAG L . 15.64 -20.70 -20.25
C4 NAG L . 17.08 -20.34 -19.91
C5 NAG L . 17.10 -19.39 -18.72
C6 NAG L . 18.48 -18.89 -18.36
C7 NAG L . 12.92 -19.58 -22.02
C8 NAG L . 11.48 -19.96 -22.17
N2 NAG L . 13.44 -19.75 -20.79
O3 NAG L . 15.60 -21.51 -21.42
O4 NAG L . 17.81 -21.51 -19.59
O5 NAG L . 16.30 -18.22 -18.98
O6 NAG L . 19.26 -18.62 -19.53
O7 NAG L . 13.59 -19.15 -22.95
C1 NAG M . 29.62 25.55 25.92
C2 NAG M . 28.76 26.72 26.37
C3 NAG M . 28.68 27.77 25.27
C4 NAG M . 30.08 28.20 24.85
C5 NAG M . 30.88 26.97 24.43
C6 NAG M . 32.31 27.28 24.06
C7 NAG M . 26.99 26.17 28.00
C8 NAG M . 25.59 25.68 28.18
N2 NAG M . 27.42 26.27 26.73
O3 NAG M . 27.95 28.91 25.74
O4 NAG M . 30.01 29.10 23.75
O5 NAG M . 30.92 26.04 25.52
O6 NAG M . 32.70 28.57 24.52
O7 NAG M . 27.71 26.47 28.96
C1 NAG N . 11.97 27.57 3.76
C2 NAG N . 12.80 28.20 2.63
C3 NAG N . 13.86 29.12 3.20
C4 NAG N . 13.20 30.19 4.07
C5 NAG N . 12.38 29.51 5.17
C6 NAG N . 11.59 30.50 6.00
C7 NAG N . 13.70 27.43 0.48
C8 NAG N . 14.35 26.30 -0.28
N2 NAG N . 13.42 27.20 1.76
O3 NAG N . 14.61 29.73 2.15
O4 NAG N . 14.19 31.02 4.66
O5 NAG N . 11.42 28.60 4.59
O6 NAG N . 11.41 30.04 7.33
O7 NAG N . 13.44 28.50 -0.06
C1 NAG O . -43.23 17.63 13.35
C2 NAG O . -43.12 18.85 12.44
C3 NAG O . -42.31 19.95 13.11
C4 NAG O . -42.87 20.27 14.48
C5 NAG O . -42.98 18.99 15.32
C6 NAG O . -43.65 19.22 16.65
C7 NAG O . -42.80 19.11 10.02
C8 NAG O . -42.08 18.61 8.81
N2 NAG O . -42.52 18.48 11.17
O3 NAG O . -42.31 21.12 12.30
O4 NAG O . -42.03 21.20 15.17
O5 NAG O . -43.76 18.03 14.61
O6 NAG O . -44.60 20.26 16.56
O7 NAG O . -43.59 20.04 9.97
C1 NAG P . 19.24 -26.90 8.06
C2 NAG P . 19.39 -27.76 6.82
C3 NAG P . 18.02 -28.25 6.32
C4 NAG P . 17.25 -28.93 7.44
C5 NAG P . 17.16 -28.00 8.65
C6 NAG P . 16.50 -28.64 9.84
C7 NAG P . 21.13 -27.56 5.10
C8 NAG P . 21.73 -26.68 4.05
N2 NAG P . 20.08 -27.05 5.76
O3 NAG P . 18.20 -29.15 5.24
O4 NAG P . 15.94 -29.28 7.01
O5 NAG P . 18.47 -27.60 9.05
O6 NAG P . 17.02 -29.94 10.08
O7 NAG P . 21.58 -28.67 5.35
C1 NAG Q . -3.86 -13.34 27.94
C2 NAG Q . -4.84 -13.64 29.07
C3 NAG Q . -4.29 -13.14 30.41
C4 NAG Q . -2.89 -13.69 30.64
C5 NAG Q . -1.99 -13.38 29.46
C6 NAG Q . -0.61 -13.97 29.57
C7 NAG Q . -6.41 -11.78 28.63
C8 NAG Q . -7.84 -11.42 28.39
N2 NAG Q . -6.16 -13.08 28.82
O3 NAG Q . -5.16 -13.53 31.47
O4 NAG Q . -2.34 -13.11 31.83
O5 NAG Q . -2.57 -13.91 28.25
O6 NAG Q . 0.18 -13.66 28.43
O7 NAG Q . -5.53 -10.93 28.65
C1 SIA R . -29.46 3.92 -43.86
C2 SIA R . -30.90 4.56 -44.08
C3 SIA R . -31.78 3.81 -45.09
C4 SIA R . -32.15 2.40 -44.62
C5 SIA R . -32.85 2.47 -43.26
C6 SIA R . -32.08 3.35 -42.25
C7 SIA R . -33.02 3.78 -41.10
C8 SIA R . -32.34 4.75 -40.12
C9 SIA R . -33.09 4.79 -38.79
C10 SIA R . -34.12 0.59 -42.20
C11 SIA R . -33.99 -0.84 -41.68
N5 SIA R . -32.97 1.13 -42.71
O1A SIA R . -29.04 3.32 -44.88
O1B SIA R . -28.92 4.08 -42.74
O4 SIA R . -33.04 1.74 -45.53
O6 SIA R . -31.63 4.58 -42.81
O7 SIA R . -34.21 4.33 -41.65
O8 SIA R . -30.97 4.39 -39.95
O9 SIA R . -32.50 5.77 -37.93
O10 SIA R . -35.20 1.18 -42.17
#